data_6SMW
#
_entry.id   6SMW
#
_cell.length_a   114.899
_cell.length_b   130.288
_cell.length_c   150.777
_cell.angle_alpha   90.000
_cell.angle_beta   90.000
_cell.angle_gamma   90.000
#
_symmetry.space_group_name_H-M   'P 21 21 21'
#
loop_
_entity.id
_entity.type
_entity.pdbx_description
1 polymer 'Serine hydroxymethyltransferase 2, mitochondrial'
2 non-polymer [3-HYDROXY-2-METHYL-5-PHOSPHONOOXYMETHYL-PYRIDIN-4-YLMETHYL]-SERINE
3 non-polymer 1,2-ETHANEDIOL
4 non-polymer '2-{4-[2-(2-AMINO-4-OXO-4,7-DIHYDRO-3H-PYRROLO[2,3-D]PYRIMIDIN-5-YL)-ETHYL]-BENZOYLAMINO}-PENTANEDIOIC ACID'
5 non-polymer SERINE
6 non-polymer "PYRIDOXAL-5'-PHOSPHATE"
7 water water
#
_entity_poly.entity_id   1
_entity_poly.type   'polypeptide(L)'
_entity_poly.pdbx_seq_one_letter_code
;SNAEKSRSSWIKQLNASLDEIDPEVADIIELEKARQWKGFELIPSENFTSLSVMQAVGSVMTNKYSEGYPGARYYGGNEY
IDMAETLCQKRALEAFQLDPSKWGVNVQSLSGSPANFQVYTALLKPHERIMALDLPHGGHLSHGYQTDTKKISAVSIFFE
TMPYRLDENTGYIDYDQLEKSAVLFRPKLIVAGASAYARLYDYARIRKVCNKQKAVMLADMAHISGLVAAGVIPSPFEYA
DVVTTTTHKSLRGPRGAMIFFRKGLKEINKQGKEVMYDYEDRINQAVFPGLQGGPHNHTITGLAVALKQARTPEYKAYQD
QVLRNCSKFAETLLAKGYDLVSGGTDNHLVLVNLKNKGIDGSRVEKVLELVHIAANKNTVPGDVSAMVPGGIRMGTPALT
SRGFIEEDFAKVAEYFDLAVKIALKIKAESQGTKLKDFVATMQSNEKLQSEMSKLREMVEEYAKQFPTIGFEKETMRYKE
;
_entity_poly.pdbx_strand_id   A,B,C,D
#
# COMPACT_ATOMS: atom_id res chain seq x y z
N SER A 6 -25.77 35.16 35.31
CA SER A 6 -26.06 35.48 33.91
C SER A 6 -26.86 34.36 33.25
N ARG A 7 -27.35 33.43 34.07
CA ARG A 7 -28.10 32.28 33.58
C ARG A 7 -29.28 32.71 32.73
N SER A 8 -30.16 33.54 33.31
CA SER A 8 -31.41 33.91 32.65
C SER A 8 -31.17 34.50 31.27
N SER A 9 -30.00 35.10 31.05
CA SER A 9 -29.73 35.76 29.79
C SER A 9 -29.42 34.75 28.69
N TRP A 10 -28.50 33.80 28.94
CA TRP A 10 -28.19 32.84 27.88
C TRP A 10 -29.27 31.78 27.72
N ILE A 11 -30.11 31.57 28.75
CA ILE A 11 -31.20 30.61 28.58
C ILE A 11 -32.28 31.18 27.67
N LYS A 12 -32.58 32.49 27.78
CA LYS A 12 -33.47 33.12 26.81
C LYS A 12 -32.88 33.05 25.40
N GLN A 13 -31.56 33.25 25.27
CA GLN A 13 -30.90 33.10 23.97
C GLN A 13 -31.16 31.73 23.37
N LEU A 14 -31.13 30.69 24.20
CA LEU A 14 -31.24 29.33 23.73
C LEU A 14 -32.67 28.95 23.34
N ASN A 15 -33.66 29.67 23.84
CA ASN A 15 -35.05 29.34 23.59
C ASN A 15 -35.74 30.29 22.64
N ALA A 16 -35.06 31.34 22.18
CA ALA A 16 -35.67 32.30 21.28
C ALA A 16 -35.73 31.75 19.86
N SER A 17 -36.65 32.30 19.07
CA SER A 17 -36.83 31.86 17.70
C SER A 17 -35.67 32.35 16.82
N LEU A 18 -35.52 31.69 15.67
CA LEU A 18 -34.52 32.10 14.70
C LEU A 18 -34.75 33.55 14.24
N ASP A 19 -36.02 33.92 14.04
CA ASP A 19 -36.35 35.29 13.62
C ASP A 19 -35.79 36.32 14.60
N GLU A 20 -35.85 36.01 15.91
CA GLU A 20 -35.37 36.95 16.92
C GLU A 20 -33.86 36.92 17.04
N ILE A 21 -33.27 35.71 17.04
CA ILE A 21 -31.85 35.58 17.34
C ILE A 21 -30.98 35.99 16.17
N ASP A 22 -31.37 35.63 14.95
CA ASP A 22 -30.47 35.71 13.80
C ASP A 22 -31.28 36.13 12.57
N PRO A 23 -31.64 37.42 12.49
CA PRO A 23 -32.44 37.87 11.35
C PRO A 23 -31.74 37.69 10.02
N GLU A 24 -30.41 37.77 9.99
CA GLU A 24 -29.72 37.59 8.70
C GLU A 24 -29.91 36.17 8.17
N VAL A 25 -29.79 35.17 9.04
CA VAL A 25 -30.01 33.79 8.61
C VAL A 25 -31.47 33.57 8.28
N ALA A 26 -32.38 34.08 9.10
CA ALA A 26 -33.80 33.96 8.81
C ALA A 26 -34.11 34.51 7.43
N ASP A 27 -33.49 35.65 7.10
CA ASP A 27 -33.71 36.28 5.79
C ASP A 27 -33.22 35.38 4.66
N ILE A 28 -32.04 34.78 4.82
CA ILE A 28 -31.50 33.88 3.80
C ILE A 28 -32.46 32.71 3.56
N ILE A 29 -33.00 32.13 4.64
CA ILE A 29 -33.91 31.00 4.47
C ILE A 29 -35.17 31.45 3.74
N GLU A 30 -35.69 32.63 4.09
CA GLU A 30 -36.87 33.14 3.40
C GLU A 30 -36.59 33.39 1.91
N LEU A 31 -35.38 33.86 1.58
CA LEU A 31 -35.03 34.02 0.17
C LEU A 31 -34.97 32.67 -0.54
N GLU A 32 -34.46 31.66 0.15
CA GLU A 32 -34.38 30.32 -0.45
C GLU A 32 -35.77 29.72 -0.61
N LYS A 33 -36.67 29.95 0.36
CA LYS A 33 -38.06 29.54 0.19
C LYS A 33 -38.66 30.14 -1.07
N ALA A 34 -38.46 31.43 -1.28
CA ALA A 34 -39.02 32.08 -2.47
C ALA A 34 -38.38 31.53 -3.73
N ARG A 35 -37.07 31.21 -3.67
CA ARG A 35 -36.41 30.63 -4.85
C ARG A 35 -37.00 29.28 -5.20
N GLN A 36 -37.31 28.46 -4.18
CA GLN A 36 -37.91 27.15 -4.42
C GLN A 36 -39.34 27.26 -4.92
N TRP A 37 -40.00 28.39 -4.64
CA TRP A 37 -41.34 28.65 -5.13
C TRP A 37 -41.33 29.09 -6.60
N LYS A 38 -40.39 29.96 -6.96
CA LYS A 38 -40.42 30.69 -8.23
C LYS A 38 -39.67 30.02 -9.37
N GLY A 39 -38.91 28.95 -9.15
CA GLY A 39 -38.02 28.43 -10.14
C GLY A 39 -38.42 27.07 -10.70
N PHE A 40 -37.79 26.72 -11.82
CA PHE A 40 -37.81 25.34 -12.33
C PHE A 40 -36.62 24.62 -11.73
N GLU A 41 -36.86 23.79 -10.72
CA GLU A 41 -35.79 23.04 -10.07
C GLU A 41 -35.63 21.71 -10.81
N LEU A 42 -34.65 21.64 -11.72
CA LEU A 42 -34.49 20.52 -12.63
C LEU A 42 -33.33 19.61 -12.31
N ILE A 43 -32.54 19.90 -11.27
CA ILE A 43 -31.44 19.03 -10.90
C ILE A 43 -32.03 17.70 -10.44
N PRO A 44 -31.71 16.57 -11.10
CA PRO A 44 -32.49 15.35 -10.86
C PRO A 44 -32.18 14.67 -9.55
N SER A 45 -31.13 15.09 -8.85
CA SER A 45 -30.80 14.64 -7.52
C SER A 45 -31.44 15.48 -6.42
N GLU A 46 -32.23 16.48 -6.79
CA GLU A 46 -32.90 17.31 -5.80
C GLU A 46 -34.36 16.93 -5.67
N ASN A 47 -34.91 17.20 -4.49
CA ASN A 47 -36.32 17.00 -4.23
C ASN A 47 -36.75 18.04 -3.21
N PHE A 48 -38.02 18.00 -2.85
CA PHE A 48 -38.56 18.83 -1.78
C PHE A 48 -39.10 17.88 -0.72
N THR A 49 -38.45 17.84 0.45
CA THR A 49 -38.89 16.90 1.46
C THR A 49 -40.04 17.49 2.28
N SER A 50 -40.72 16.62 3.03
CA SER A 50 -41.93 17.00 3.73
C SER A 50 -41.64 17.84 4.97
N LEU A 51 -42.66 18.59 5.40
CA LEU A 51 -42.59 19.29 6.67
C LEU A 51 -42.33 18.32 7.83
N SER A 52 -42.98 17.15 7.80
CA SER A 52 -42.81 16.22 8.92
C SER A 52 -41.37 15.72 9.03
N VAL A 53 -40.71 15.47 7.90
CA VAL A 53 -39.29 15.12 7.93
C VAL A 53 -38.48 16.27 8.54
N MET A 54 -38.75 17.49 8.09
CA MET A 54 -37.95 18.63 8.58
C MET A 54 -38.16 18.86 10.07
N GLN A 55 -39.39 18.64 10.56
CA GLN A 55 -39.63 18.83 11.99
C GLN A 55 -38.86 17.81 12.82
N ALA A 56 -38.70 16.59 12.32
CA ALA A 56 -37.91 15.59 13.03
C ALA A 56 -36.42 15.92 12.96
N VAL A 57 -35.94 16.34 11.78
CA VAL A 57 -34.54 16.70 11.63
C VAL A 57 -34.21 17.92 12.47
N GLY A 58 -35.17 18.84 12.64
CA GLY A 58 -34.98 20.00 13.48
C GLY A 58 -35.43 19.80 14.92
N SER A 59 -35.24 18.61 15.49
CA SER A 59 -35.74 18.29 16.83
C SER A 59 -34.58 18.05 17.80
N VAL A 60 -34.93 17.84 19.08
CA VAL A 60 -33.92 17.66 20.12
C VAL A 60 -33.25 16.30 20.03
N MET A 61 -33.62 15.46 19.05
CA MET A 61 -32.86 14.23 18.83
C MET A 61 -31.40 14.53 18.50
N THR A 62 -31.11 15.74 18.05
CA THR A 62 -29.74 16.16 17.75
C THR A 62 -28.83 16.17 18.98
N ASN A 63 -29.38 16.23 20.20
CA ASN A 63 -28.55 16.44 21.37
C ASN A 63 -27.85 15.18 21.89
N LYS A 64 -28.18 14.00 21.40
CA LYS A 64 -27.75 12.75 22.01
C LYS A 64 -26.50 12.16 21.35
N TYR A 65 -25.54 11.71 22.16
CA TYR A 65 -24.47 10.83 21.70
C TYR A 65 -24.90 9.38 21.89
N SER A 66 -24.81 8.59 20.82
CA SER A 66 -25.31 7.21 20.87
C SER A 66 -24.45 6.26 20.06
N GLU A 67 -23.12 6.36 20.20
CA GLU A 67 -22.22 5.46 19.49
C GLU A 67 -22.57 4.00 19.76
N GLY A 68 -22.43 3.18 18.73
CA GLY A 68 -22.84 1.79 18.80
C GLY A 68 -24.14 1.56 18.04
N TYR A 69 -24.88 0.54 18.42
CA TYR A 69 -26.11 0.14 17.75
C TYR A 69 -27.19 -0.10 18.79
N PRO A 70 -28.46 -0.13 18.38
CA PRO A 70 -29.54 -0.23 19.37
C PRO A 70 -29.38 -1.46 20.25
N GLY A 71 -29.58 -1.26 21.56
CA GLY A 71 -29.35 -2.31 22.54
C GLY A 71 -27.90 -2.71 22.72
N ALA A 72 -26.98 -2.03 22.05
CA ALA A 72 -25.55 -2.29 22.17
C ALA A 72 -24.80 -0.96 22.08
N ARG A 73 -25.20 -0.01 22.93
CA ARG A 73 -24.55 1.29 22.98
C ARG A 73 -23.39 1.26 23.96
N TYR A 74 -22.52 2.26 23.85
N TYR A 74 -22.56 2.30 23.87
CA TYR A 74 -21.36 2.27 24.73
CA TYR A 74 -21.50 2.54 24.84
C TYR A 74 -21.57 3.06 26.00
C TYR A 74 -21.88 3.54 25.92
N TYR A 75 -22.70 3.75 26.13
N TYR A 75 -22.80 4.47 25.63
CA TYR A 75 -23.04 4.50 27.33
CA TYR A 75 -23.26 5.45 26.60
C TYR A 75 -24.55 4.69 27.36
C TYR A 75 -24.69 5.14 27.04
N GLY A 76 -25.03 5.54 28.27
CA GLY A 76 -26.40 5.50 28.71
C GLY A 76 -27.26 6.60 28.09
N GLY A 77 -28.54 6.58 28.47
CA GLY A 77 -29.50 7.58 28.07
C GLY A 77 -30.16 7.35 26.74
N ASN A 78 -29.95 6.20 26.11
CA ASN A 78 -30.33 6.02 24.72
C ASN A 78 -31.63 5.24 24.52
N GLU A 79 -32.47 5.16 25.55
CA GLU A 79 -33.72 4.39 25.44
C GLU A 79 -34.55 4.83 24.25
N TYR A 80 -34.72 6.14 24.07
CA TYR A 80 -35.59 6.62 23.01
C TYR A 80 -34.86 6.79 21.68
N ILE A 81 -33.58 7.10 21.71
CA ILE A 81 -32.79 7.04 20.49
C ILE A 81 -32.80 5.63 19.91
N ASP A 82 -32.77 4.62 20.79
CA ASP A 82 -32.86 3.23 20.33
C ASP A 82 -34.20 2.96 19.64
N MET A 83 -35.29 3.49 20.19
CA MET A 83 -36.59 3.33 19.53
C MET A 83 -36.55 3.88 18.12
N ALA A 84 -35.95 5.07 17.95
CA ALA A 84 -35.95 5.72 16.65
C ALA A 84 -35.10 4.95 15.64
N GLU A 85 -33.89 4.54 16.04
CA GLU A 85 -33.03 3.84 15.09
C GLU A 85 -33.61 2.47 14.74
N THR A 86 -34.13 1.74 15.74
CA THR A 86 -34.76 0.46 15.46
C THR A 86 -35.97 0.62 14.54
N LEU A 87 -36.80 1.65 14.79
CA LEU A 87 -37.93 1.91 13.92
C LEU A 87 -37.48 2.26 12.51
N CYS A 88 -36.39 3.04 12.40
CA CYS A 88 -35.88 3.41 11.08
C CYS A 88 -35.41 2.19 10.31
N GLN A 89 -34.68 1.29 10.98
CA GLN A 89 -34.25 0.04 10.34
C GLN A 89 -35.45 -0.77 9.87
N LYS A 90 -36.47 -0.90 10.73
CA LYS A 90 -37.64 -1.69 10.38
C LYS A 90 -38.32 -1.11 9.15
N ARG A 91 -38.51 0.21 9.15
CA ARG A 91 -39.17 0.86 8.02
C ARG A 91 -38.31 0.83 6.77
N ALA A 92 -36.98 0.85 6.92
CA ALA A 92 -36.12 0.77 5.74
C ALA A 92 -36.32 -0.55 5.01
N LEU A 93 -36.30 -1.67 5.74
CA LEU A 93 -36.54 -2.97 5.12
C LEU A 93 -37.94 -3.04 4.53
N GLU A 94 -38.93 -2.49 5.24
CA GLU A 94 -40.32 -2.52 4.74
C GLU A 94 -40.49 -1.70 3.47
N ALA A 95 -39.80 -0.56 3.38
CA ALA A 95 -39.95 0.30 2.21
C ALA A 95 -39.49 -0.38 0.93
N PHE A 96 -38.61 -1.38 1.04
CA PHE A 96 -38.10 -2.08 -0.13
C PHE A 96 -38.56 -3.53 -0.15
N GLN A 97 -39.55 -3.88 0.69
CA GLN A 97 -40.17 -5.21 0.75
C GLN A 97 -39.13 -6.29 0.96
N LEU A 98 -38.22 -6.07 1.91
CA LEU A 98 -37.12 -6.98 2.16
C LEU A 98 -37.42 -7.89 3.35
N ASP A 99 -37.09 -9.16 3.18
CA ASP A 99 -37.18 -10.16 4.25
C ASP A 99 -36.08 -9.91 5.27
N PRO A 100 -36.42 -9.58 6.53
CA PRO A 100 -35.37 -9.26 7.50
C PRO A 100 -34.46 -10.42 7.85
N SER A 101 -34.84 -11.66 7.52
CA SER A 101 -33.91 -12.76 7.69
C SER A 101 -32.91 -12.87 6.54
N LYS A 102 -33.15 -12.16 5.44
CA LYS A 102 -32.26 -12.18 4.28
C LYS A 102 -31.52 -10.87 4.07
N TRP A 103 -32.01 -9.75 4.63
CA TRP A 103 -31.41 -8.44 4.47
C TRP A 103 -31.29 -7.74 5.82
N GLY A 104 -30.16 -7.07 6.02
CA GLY A 104 -29.99 -6.14 7.11
C GLY A 104 -29.72 -4.75 6.57
N VAL A 105 -29.70 -3.77 7.47
CA VAL A 105 -29.52 -2.38 7.05
C VAL A 105 -28.78 -1.61 8.14
N ASN A 106 -27.94 -0.69 7.70
CA ASN A 106 -27.30 0.32 8.54
C ASN A 106 -27.84 1.68 8.11
N VAL A 107 -28.39 2.43 9.08
CA VAL A 107 -29.00 3.72 8.77
C VAL A 107 -28.17 4.89 9.29
N GLN A 108 -26.93 4.65 9.72
CA GLN A 108 -26.12 5.70 10.34
C GLN A 108 -25.19 6.44 9.39
N SER A 109 -24.97 5.94 8.18
N SER A 109 -24.96 5.93 8.17
CA SER A 109 -24.02 6.60 7.27
CA SER A 109 -24.08 6.60 7.22
C SER A 109 -24.50 8.00 6.93
C SER A 109 -24.54 8.03 7.00
N LEU A 110 -23.59 8.97 7.05
CA LEU A 110 -23.98 10.38 7.04
C LEU A 110 -24.44 10.87 5.67
N SER A 111 -23.98 10.26 4.59
CA SER A 111 -24.37 10.70 3.25
C SER A 111 -23.91 9.64 2.25
N GLY A 112 -24.23 9.85 0.97
CA GLY A 112 -23.98 8.81 -0.01
C GLY A 112 -22.51 8.53 -0.26
N SER A 113 -21.70 9.58 -0.34
CA SER A 113 -20.28 9.37 -0.62
C SER A 113 -19.58 8.59 0.50
N PRO A 114 -19.70 8.96 1.78
CA PRO A 114 -19.07 8.11 2.80
C PRO A 114 -19.71 6.74 2.92
N ALA A 115 -21.00 6.58 2.60
CA ALA A 115 -21.60 5.25 2.63
C ALA A 115 -20.87 4.28 1.71
N ASN A 116 -20.60 4.71 0.47
CA ASN A 116 -19.85 3.85 -0.44
C ASN A 116 -18.45 3.58 0.08
N PHE A 117 -17.77 4.60 0.61
CA PHE A 117 -16.43 4.40 1.13
C PHE A 117 -16.44 3.41 2.29
N GLN A 118 -17.51 3.44 3.10
CA GLN A 118 -17.62 2.50 4.21
C GLN A 118 -17.80 1.07 3.72
N VAL A 119 -18.54 0.88 2.62
CA VAL A 119 -18.66 -0.46 2.04
C VAL A 119 -17.29 -0.94 1.55
N TYR A 120 -16.55 -0.08 0.85
CA TYR A 120 -15.24 -0.52 0.37
C TYR A 120 -14.34 -0.87 1.55
N THR A 121 -14.36 -0.04 2.61
CA THR A 121 -13.51 -0.29 3.76
C THR A 121 -13.89 -1.59 4.45
N ALA A 122 -15.19 -1.90 4.47
CA ALA A 122 -15.68 -3.12 5.09
C ALA A 122 -15.21 -4.36 4.35
N LEU A 123 -15.27 -4.33 3.02
CA LEU A 123 -15.16 -5.55 2.23
C LEU A 123 -13.87 -5.70 1.46
N LEU A 124 -13.09 -4.63 1.31
CA LEU A 124 -11.87 -4.64 0.51
C LEU A 124 -10.69 -4.17 1.35
N LYS A 125 -9.55 -4.80 1.16
CA LYS A 125 -8.31 -4.27 1.73
C LYS A 125 -7.87 -3.06 0.93
N PRO A 126 -7.05 -2.18 1.51
CA PRO A 126 -6.50 -1.06 0.72
C PRO A 126 -5.88 -1.58 -0.58
N HIS A 127 -6.08 -0.81 -1.66
CA HIS A 127 -5.57 -1.06 -2.99
C HIS A 127 -6.21 -2.25 -3.69
N GLU A 128 -7.29 -2.81 -3.16
CA GLU A 128 -8.01 -3.83 -3.92
C GLU A 128 -8.93 -3.16 -4.95
N ARG A 129 -9.40 -3.97 -5.89
CA ARG A 129 -9.88 -3.47 -7.18
C ARG A 129 -11.40 -3.30 -7.25
N ILE A 130 -11.83 -2.16 -7.79
CA ILE A 130 -13.23 -1.79 -7.95
C ILE A 130 -13.45 -1.38 -9.41
N MET A 131 -14.52 -1.89 -10.02
CA MET A 131 -14.98 -1.39 -11.31
C MET A 131 -16.30 -0.66 -11.14
N ALA A 132 -16.48 0.41 -11.92
CA ALA A 132 -17.68 1.22 -11.83
C ALA A 132 -17.84 2.00 -13.13
N LEU A 133 -19.02 2.56 -13.33
CA LEU A 133 -19.27 3.35 -14.53
C LEU A 133 -18.39 4.60 -14.54
N ASP A 134 -17.73 4.85 -15.67
CA ASP A 134 -16.82 5.98 -15.81
C ASP A 134 -17.55 7.29 -15.50
N LEU A 135 -16.88 8.17 -14.74
CA LEU A 135 -17.51 9.45 -14.42
C LEU A 135 -17.97 10.23 -15.66
N PRO A 136 -17.16 10.41 -16.70
CA PRO A 136 -17.66 11.13 -17.90
C PRO A 136 -18.78 10.40 -18.61
N HIS A 137 -19.05 9.14 -18.29
CA HIS A 137 -20.16 8.41 -18.88
C HIS A 137 -21.34 8.28 -17.94
N GLY A 138 -21.37 9.06 -16.86
CA GLY A 138 -22.52 9.11 -15.99
C GLY A 138 -22.33 8.51 -14.61
N GLY A 139 -21.11 8.12 -14.26
CA GLY A 139 -20.83 7.56 -12.95
C GLY A 139 -20.76 8.63 -11.89
N HIS A 140 -20.26 8.21 -10.72
CA HIS A 140 -20.19 9.08 -9.57
C HIS A 140 -18.80 9.04 -8.96
N LEU A 141 -18.39 10.18 -8.41
CA LEU A 141 -17.05 10.30 -7.82
C LEU A 141 -16.80 9.25 -6.75
N SER A 142 -17.82 8.90 -5.96
CA SER A 142 -17.60 7.96 -4.87
C SER A 142 -17.42 6.52 -5.36
N HIS A 143 -17.44 6.30 -6.67
CA HIS A 143 -17.08 5.01 -7.22
C HIS A 143 -15.65 4.99 -7.75
N GLY A 144 -14.95 6.11 -7.64
CA GLY A 144 -13.60 6.25 -8.15
C GLY A 144 -13.56 7.19 -9.34
N TYR A 145 -12.46 7.93 -9.46
CA TYR A 145 -12.20 8.76 -10.62
C TYR A 145 -10.78 9.29 -10.57
N GLN A 146 -10.04 9.12 -11.65
CA GLN A 146 -8.71 9.70 -11.76
C GLN A 146 -8.48 10.11 -13.20
N THR A 147 -7.64 11.11 -13.37
CA THR A 147 -7.17 11.52 -14.68
C THR A 147 -5.76 10.98 -14.87
N ASP A 148 -5.15 11.28 -16.02
CA ASP A 148 -3.78 10.84 -16.24
C ASP A 148 -2.83 11.47 -15.23
N THR A 149 -3.21 12.62 -14.67
CA THR A 149 -2.32 13.40 -13.84
C THR A 149 -2.70 13.42 -12.36
N LYS A 150 -3.92 13.01 -12.00
CA LYS A 150 -4.33 13.22 -10.62
C LYS A 150 -5.47 12.27 -10.25
N LYS A 151 -5.38 11.72 -9.05
CA LYS A 151 -6.50 10.98 -8.47
C LYS A 151 -7.46 11.99 -7.85
N ILE A 152 -8.69 12.02 -8.37
CA ILE A 152 -9.65 13.07 -8.01
C ILE A 152 -10.51 12.63 -6.84
N SER A 153 -11.11 11.45 -6.96
CA SER A 153 -11.80 10.84 -5.84
C SER A 153 -10.81 10.13 -4.93
N ALA A 154 -11.01 10.26 -3.61
CA ALA A 154 -10.18 9.52 -2.67
C ALA A 154 -10.40 8.02 -2.77
N VAL A 155 -11.52 7.59 -3.36
CA VAL A 155 -11.69 6.16 -3.62
C VAL A 155 -10.55 5.63 -4.48
N SER A 156 -10.06 6.46 -5.42
CA SER A 156 -8.98 6.03 -6.30
C SER A 156 -7.61 6.16 -5.65
N ILE A 157 -7.53 6.86 -4.52
CA ILE A 157 -6.30 6.89 -3.74
C ILE A 157 -6.16 5.61 -2.91
N PHE A 158 -7.23 5.24 -2.21
CA PHE A 158 -7.13 4.14 -1.26
C PHE A 158 -7.46 2.78 -1.87
N PHE A 159 -8.11 2.77 -3.03
CA PHE A 159 -8.43 1.54 -3.74
C PHE A 159 -8.01 1.69 -5.20
N GLU A 160 -7.98 0.56 -5.91
CA GLU A 160 -7.55 0.55 -7.31
C GLU A 160 -8.78 0.46 -8.20
N THR A 161 -9.09 1.55 -8.90
CA THR A 161 -10.33 1.64 -9.64
C THR A 161 -10.08 1.57 -11.15
N MET A 162 -11.05 1.03 -11.87
CA MET A 162 -11.01 1.03 -13.33
C MET A 162 -12.44 1.17 -13.83
N PRO A 163 -12.69 2.01 -14.83
CA PRO A 163 -14.06 2.24 -15.28
C PRO A 163 -14.53 1.20 -16.28
N TYR A 164 -15.85 1.04 -16.35
CA TYR A 164 -16.49 0.52 -17.55
C TYR A 164 -17.27 1.64 -18.21
N ARG A 165 -17.56 1.48 -19.50
CA ARG A 165 -18.02 2.59 -20.31
C ARG A 165 -19.29 2.25 -21.07
N LEU A 166 -19.94 3.31 -21.56
CA LEU A 166 -21.05 3.17 -22.48
C LEU A 166 -20.56 2.75 -23.85
N ASP A 167 -21.44 2.07 -24.59
CA ASP A 167 -21.34 2.01 -26.04
C ASP A 167 -21.61 3.41 -26.57
N GLU A 168 -20.59 4.07 -27.11
CA GLU A 168 -20.80 5.46 -27.48
C GLU A 168 -21.72 5.61 -28.69
N ASN A 169 -22.01 4.53 -29.42
CA ASN A 169 -23.02 4.59 -30.46
C ASN A 169 -24.43 4.61 -29.89
N THR A 170 -24.69 3.82 -28.85
CA THR A 170 -26.05 3.65 -28.35
C THR A 170 -26.34 4.41 -27.07
N GLY A 171 -25.32 4.77 -26.30
CA GLY A 171 -25.53 5.43 -25.02
C GLY A 171 -25.95 4.50 -23.91
N TYR A 172 -26.02 3.20 -24.15
CA TYR A 172 -26.23 2.20 -23.12
C TYR A 172 -24.89 1.64 -22.66
N ILE A 173 -24.85 1.14 -21.41
CA ILE A 173 -23.66 0.48 -20.91
C ILE A 173 -23.30 -0.68 -21.83
N ASP A 174 -22.00 -0.79 -22.17
CA ASP A 174 -21.49 -1.89 -22.99
C ASP A 174 -21.19 -3.06 -22.07
N TYR A 175 -22.20 -3.92 -21.85
CA TYR A 175 -22.02 -5.00 -20.90
C TYR A 175 -21.01 -6.04 -21.39
N ASP A 176 -20.92 -6.25 -22.71
CA ASP A 176 -19.92 -7.18 -23.22
C ASP A 176 -18.51 -6.72 -22.87
N GLN A 177 -18.23 -5.43 -23.04
CA GLN A 177 -16.90 -4.93 -22.71
C GLN A 177 -16.67 -4.92 -21.20
N LEU A 178 -17.70 -4.62 -20.41
CA LEU A 178 -17.59 -4.72 -18.95
C LEU A 178 -17.13 -6.12 -18.56
N GLU A 179 -17.77 -7.14 -19.13
CA GLU A 179 -17.43 -8.51 -18.80
C GLU A 179 -16.01 -8.87 -19.23
N LYS A 180 -15.63 -8.49 -20.46
CA LYS A 180 -14.27 -8.78 -20.92
C LYS A 180 -13.22 -8.04 -20.09
N SER A 181 -13.50 -6.77 -19.76
CA SER A 181 -12.58 -6.01 -18.91
C SER A 181 -12.40 -6.67 -17.56
N ALA A 182 -13.49 -7.17 -16.98
CA ALA A 182 -13.42 -7.76 -15.66
C ALA A 182 -12.59 -9.04 -15.64
N VAL A 183 -12.55 -9.79 -16.75
CA VAL A 183 -11.70 -10.97 -16.78
C VAL A 183 -10.25 -10.57 -16.57
N LEU A 184 -9.83 -9.46 -17.20
CA LEU A 184 -8.44 -9.03 -17.16
C LEU A 184 -8.10 -8.31 -15.86
N PHE A 185 -9.03 -7.49 -15.37
CA PHE A 185 -8.79 -6.63 -14.21
C PHE A 185 -9.05 -7.33 -12.89
N ARG A 186 -9.90 -8.36 -12.86
CA ARG A 186 -10.19 -9.13 -11.65
C ARG A 186 -10.69 -8.22 -10.52
N PRO A 187 -11.79 -7.49 -10.72
CA PRO A 187 -12.31 -6.66 -9.64
C PRO A 187 -12.77 -7.53 -8.47
N LYS A 188 -12.58 -6.99 -7.27
CA LYS A 188 -13.18 -7.57 -6.07
C LYS A 188 -14.58 -7.06 -5.81
N LEU A 189 -14.97 -5.96 -6.44
CA LEU A 189 -16.27 -5.37 -6.26
C LEU A 189 -16.61 -4.62 -7.55
N ILE A 190 -17.87 -4.75 -7.98
CA ILE A 190 -18.36 -4.02 -9.16
C ILE A 190 -19.56 -3.20 -8.72
N VAL A 191 -19.56 -1.92 -9.07
CA VAL A 191 -20.66 -1.02 -8.73
C VAL A 191 -21.63 -0.97 -9.90
N ALA A 192 -22.92 -1.14 -9.60
CA ALA A 192 -24.03 -0.98 -10.55
C ALA A 192 -24.85 0.22 -10.07
N GLY A 193 -24.56 1.39 -10.59
CA GLY A 193 -25.29 2.59 -10.18
C GLY A 193 -24.68 3.83 -10.80
N ALA A 194 -25.47 4.89 -10.93
CA ALA A 194 -25.03 6.00 -11.75
C ALA A 194 -25.71 7.28 -11.33
N SER A 195 -25.14 8.40 -11.78
N SER A 195 -25.15 8.39 -11.78
CA SER A 195 -25.69 9.72 -11.51
CA SER A 195 -25.70 9.71 -11.51
C SER A 195 -26.35 10.35 -12.73
C SER A 195 -26.31 10.38 -12.72
N ALA A 196 -25.97 9.95 -13.94
CA ALA A 196 -26.49 10.58 -15.14
C ALA A 196 -26.78 9.57 -16.24
N TYR A 197 -27.05 8.33 -15.85
CA TYR A 197 -27.48 7.29 -16.77
C TYR A 197 -28.99 7.32 -16.86
N ALA A 198 -29.53 7.40 -18.07
CA ALA A 198 -30.95 7.58 -18.27
C ALA A 198 -31.68 6.26 -18.48
N ARG A 199 -31.01 5.13 -18.36
CA ARG A 199 -31.63 3.84 -18.66
C ARG A 199 -31.57 2.93 -17.42
N LEU A 200 -32.36 1.87 -17.47
CA LEU A 200 -32.38 0.90 -16.39
C LEU A 200 -31.15 -0.01 -16.48
N TYR A 201 -30.60 -0.36 -15.32
CA TYR A 201 -29.45 -1.24 -15.26
C TYR A 201 -29.85 -2.69 -15.56
N ASP A 202 -28.98 -3.39 -16.28
CA ASP A 202 -29.13 -4.84 -16.44
C ASP A 202 -28.48 -5.50 -15.23
N TYR A 203 -29.20 -5.49 -14.11
CA TYR A 203 -28.66 -6.07 -12.88
C TYR A 203 -28.39 -7.55 -13.03
N ALA A 204 -29.21 -8.26 -13.82
CA ALA A 204 -28.97 -9.70 -14.00
C ALA A 204 -27.62 -9.94 -14.66
N ARG A 205 -27.26 -9.12 -15.65
CA ARG A 205 -25.97 -9.28 -16.32
C ARG A 205 -24.81 -8.95 -15.39
N ILE A 206 -24.95 -7.88 -14.59
CA ILE A 206 -23.90 -7.57 -13.62
C ILE A 206 -23.73 -8.71 -12.63
N ARG A 207 -24.85 -9.30 -12.20
CA ARG A 207 -24.79 -10.43 -11.28
C ARG A 207 -24.00 -11.59 -11.88
N LYS A 208 -24.22 -11.88 -13.15
CA LYS A 208 -23.51 -12.97 -13.81
C LYS A 208 -22.01 -12.69 -13.86
N VAL A 209 -21.64 -11.44 -14.14
CA VAL A 209 -20.23 -11.08 -14.15
C VAL A 209 -19.64 -11.17 -12.75
N CYS A 210 -20.35 -10.65 -11.75
CA CYS A 210 -19.86 -10.73 -10.37
C CYS A 210 -19.71 -12.18 -9.93
N ASN A 211 -20.63 -13.05 -10.33
CA ASN A 211 -20.52 -14.45 -9.96
C ASN A 211 -19.26 -15.07 -10.57
N LYS A 212 -19.02 -14.81 -11.85
CA LYS A 212 -17.85 -15.38 -12.50
C LYS A 212 -16.56 -14.86 -11.88
N GLN A 213 -16.54 -13.59 -11.48
CA GLN A 213 -15.35 -12.97 -10.92
C GLN A 213 -15.23 -13.14 -9.41
N LYS A 214 -16.21 -13.75 -8.76
CA LYS A 214 -16.29 -13.81 -7.29
C LYS A 214 -16.13 -12.42 -6.70
N ALA A 215 -16.79 -11.45 -7.33
CA ALA A 215 -16.79 -10.05 -6.91
C ALA A 215 -18.08 -9.70 -6.18
N VAL A 216 -17.96 -8.78 -5.22
CA VAL A 216 -19.15 -8.22 -4.57
C VAL A 216 -19.93 -7.39 -5.57
N MET A 217 -21.24 -7.60 -5.65
CA MET A 217 -22.11 -6.77 -6.47
C MET A 217 -22.72 -5.69 -5.57
N LEU A 218 -22.27 -4.45 -5.77
CA LEU A 218 -22.79 -3.29 -5.06
C LEU A 218 -23.70 -2.51 -6.01
N ALA A 219 -24.98 -2.41 -5.67
CA ALA A 219 -25.88 -1.51 -6.37
C ALA A 219 -25.91 -0.20 -5.61
N ASP A 220 -25.57 0.89 -6.27
CA ASP A 220 -25.71 2.23 -5.71
C ASP A 220 -26.95 2.84 -6.34
N MET A 221 -28.08 2.75 -5.64
CA MET A 221 -29.37 3.15 -6.19
C MET A 221 -29.79 4.55 -5.77
N ALA A 222 -28.84 5.39 -5.34
CA ALA A 222 -29.15 6.73 -4.83
C ALA A 222 -30.19 7.47 -5.67
N HIS A 223 -29.98 7.54 -6.99
CA HIS A 223 -30.88 8.34 -7.81
C HIS A 223 -32.27 7.72 -7.93
N ILE A 224 -32.37 6.40 -7.91
CA ILE A 224 -33.60 5.70 -8.27
C ILE A 224 -34.30 5.12 -7.05
N SER A 225 -33.81 5.40 -5.84
CA SER A 225 -34.28 4.66 -4.66
C SER A 225 -35.78 4.83 -4.45
N GLY A 226 -36.33 6.02 -4.69
CA GLY A 226 -37.75 6.21 -4.53
C GLY A 226 -38.56 5.46 -5.57
N LEU A 227 -38.06 5.44 -6.81
CA LEU A 227 -38.69 4.64 -7.84
C LEU A 227 -38.71 3.17 -7.45
N VAL A 228 -37.60 2.68 -6.88
CA VAL A 228 -37.53 1.28 -6.45
C VAL A 228 -38.50 1.02 -5.31
N ALA A 229 -38.53 1.91 -4.31
CA ALA A 229 -39.41 1.71 -3.17
C ALA A 229 -40.87 1.64 -3.58
N ALA A 230 -41.27 2.47 -4.55
CA ALA A 230 -42.64 2.47 -5.02
C ALA A 230 -42.94 1.31 -5.96
N GLY A 231 -41.92 0.60 -6.42
CA GLY A 231 -42.12 -0.55 -7.30
C GLY A 231 -42.39 -0.21 -8.74
N VAL A 232 -41.98 0.97 -9.22
CA VAL A 232 -42.29 1.39 -10.58
C VAL A 232 -41.14 1.11 -11.56
N ILE A 233 -39.98 0.71 -11.07
CA ILE A 233 -38.90 0.13 -11.88
C ILE A 233 -38.41 -1.13 -11.17
N PRO A 234 -37.72 -2.02 -11.89
CA PRO A 234 -37.20 -3.23 -11.24
C PRO A 234 -36.22 -2.90 -10.12
N SER A 235 -36.14 -3.82 -9.13
CA SER A 235 -35.40 -3.56 -7.91
C SER A 235 -34.00 -4.16 -7.98
N PRO A 236 -32.95 -3.41 -7.61
CA PRO A 236 -31.62 -4.02 -7.54
C PRO A 236 -31.50 -5.07 -6.46
N PHE A 237 -32.39 -5.09 -5.46
CA PHE A 237 -32.34 -6.09 -4.41
C PHE A 237 -32.61 -7.50 -4.94
N GLU A 238 -33.13 -7.64 -6.16
CA GLU A 238 -33.30 -8.97 -6.70
C GLU A 238 -31.95 -9.65 -6.99
N TYR A 239 -30.88 -8.88 -7.12
CA TYR A 239 -29.58 -9.40 -7.57
C TYR A 239 -28.41 -9.02 -6.67
N ALA A 240 -28.41 -7.82 -6.10
CA ALA A 240 -27.18 -7.30 -5.51
C ALA A 240 -26.86 -7.97 -4.17
N ASP A 241 -25.57 -7.94 -3.82
CA ASP A 241 -25.11 -8.35 -2.50
C ASP A 241 -25.29 -7.25 -1.47
N VAL A 242 -25.01 -6.01 -1.88
CA VAL A 242 -25.04 -4.83 -1.03
C VAL A 242 -25.71 -3.73 -1.84
N VAL A 243 -26.52 -2.91 -1.19
CA VAL A 243 -27.17 -1.79 -1.86
C VAL A 243 -26.95 -0.54 -1.02
N THR A 244 -26.34 0.47 -1.62
CA THR A 244 -26.25 1.76 -0.96
C THR A 244 -27.25 2.72 -1.57
N THR A 245 -27.63 3.73 -0.79
CA THR A 245 -28.51 4.77 -1.31
C THR A 245 -28.36 6.02 -0.46
N THR A 246 -28.55 7.16 -1.08
CA THR A 246 -28.86 8.36 -0.31
C THR A 246 -30.34 8.38 -0.01
N THR A 247 -30.73 9.27 0.88
CA THR A 247 -32.11 9.35 1.29
C THR A 247 -32.80 10.64 0.86
N HIS A 248 -32.07 11.55 0.19
CA HIS A 248 -32.59 12.89 -0.11
C HIS A 248 -32.93 13.11 -1.58
N LYS A 249 -32.74 12.11 -2.45
CA LYS A 249 -33.07 12.28 -3.85
C LYS A 249 -34.50 11.81 -4.12
N SER A 250 -34.70 10.86 -5.05
CA SER A 250 -36.06 10.41 -5.34
C SER A 250 -36.76 9.82 -4.13
N LEU A 251 -36.00 9.34 -3.12
CA LEU A 251 -36.65 8.83 -1.91
C LEU A 251 -37.45 9.91 -1.20
N ARG A 252 -37.04 11.17 -1.36
CA ARG A 252 -37.72 12.35 -0.83
C ARG A 252 -37.59 12.48 0.69
N GLY A 253 -36.46 12.04 1.24
CA GLY A 253 -36.23 12.12 2.66
C GLY A 253 -35.19 13.15 3.04
N PRO A 254 -34.64 13.03 4.25
CA PRO A 254 -33.60 13.96 4.70
C PRO A 254 -32.28 13.62 4.03
N ARG A 255 -31.29 14.50 4.23
CA ARG A 255 -29.96 14.23 3.70
C ARG A 255 -29.29 13.17 4.57
N GLY A 256 -28.99 12.03 3.97
CA GLY A 256 -28.44 10.90 4.71
C GLY A 256 -28.27 9.73 3.77
N ALA A 257 -28.12 8.54 4.34
CA ALA A 257 -27.82 7.38 3.51
C ALA A 257 -28.19 6.11 4.27
N MET A 258 -28.32 5.02 3.51
CA MET A 258 -28.51 3.69 4.07
C MET A 258 -27.63 2.70 3.33
N ILE A 259 -27.17 1.67 4.06
CA ILE A 259 -26.43 0.54 3.47
C ILE A 259 -27.23 -0.71 3.79
N PHE A 260 -27.70 -1.40 2.74
CA PHE A 260 -28.37 -2.69 2.87
C PHE A 260 -27.40 -3.81 2.47
N PHE A 261 -27.56 -4.98 3.08
CA PHE A 261 -26.65 -6.08 2.80
C PHE A 261 -27.35 -7.41 3.03
N ARG A 262 -26.97 -8.41 2.24
CA ARG A 262 -27.46 -9.76 2.47
C ARG A 262 -26.92 -10.31 3.80
N LYS A 263 -27.74 -11.12 4.44
CA LYS A 263 -27.36 -11.79 5.68
C LYS A 263 -27.99 -13.17 5.69
N GLY A 264 -27.54 -13.99 6.62
CA GLY A 264 -28.07 -15.33 6.72
C GLY A 264 -27.40 -16.30 5.76
N LEU A 265 -28.10 -17.39 5.49
CA LEU A 265 -27.56 -18.46 4.67
C LEU A 265 -27.33 -17.97 3.24
N LYS A 266 -26.12 -18.21 2.73
CA LYS A 266 -25.82 -17.95 1.32
C LYS A 266 -25.96 -19.19 0.47
N GLU A 267 -25.40 -20.31 0.94
CA GLU A 267 -25.34 -21.53 0.14
C GLU A 267 -24.87 -22.67 1.03
N ILE A 268 -25.01 -23.89 0.51
CA ILE A 268 -24.46 -25.09 1.13
C ILE A 268 -23.23 -25.49 0.33
N ASN A 269 -22.12 -25.75 1.01
CA ASN A 269 -20.90 -26.10 0.30
C ASN A 269 -20.92 -27.58 -0.09
N LYS A 270 -19.83 -28.03 -0.71
CA LYS A 270 -19.77 -29.39 -1.22
C LYS A 270 -19.73 -30.44 -0.12
N GLN A 271 -19.39 -30.06 1.11
CA GLN A 271 -19.37 -30.99 2.23
C GLN A 271 -20.65 -30.94 3.05
N GLY A 272 -21.69 -30.26 2.56
CA GLY A 272 -22.95 -30.18 3.27
C GLY A 272 -22.99 -29.16 4.38
N LYS A 273 -22.00 -28.26 4.46
CA LYS A 273 -21.93 -27.25 5.51
C LYS A 273 -22.56 -25.96 5.02
N GLU A 274 -23.34 -25.33 5.89
CA GLU A 274 -23.92 -24.04 5.56
C GLU A 274 -22.82 -22.99 5.45
N VAL A 275 -22.94 -22.15 4.42
CA VAL A 275 -22.06 -21.00 4.21
C VAL A 275 -22.91 -19.75 4.38
N MET A 276 -22.54 -18.92 5.36
CA MET A 276 -23.29 -17.70 5.67
C MET A 276 -22.70 -16.51 4.94
N TYR A 277 -23.57 -15.56 4.60
CA TYR A 277 -23.09 -14.26 4.15
C TYR A 277 -22.21 -13.63 5.22
N ASP A 278 -21.21 -12.87 4.76
CA ASP A 278 -20.22 -12.24 5.61
C ASP A 278 -20.12 -10.76 5.26
N TYR A 279 -21.25 -10.06 5.32
CA TYR A 279 -21.31 -8.63 5.06
C TYR A 279 -21.71 -7.81 6.28
N GLU A 280 -22.64 -8.32 7.08
CA GLU A 280 -23.28 -7.53 8.13
C GLU A 280 -22.28 -6.98 9.14
N ASP A 281 -21.51 -7.86 9.78
CA ASP A 281 -20.60 -7.39 10.82
C ASP A 281 -19.53 -6.49 10.25
N ARG A 282 -19.00 -6.84 9.07
N ARG A 282 -19.00 -6.84 9.07
CA ARG A 282 -17.93 -6.02 8.47
CA ARG A 282 -17.94 -6.03 8.47
C ARG A 282 -18.43 -4.63 8.12
C ARG A 282 -18.45 -4.63 8.14
N ILE A 283 -19.64 -4.53 7.55
CA ILE A 283 -20.19 -3.23 7.19
C ILE A 283 -20.53 -2.42 8.44
N ASN A 284 -21.21 -3.04 9.42
CA ASN A 284 -21.56 -2.28 10.62
C ASN A 284 -20.31 -1.80 11.35
N GLN A 285 -19.25 -2.61 11.36
CA GLN A 285 -18.04 -2.20 12.06
C GLN A 285 -17.25 -1.17 11.27
N ALA A 286 -17.36 -1.17 9.95
CA ALA A 286 -16.74 -0.10 9.15
C ALA A 286 -17.40 1.25 9.41
N VAL A 287 -18.73 1.26 9.55
CA VAL A 287 -19.41 2.51 9.88
C VAL A 287 -19.02 2.96 11.29
N PHE A 288 -19.16 2.06 12.28
CA PHE A 288 -18.69 2.39 13.61
C PHE A 288 -18.19 1.10 14.24
N PRO A 289 -16.97 1.07 14.80
CA PRO A 289 -16.07 2.20 15.09
C PRO A 289 -15.09 2.60 13.97
N GLY A 290 -15.24 2.02 12.78
CA GLY A 290 -14.25 2.24 11.74
C GLY A 290 -14.08 3.68 11.27
N LEU A 291 -15.17 4.30 10.83
CA LEU A 291 -15.08 5.57 10.11
C LEU A 291 -15.94 6.70 10.65
N GLN A 292 -17.00 6.41 11.41
CA GLN A 292 -17.85 7.44 11.97
C GLN A 292 -17.82 7.38 13.49
N GLY A 293 -18.35 8.43 14.12
CA GLY A 293 -18.55 8.47 15.55
C GLY A 293 -20.02 8.43 15.92
N GLY A 294 -20.50 9.48 16.58
CA GLY A 294 -21.88 9.52 17.02
C GLY A 294 -22.86 9.61 15.86
N PRO A 295 -23.87 8.75 15.87
CA PRO A 295 -24.93 8.85 14.86
C PRO A 295 -25.64 10.19 14.95
N HIS A 296 -26.16 10.63 13.79
CA HIS A 296 -26.96 11.86 13.76
C HIS A 296 -28.43 11.47 13.92
N ASN A 297 -28.88 11.46 15.18
CA ASN A 297 -30.18 10.87 15.49
C ASN A 297 -31.33 11.73 14.98
N HIS A 298 -31.13 13.03 14.84
CA HIS A 298 -32.17 13.85 14.22
C HIS A 298 -32.40 13.43 12.77
N THR A 299 -31.32 13.16 12.03
CA THR A 299 -31.47 12.70 10.66
C THR A 299 -32.08 11.30 10.61
N ILE A 300 -31.64 10.41 11.49
CA ILE A 300 -32.19 9.06 11.51
C ILE A 300 -33.68 9.10 11.80
N THR A 301 -34.09 9.99 12.71
CA THR A 301 -35.50 10.11 13.04
C THR A 301 -36.30 10.65 11.85
N GLY A 302 -35.77 11.68 11.18
CA GLY A 302 -36.43 12.17 9.97
C GLY A 302 -36.46 11.13 8.86
N LEU A 303 -35.42 10.30 8.78
CA LEU A 303 -35.41 9.21 7.81
C LEU A 303 -36.53 8.21 8.09
N ALA A 304 -36.75 7.86 9.36
CA ALA A 304 -37.86 6.97 9.69
C ALA A 304 -39.18 7.54 9.19
N VAL A 305 -39.36 8.86 9.31
CA VAL A 305 -40.57 9.52 8.80
C VAL A 305 -40.67 9.34 7.30
N ALA A 306 -39.58 9.62 6.58
CA ALA A 306 -39.61 9.53 5.11
C ALA A 306 -39.88 8.12 4.64
N LEU A 307 -39.35 7.12 5.37
CA LEU A 307 -39.55 5.73 4.96
C LEU A 307 -41.00 5.29 5.15
N LYS A 308 -41.69 5.78 6.18
CA LYS A 308 -43.11 5.51 6.31
C LYS A 308 -43.88 6.15 5.16
N GLN A 309 -43.50 7.38 4.80
CA GLN A 309 -44.20 8.05 3.71
C GLN A 309 -44.03 7.30 2.39
N ALA A 310 -42.93 6.57 2.23
CA ALA A 310 -42.64 5.86 0.98
C ALA A 310 -43.54 4.66 0.76
N ARG A 311 -44.37 4.29 1.75
CA ARG A 311 -45.25 3.13 1.65
C ARG A 311 -46.63 3.45 1.10
N THR A 312 -46.99 4.73 0.96
CA THR A 312 -48.37 5.07 0.70
C THR A 312 -48.73 4.95 -0.78
N PRO A 313 -50.01 4.77 -1.09
CA PRO A 313 -50.45 4.83 -2.50
C PRO A 313 -50.16 6.17 -3.14
N GLU A 314 -50.23 7.26 -2.39
CA GLU A 314 -49.91 8.58 -2.94
C GLU A 314 -48.45 8.66 -3.37
N TYR A 315 -47.55 8.07 -2.58
CA TYR A 315 -46.15 8.04 -2.94
C TYR A 315 -45.91 7.24 -4.22
N LYS A 316 -46.60 6.10 -4.37
CA LYS A 316 -46.47 5.34 -5.59
C LYS A 316 -46.98 6.13 -6.80
N ALA A 317 -48.13 6.80 -6.63
CA ALA A 317 -48.64 7.64 -7.72
C ALA A 317 -47.65 8.74 -8.07
N TYR A 318 -46.98 9.31 -7.06
CA TYR A 318 -45.96 10.32 -7.32
C TYR A 318 -44.83 9.74 -8.18
N GLN A 319 -44.30 8.56 -7.80
CA GLN A 319 -43.17 8.02 -8.55
C GLN A 319 -43.58 7.61 -9.96
N ASP A 320 -44.80 7.14 -10.14
CA ASP A 320 -45.28 6.88 -11.49
C ASP A 320 -45.32 8.16 -12.31
N GLN A 321 -45.76 9.26 -11.68
CA GLN A 321 -45.81 10.54 -12.38
C GLN A 321 -44.41 11.04 -12.73
N VAL A 322 -43.44 10.81 -11.84
CA VAL A 322 -42.05 11.16 -12.12
C VAL A 322 -41.61 10.54 -13.44
N LEU A 323 -41.90 9.26 -13.63
CA LEU A 323 -41.51 8.56 -14.86
C LEU A 323 -42.25 9.11 -16.07
N ARG A 324 -43.58 9.24 -15.97
CA ARG A 324 -44.35 9.73 -17.11
C ARG A 324 -43.93 11.14 -17.49
N ASN A 325 -43.65 11.99 -16.49
CA ASN A 325 -43.20 13.35 -16.77
C ASN A 325 -41.88 13.34 -17.52
N CYS A 326 -40.95 12.48 -17.11
CA CYS A 326 -39.66 12.45 -17.77
C CYS A 326 -39.78 11.95 -19.20
N SER A 327 -40.64 10.96 -19.44
N SER A 327 -40.65 10.97 -19.44
CA SER A 327 -40.87 10.49 -20.79
CA SER A 327 -40.88 10.48 -20.79
C SER A 327 -41.38 11.62 -21.69
C SER A 327 -41.40 11.59 -21.70
N LYS A 328 -42.35 12.38 -21.21
CA LYS A 328 -42.88 13.48 -22.02
C LYS A 328 -41.84 14.57 -22.19
N PHE A 329 -41.09 14.85 -21.13
CA PHE A 329 -39.98 15.80 -21.20
C PHE A 329 -38.99 15.41 -22.29
N ALA A 330 -38.56 14.14 -22.27
CA ALA A 330 -37.62 13.66 -23.28
C ALA A 330 -38.21 13.77 -24.68
N GLU A 331 -39.48 13.37 -24.82
CA GLU A 331 -40.13 13.42 -26.14
C GLU A 331 -40.15 14.84 -26.67
N THR A 332 -40.44 15.81 -25.80
CA THR A 332 -40.55 17.19 -26.24
C THR A 332 -39.18 17.77 -26.58
N LEU A 333 -38.15 17.44 -25.77
CA LEU A 333 -36.80 17.87 -26.11
C LEU A 333 -36.38 17.32 -27.46
N LEU A 334 -36.67 16.04 -27.72
CA LEU A 334 -36.30 15.44 -29.00
C LEU A 334 -37.02 16.14 -30.14
N ALA A 335 -38.31 16.42 -29.97
CA ALA A 335 -39.08 17.08 -31.02
C ALA A 335 -38.52 18.47 -31.31
N LYS A 336 -37.93 19.12 -30.30
CA LYS A 336 -37.36 20.45 -30.48
C LYS A 336 -35.93 20.41 -30.99
N GLY A 337 -35.42 19.23 -31.35
CA GLY A 337 -34.13 19.11 -32.01
C GLY A 337 -32.96 18.76 -31.11
N TYR A 338 -33.20 18.53 -29.82
CA TYR A 338 -32.10 18.18 -28.93
C TYR A 338 -31.77 16.70 -29.05
N ASP A 339 -30.49 16.39 -28.85
CA ASP A 339 -30.01 15.02 -28.75
C ASP A 339 -29.90 14.65 -27.28
N LEU A 340 -30.34 13.43 -26.96
CA LEU A 340 -30.26 12.88 -25.63
C LEU A 340 -29.30 11.71 -25.62
N VAL A 341 -28.49 11.61 -24.57
CA VAL A 341 -27.63 10.44 -24.44
C VAL A 341 -28.52 9.22 -24.26
N SER A 342 -28.29 8.19 -25.08
CA SER A 342 -29.10 6.98 -25.23
C SER A 342 -30.41 7.24 -25.98
N GLY A 343 -30.65 8.47 -26.43
CA GLY A 343 -31.82 8.78 -27.24
C GLY A 343 -33.13 8.87 -26.50
N GLY A 344 -33.11 8.87 -25.18
CA GLY A 344 -34.34 8.89 -24.41
C GLY A 344 -34.07 8.61 -22.95
N THR A 345 -35.09 8.12 -22.27
CA THR A 345 -34.99 7.84 -20.85
C THR A 345 -35.92 6.70 -20.46
N ASP A 346 -35.52 5.94 -19.44
CA ASP A 346 -36.44 5.04 -18.77
C ASP A 346 -36.54 5.36 -17.28
N ASN A 347 -36.03 6.51 -16.85
CA ASN A 347 -36.11 6.83 -15.43
C ASN A 347 -36.49 8.29 -15.25
N HIS A 348 -35.92 8.94 -14.25
CA HIS A 348 -36.32 10.27 -13.80
C HIS A 348 -35.50 11.40 -14.42
N LEU A 349 -34.51 11.09 -15.26
CA LEU A 349 -33.63 12.15 -15.76
C LEU A 349 -33.40 11.99 -17.26
N VAL A 350 -32.89 13.07 -17.86
CA VAL A 350 -32.38 13.07 -19.23
C VAL A 350 -31.02 13.73 -19.21
N LEU A 351 -30.21 13.41 -20.21
CA LEU A 351 -28.91 14.06 -20.39
C LEU A 351 -28.87 14.59 -21.82
N VAL A 352 -28.93 15.91 -21.96
CA VAL A 352 -28.91 16.56 -23.27
C VAL A 352 -27.47 16.73 -23.72
N ASN A 353 -27.15 16.25 -24.92
CA ASN A 353 -25.84 16.46 -25.54
C ASN A 353 -25.99 17.61 -26.53
N LEU A 354 -25.40 18.76 -26.20
CA LEU A 354 -25.60 19.98 -26.98
C LEU A 354 -24.74 20.07 -28.24
N LYS A 355 -23.96 19.03 -28.57
CA LYS A 355 -23.00 19.15 -29.67
C LYS A 355 -23.68 19.60 -30.96
N ASN A 356 -24.85 19.04 -31.27
CA ASN A 356 -25.51 19.39 -32.53
C ASN A 356 -26.01 20.84 -32.55
N LYS A 357 -26.09 21.49 -31.39
CA LYS A 357 -26.48 22.90 -31.34
C LYS A 357 -25.28 23.85 -31.42
N GLY A 358 -24.06 23.33 -31.35
CA GLY A 358 -22.90 24.19 -31.51
C GLY A 358 -22.61 25.07 -30.32
N ILE A 359 -22.92 24.61 -29.11
CA ILE A 359 -22.67 25.37 -27.90
C ILE A 359 -22.49 24.38 -26.76
N ASP A 360 -21.73 24.78 -25.75
CA ASP A 360 -21.41 23.87 -24.65
C ASP A 360 -22.32 24.11 -23.45
N GLY A 361 -22.22 23.20 -22.47
CA GLY A 361 -23.09 23.25 -21.32
C GLY A 361 -22.82 24.41 -20.39
N SER A 362 -21.56 24.88 -20.33
CA SER A 362 -21.24 26.00 -19.45
C SER A 362 -21.99 27.26 -19.86
N ARG A 363 -21.98 27.55 -21.17
CA ARG A 363 -22.68 28.73 -21.66
C ARG A 363 -24.18 28.61 -21.47
N VAL A 364 -24.75 27.44 -21.78
CA VAL A 364 -26.19 27.28 -21.64
C VAL A 364 -26.60 27.35 -20.17
N GLU A 365 -25.83 26.73 -19.27
CA GLU A 365 -26.22 26.77 -17.86
C GLU A 365 -26.17 28.18 -17.29
N LYS A 366 -25.27 29.03 -17.79
CA LYS A 366 -25.24 30.41 -17.32
C LYS A 366 -26.55 31.12 -17.60
N VAL A 367 -27.12 30.88 -18.79
CA VAL A 367 -28.41 31.48 -19.11
C VAL A 367 -29.53 30.84 -18.29
N LEU A 368 -29.51 29.52 -18.14
CA LEU A 368 -30.50 28.84 -17.31
C LEU A 368 -30.55 29.46 -15.93
N GLU A 369 -29.38 29.62 -15.30
CA GLU A 369 -29.29 30.24 -13.98
C GLU A 369 -29.99 31.59 -13.94
N LEU A 370 -29.75 32.44 -14.94
CA LEU A 370 -30.30 33.78 -14.95
C LEU A 370 -31.80 33.82 -15.22
N VAL A 371 -32.37 32.77 -15.80
CA VAL A 371 -33.81 32.69 -16.00
C VAL A 371 -34.47 31.77 -14.96
N HIS A 372 -33.74 31.43 -13.90
CA HIS A 372 -34.25 30.68 -12.75
C HIS A 372 -34.67 29.27 -13.13
N ILE A 373 -33.90 28.68 -14.04
CA ILE A 373 -33.95 27.24 -14.29
C ILE A 373 -32.69 26.65 -13.67
N ALA A 374 -32.85 25.84 -12.63
CA ALA A 374 -31.71 25.24 -11.93
C ALA A 374 -31.44 23.86 -12.50
N ALA A 375 -30.31 23.70 -13.17
CA ALA A 375 -29.89 22.44 -13.76
C ALA A 375 -28.39 22.30 -13.52
N ASN A 376 -27.73 21.38 -14.22
CA ASN A 376 -26.28 21.36 -14.15
C ASN A 376 -25.69 21.04 -15.51
N LYS A 377 -24.63 21.78 -15.86
CA LYS A 377 -23.75 21.38 -16.94
C LYS A 377 -23.17 20.01 -16.61
N ASN A 378 -22.97 19.20 -17.65
CA ASN A 378 -22.67 17.79 -17.44
C ASN A 378 -21.83 17.27 -18.59
N THR A 379 -20.81 16.50 -18.28
CA THR A 379 -20.03 15.84 -19.32
C THR A 379 -20.93 14.88 -20.09
N VAL A 380 -20.63 14.72 -21.38
CA VAL A 380 -21.31 13.75 -22.23
C VAL A 380 -20.27 12.93 -22.96
N PRO A 381 -20.62 11.72 -23.39
CA PRO A 381 -19.70 10.94 -24.22
C PRO A 381 -19.27 11.74 -25.45
N GLY A 382 -17.97 11.73 -25.74
CA GLY A 382 -17.41 12.50 -26.83
C GLY A 382 -16.73 13.79 -26.40
N ASP A 383 -17.00 14.28 -25.19
CA ASP A 383 -16.33 15.48 -24.71
C ASP A 383 -14.82 15.27 -24.69
N VAL A 384 -14.09 16.24 -25.24
CA VAL A 384 -12.63 16.14 -25.25
C VAL A 384 -12.04 16.55 -23.90
N SER A 385 -12.70 17.46 -23.18
CA SER A 385 -12.16 18.00 -21.94
C SER A 385 -13.19 17.86 -20.82
N ALA A 386 -12.75 17.37 -19.66
CA ALA A 386 -13.64 17.25 -18.52
C ALA A 386 -14.08 18.61 -18.01
N MET A 387 -13.29 19.65 -18.25
CA MET A 387 -13.61 20.99 -17.80
C MET A 387 -14.41 21.79 -18.82
N VAL A 388 -14.74 21.19 -19.96
CA VAL A 388 -15.64 21.83 -20.92
C VAL A 388 -16.80 20.88 -21.17
N PRO A 389 -17.76 20.81 -20.26
CA PRO A 389 -18.87 19.86 -20.42
C PRO A 389 -19.74 20.20 -21.62
N GLY A 390 -20.11 19.18 -22.38
CA GLY A 390 -20.90 19.38 -23.55
C GLY A 390 -22.39 19.20 -23.38
N GLY A 391 -22.87 18.97 -22.15
CA GLY A 391 -24.27 18.65 -21.96
C GLY A 391 -24.92 19.39 -20.80
N ILE A 392 -26.22 19.15 -20.66
CA ILE A 392 -27.04 19.63 -19.56
C ILE A 392 -27.85 18.44 -19.04
N ARG A 393 -27.81 18.22 -17.72
CA ARG A 393 -28.58 17.15 -17.09
C ARG A 393 -29.79 17.77 -16.41
N MET A 394 -30.96 17.15 -16.60
CA MET A 394 -32.22 17.65 -16.05
C MET A 394 -33.10 16.45 -15.69
N GLY A 395 -34.01 16.66 -14.74
CA GLY A 395 -34.93 15.58 -14.42
C GLY A 395 -36.15 16.08 -13.70
N THR A 396 -37.02 15.14 -13.35
CA THR A 396 -38.39 15.48 -12.92
C THR A 396 -38.75 15.33 -11.44
N PRO A 397 -37.95 14.68 -10.56
CA PRO A 397 -38.46 14.49 -9.18
C PRO A 397 -38.96 15.74 -8.46
N ALA A 398 -38.21 16.84 -8.52
CA ALA A 398 -38.53 18.00 -7.67
C ALA A 398 -39.81 18.69 -8.14
N LEU A 399 -39.91 19.02 -9.42
CA LEU A 399 -41.12 19.69 -9.88
C LEU A 399 -42.32 18.74 -9.88
N THR A 400 -42.11 17.43 -10.06
CA THR A 400 -43.23 16.52 -9.92
C THR A 400 -43.77 16.54 -8.48
N SER A 401 -42.89 16.70 -7.49
CA SER A 401 -43.35 16.80 -6.11
C SER A 401 -44.26 18.00 -5.92
N ARG A 402 -44.08 19.05 -6.71
CA ARG A 402 -44.93 20.24 -6.65
C ARG A 402 -46.19 20.11 -7.48
N GLY A 403 -46.40 18.98 -8.15
CA GLY A 403 -47.62 18.76 -8.90
C GLY A 403 -47.52 18.99 -10.40
N PHE A 404 -46.33 19.19 -10.94
CA PHE A 404 -46.17 19.23 -12.39
C PHE A 404 -46.61 17.91 -13.00
N ILE A 405 -47.34 18.00 -14.11
CA ILE A 405 -47.71 16.79 -14.84
C ILE A 405 -47.15 16.88 -16.26
N GLU A 406 -47.58 15.99 -17.16
CA GLU A 406 -46.87 15.82 -18.43
C GLU A 406 -46.87 17.11 -19.25
N GLU A 407 -48.04 17.76 -19.39
CA GLU A 407 -48.09 18.98 -20.17
C GLU A 407 -47.21 20.06 -19.55
N ASP A 408 -47.04 20.04 -18.23
CA ASP A 408 -46.16 21.02 -17.60
C ASP A 408 -44.70 20.78 -17.96
N PHE A 409 -44.28 19.51 -18.06
CA PHE A 409 -42.90 19.28 -18.47
C PHE A 409 -42.68 19.52 -19.96
N ALA A 410 -43.73 19.43 -20.78
CA ALA A 410 -43.60 19.91 -22.15
C ALA A 410 -43.29 21.40 -22.18
N LYS A 411 -43.89 22.17 -21.27
CA LYS A 411 -43.59 23.59 -21.19
C LYS A 411 -42.18 23.83 -20.64
N VAL A 412 -41.75 23.01 -19.67
CA VAL A 412 -40.37 23.12 -19.20
C VAL A 412 -39.39 22.95 -20.36
N ALA A 413 -39.64 21.96 -21.21
CA ALA A 413 -38.79 21.75 -22.38
C ALA A 413 -38.81 22.96 -23.30
N GLU A 414 -39.98 23.58 -23.48
CA GLU A 414 -40.05 24.79 -24.30
C GLU A 414 -39.19 25.89 -23.71
N TYR A 415 -39.27 26.10 -22.38
CA TYR A 415 -38.52 27.21 -21.81
C TYR A 415 -37.02 26.92 -21.78
N PHE A 416 -36.63 25.65 -21.61
CA PHE A 416 -35.23 25.27 -21.80
C PHE A 416 -34.77 25.63 -23.20
N ASP A 417 -35.58 25.29 -24.21
CA ASP A 417 -35.24 25.60 -25.60
C ASP A 417 -35.07 27.11 -25.80
N LEU A 418 -35.96 27.91 -25.23
CA LEU A 418 -35.83 29.36 -25.36
C LEU A 418 -34.54 29.87 -24.72
N ALA A 419 -34.12 29.25 -23.62
CA ALA A 419 -32.86 29.65 -22.97
C ALA A 419 -31.67 29.28 -23.84
N VAL A 420 -31.69 28.11 -24.48
CA VAL A 420 -30.60 27.75 -25.39
C VAL A 420 -30.52 28.74 -26.54
N LYS A 421 -31.68 29.14 -27.09
CA LYS A 421 -31.68 30.10 -28.18
C LYS A 421 -31.05 31.43 -27.74
N ILE A 422 -31.31 31.86 -26.50
CA ILE A 422 -30.66 33.08 -26.01
C ILE A 422 -29.16 32.86 -25.87
N ALA A 423 -28.75 31.70 -25.34
CA ALA A 423 -27.33 31.41 -25.22
C ALA A 423 -26.64 31.45 -26.58
N LEU A 424 -27.29 30.90 -27.61
CA LEU A 424 -26.70 30.96 -28.95
C LEU A 424 -26.58 32.39 -29.45
N LYS A 425 -27.54 33.26 -29.09
CA LYS A 425 -27.44 34.66 -29.49
C LYS A 425 -26.29 35.36 -28.79
N ILE A 426 -26.10 35.07 -27.49
CA ILE A 426 -24.98 35.65 -26.77
C ILE A 426 -23.67 35.22 -27.40
N LYS A 427 -23.54 33.94 -27.74
CA LYS A 427 -22.34 33.44 -28.40
C LYS A 427 -22.10 34.18 -29.72
N ALA A 428 -23.15 34.36 -30.51
CA ALA A 428 -23.00 35.03 -31.81
C ALA A 428 -22.57 36.48 -31.64
N GLU A 429 -23.04 37.15 -30.59
CA GLU A 429 -22.65 38.53 -30.34
C GLU A 429 -21.29 38.65 -29.65
N SER A 430 -20.76 37.57 -29.10
CA SER A 430 -19.47 37.61 -28.43
C SER A 430 -18.36 37.77 -29.46
N GLN A 431 -17.49 38.74 -29.24
CA GLN A 431 -16.40 38.98 -30.18
C GLN A 431 -15.32 37.92 -30.04
N GLY A 432 -14.94 37.59 -28.81
CA GLY A 432 -13.99 36.52 -28.58
C GLY A 432 -14.68 35.16 -28.56
N THR A 433 -13.88 34.14 -28.24
CA THR A 433 -14.39 32.78 -28.13
C THR A 433 -14.18 32.18 -26.75
N LYS A 434 -13.51 32.87 -25.84
CA LYS A 434 -13.37 32.35 -24.49
C LYS A 434 -14.64 32.58 -23.69
N LEU A 435 -14.78 31.81 -22.60
CA LEU A 435 -16.00 31.89 -21.80
C LEU A 435 -16.15 33.26 -21.14
N LYS A 436 -15.04 33.91 -20.80
CA LYS A 436 -15.12 35.25 -20.20
C LYS A 436 -15.72 36.26 -21.16
N ASP A 437 -15.50 36.09 -22.47
CA ASP A 437 -16.12 36.98 -23.45
C ASP A 437 -17.61 36.72 -23.56
N PHE A 438 -18.01 35.45 -23.47
CA PHE A 438 -19.44 35.12 -23.41
C PHE A 438 -20.09 35.77 -22.20
N VAL A 439 -19.44 35.72 -21.04
CA VAL A 439 -20.01 36.33 -19.84
C VAL A 439 -20.08 37.84 -20.00
N ALA A 440 -19.04 38.45 -20.58
CA ALA A 440 -19.05 39.89 -20.78
C ALA A 440 -20.19 40.33 -21.68
N THR A 441 -20.40 39.62 -22.80
CA THR A 441 -21.53 39.90 -23.66
C THR A 441 -22.84 39.70 -22.91
N MET A 442 -22.94 38.60 -22.16
CA MET A 442 -24.17 38.28 -21.44
C MET A 442 -24.54 39.36 -20.44
N GLN A 443 -23.55 40.07 -19.91
CA GLN A 443 -23.78 41.05 -18.86
C GLN A 443 -23.85 42.49 -19.37
N SER A 444 -23.49 42.74 -20.64
CA SER A 444 -23.51 44.10 -21.17
C SER A 444 -24.49 44.31 -22.32
N ASN A 445 -24.97 43.26 -22.96
CA ASN A 445 -25.89 43.41 -24.10
C ASN A 445 -27.29 43.68 -23.56
N GLU A 446 -27.79 44.89 -23.78
CA GLU A 446 -29.08 45.27 -23.20
C GLU A 446 -30.23 44.49 -23.82
N LYS A 447 -30.19 44.24 -25.13
CA LYS A 447 -31.27 43.50 -25.76
C LYS A 447 -31.34 42.07 -25.24
N LEU A 448 -30.20 41.40 -25.11
CA LEU A 448 -30.21 40.02 -24.65
C LEU A 448 -30.51 39.93 -23.16
N GLN A 449 -30.13 40.94 -22.38
CA GLN A 449 -30.57 40.98 -20.99
C GLN A 449 -32.07 41.13 -20.89
N SER A 450 -32.67 41.91 -21.80
CA SER A 450 -34.12 42.03 -21.84
C SER A 450 -34.78 40.70 -22.18
N GLU A 451 -34.20 39.94 -23.11
CA GLU A 451 -34.77 38.64 -23.45
C GLU A 451 -34.66 37.67 -22.27
N MET A 452 -33.54 37.70 -21.55
CA MET A 452 -33.43 36.84 -20.38
C MET A 452 -34.40 37.27 -19.29
N SER A 453 -34.62 38.57 -19.14
CA SER A 453 -35.58 39.05 -18.16
C SER A 453 -36.99 38.59 -18.50
N LYS A 454 -37.35 38.63 -19.79
CA LYS A 454 -38.66 38.14 -20.21
C LYS A 454 -38.81 36.65 -19.94
N LEU A 455 -37.79 35.86 -20.29
CA LEU A 455 -37.88 34.42 -20.07
C LEU A 455 -37.91 34.10 -18.57
N ARG A 456 -37.14 34.83 -17.76
CA ARG A 456 -37.19 34.64 -16.32
C ARG A 456 -38.61 34.86 -15.79
N GLU A 457 -39.27 35.92 -16.27
CA GLU A 457 -40.64 36.18 -15.83
C GLU A 457 -41.58 35.07 -16.25
N MET A 458 -41.37 34.51 -17.44
CA MET A 458 -42.18 33.39 -17.90
C MET A 458 -42.01 32.17 -17.00
N VAL A 459 -40.75 31.83 -16.69
CA VAL A 459 -40.47 30.71 -15.79
C VAL A 459 -41.15 30.92 -14.44
N GLU A 460 -40.95 32.10 -13.85
CA GLU A 460 -41.49 32.36 -12.52
C GLU A 460 -43.02 32.33 -12.52
N GLU A 461 -43.65 32.94 -13.53
CA GLU A 461 -45.10 32.93 -13.58
C GLU A 461 -45.62 31.50 -13.67
N TYR A 462 -44.91 30.63 -14.39
CA TYR A 462 -45.35 29.25 -14.52
C TYR A 462 -45.17 28.51 -13.21
N ALA A 463 -43.98 28.62 -12.60
CA ALA A 463 -43.65 27.87 -11.39
C ALA A 463 -44.46 28.33 -10.18
N LYS A 464 -44.73 29.63 -10.07
CA LYS A 464 -45.35 30.12 -8.83
C LYS A 464 -46.77 29.59 -8.65
N GLN A 465 -47.43 29.15 -9.72
CA GLN A 465 -48.82 28.71 -9.58
C GLN A 465 -48.93 27.41 -8.79
N PHE A 466 -47.86 26.65 -8.68
CA PHE A 466 -47.90 25.34 -8.06
C PHE A 466 -47.71 25.44 -6.56
N PRO A 467 -48.21 24.45 -5.80
CA PRO A 467 -48.01 24.46 -4.34
C PRO A 467 -46.54 24.52 -3.97
N THR A 468 -46.27 25.15 -2.83
CA THR A 468 -44.96 25.06 -2.18
C THR A 468 -44.94 23.84 -1.28
N ILE A 469 -43.79 23.17 -1.20
CA ILE A 469 -43.63 21.94 -0.44
C ILE A 469 -42.80 22.23 0.80
N GLY A 470 -43.38 21.99 1.98
CA GLY A 470 -42.68 22.14 3.22
C GLY A 470 -42.94 23.44 3.94
N PHE A 471 -43.64 24.36 3.30
CA PHE A 471 -44.00 25.63 3.93
C PHE A 471 -45.21 26.18 3.19
N GLU A 472 -45.89 27.13 3.81
CA GLU A 472 -47.08 27.73 3.25
C GLU A 472 -46.75 29.05 2.56
N LYS A 473 -47.44 29.32 1.45
CA LYS A 473 -47.20 30.55 0.70
C LYS A 473 -47.56 31.77 1.52
N GLU A 474 -48.60 31.67 2.35
CA GLU A 474 -49.18 32.85 2.98
C GLU A 474 -48.20 33.52 3.94
N THR A 475 -47.27 32.77 4.52
CA THR A 475 -46.34 33.31 5.49
C THR A 475 -44.95 33.55 4.92
N MET A 476 -44.77 33.45 3.61
N MET A 476 -44.76 33.42 3.60
CA MET A 476 -43.48 33.75 2.99
CA MET A 476 -43.49 33.76 2.98
C MET A 476 -43.15 35.23 3.16
C MET A 476 -43.16 35.23 3.20
N ARG A 477 -41.91 35.51 3.58
CA ARG A 477 -41.50 36.90 3.75
C ARG A 477 -41.33 37.60 2.40
N TYR A 478 -40.91 36.87 1.37
CA TYR A 478 -40.61 37.44 0.05
C TYR A 478 -41.59 36.89 -0.97
N LYS A 479 -42.77 37.52 -1.04
CA LYS A 479 -43.77 37.13 -2.02
C LYS A 479 -43.59 37.83 -3.36
N GLU A 480 -42.70 38.82 -3.43
CA GLU A 480 -42.53 39.64 -4.63
C GLU A 480 -41.07 39.66 -5.09
N SER B 6 -55.33 12.34 -5.65
CA SER B 6 -54.16 11.48 -5.44
C SER B 6 -52.87 12.32 -5.46
N ARG B 7 -52.93 13.44 -6.18
CA ARG B 7 -51.83 14.41 -6.26
C ARG B 7 -52.01 15.59 -5.33
N SER B 8 -53.24 16.09 -5.18
CA SER B 8 -53.54 17.04 -4.11
C SER B 8 -53.37 16.40 -2.74
N SER B 9 -53.52 15.07 -2.66
CA SER B 9 -53.43 14.38 -1.39
C SER B 9 -51.98 14.11 -1.00
N TRP B 10 -51.11 13.78 -1.96
CA TRP B 10 -49.69 13.64 -1.61
C TRP B 10 -49.07 15.00 -1.30
N ILE B 11 -49.63 16.08 -1.85
CA ILE B 11 -49.16 17.41 -1.47
C ILE B 11 -49.64 17.77 -0.07
N LYS B 12 -50.84 17.32 0.32
CA LYS B 12 -51.29 17.48 1.70
C LYS B 12 -50.38 16.73 2.67
N GLN B 13 -49.98 15.51 2.33
CA GLN B 13 -49.09 14.73 3.19
C GLN B 13 -47.70 15.35 3.29
N LEU B 14 -47.27 16.07 2.25
CA LEU B 14 -45.97 16.73 2.31
C LEU B 14 -45.96 17.97 3.18
N ASN B 15 -47.12 18.58 3.42
CA ASN B 15 -47.18 19.82 4.18
C ASN B 15 -47.79 19.67 5.56
N ALA B 16 -48.23 18.47 5.91
CA ALA B 16 -48.82 18.22 7.22
C ALA B 16 -47.72 18.12 8.29
N SER B 17 -48.14 18.31 9.53
CA SER B 17 -47.21 18.30 10.65
C SER B 17 -46.80 16.88 11.01
N LEU B 18 -45.70 16.78 11.76
CA LEU B 18 -45.23 15.48 12.21
C LEU B 18 -46.25 14.78 13.10
N ASP B 19 -46.93 15.54 13.97
CA ASP B 19 -47.96 14.97 14.83
C ASP B 19 -49.03 14.24 14.01
N GLU B 20 -49.42 14.82 12.88
CA GLU B 20 -50.48 14.22 12.07
C GLU B 20 -49.96 13.08 11.20
N ILE B 21 -48.77 13.22 10.63
CA ILE B 21 -48.28 12.24 9.66
C ILE B 21 -47.71 11.00 10.35
N ASP B 22 -46.99 11.17 11.45
CA ASP B 22 -46.22 10.08 12.05
C ASP B 22 -46.31 10.18 13.57
N PRO B 23 -47.46 9.84 14.15
CA PRO B 23 -47.59 9.95 15.61
C PRO B 23 -46.61 9.10 16.38
N GLU B 24 -46.15 7.96 15.83
CA GLU B 24 -45.18 7.16 16.55
C GLU B 24 -43.86 7.90 16.71
N VAL B 25 -43.37 8.52 15.64
CA VAL B 25 -42.15 9.30 15.74
C VAL B 25 -42.37 10.52 16.63
N ALA B 26 -43.52 11.19 16.50
CA ALA B 26 -43.79 12.34 17.35
C ALA B 26 -43.73 11.94 18.82
N ASP B 27 -44.25 10.76 19.16
CA ASP B 27 -44.24 10.31 20.54
C ASP B 27 -42.81 10.04 21.02
N ILE B 28 -41.98 9.44 20.16
CA ILE B 28 -40.59 9.20 20.52
C ILE B 28 -39.88 10.51 20.87
N ILE B 29 -40.10 11.55 20.05
CA ILE B 29 -39.46 12.84 20.34
C ILE B 29 -39.97 13.40 21.67
N GLU B 30 -41.28 13.26 21.94
CA GLU B 30 -41.82 13.74 23.21
C GLU B 30 -41.22 12.99 24.40
N LEU B 31 -41.00 11.68 24.26
CA LEU B 31 -40.36 10.93 25.32
C LEU B 31 -38.92 11.40 25.54
N GLU B 32 -38.21 11.71 24.45
CA GLU B 32 -36.85 12.20 24.56
C GLU B 32 -36.81 13.59 25.18
N LYS B 33 -37.78 14.46 24.85
CA LYS B 33 -37.86 15.76 25.51
C LYS B 33 -37.98 15.59 27.02
N ALA B 34 -38.86 14.68 27.45
CA ALA B 34 -39.01 14.44 28.89
C ALA B 34 -37.71 13.91 29.50
N ARG B 35 -37.01 13.03 28.77
CA ARG B 35 -35.75 12.49 29.28
C ARG B 35 -34.72 13.59 29.48
N GLN B 36 -34.64 14.55 28.54
CA GLN B 36 -33.71 15.66 28.65
C GLN B 36 -34.12 16.62 29.76
N TRP B 37 -35.41 16.68 30.06
CA TRP B 37 -35.91 17.53 31.14
C TRP B 37 -35.58 16.96 32.52
N LYS B 38 -35.67 15.63 32.68
CA LYS B 38 -35.67 15.01 34.01
C LYS B 38 -34.33 14.40 34.41
N GLY B 39 -33.31 14.48 33.56
CA GLY B 39 -32.08 13.75 33.86
C GLY B 39 -30.89 14.61 34.22
N PHE B 40 -29.88 13.98 34.84
CA PHE B 40 -28.56 14.60 34.97
C PHE B 40 -27.75 14.14 33.76
N GLU B 41 -27.63 15.02 32.77
CA GLU B 41 -26.91 14.71 31.53
C GLU B 41 -25.46 15.12 31.71
N LEU B 42 -24.60 14.14 32.03
CA LEU B 42 -23.21 14.42 32.40
C LEU B 42 -22.19 13.97 31.36
N ILE B 43 -22.62 13.40 30.24
CA ILE B 43 -21.68 13.03 29.19
C ILE B 43 -21.05 14.32 28.67
N PRO B 44 -19.73 14.50 28.78
CA PRO B 44 -19.15 15.82 28.53
C PRO B 44 -19.13 16.23 27.07
N SER B 45 -19.42 15.31 26.16
CA SER B 45 -19.56 15.62 24.73
C SER B 45 -20.97 15.98 24.34
N GLU B 46 -21.92 15.98 25.27
CA GLU B 46 -23.29 16.34 24.96
C GLU B 46 -23.61 17.76 25.42
N ASN B 47 -24.55 18.37 24.72
CA ASN B 47 -25.04 19.70 25.06
C ASN B 47 -26.50 19.78 24.66
N PHE B 48 -27.11 20.93 24.90
CA PHE B 48 -28.47 21.23 24.45
C PHE B 48 -28.38 22.41 23.51
N THR B 49 -28.64 22.20 22.23
CA THR B 49 -28.50 23.30 21.31
C THR B 49 -29.77 24.16 21.30
N SER B 50 -29.63 25.35 20.73
CA SER B 50 -30.68 26.36 20.79
C SER B 50 -31.83 26.04 19.82
N LEU B 51 -32.98 26.64 20.12
CA LEU B 51 -34.12 26.54 19.19
C LEU B 51 -33.78 27.13 17.83
N SER B 52 -33.03 28.25 17.82
CA SER B 52 -32.73 28.89 16.54
C SER B 52 -31.86 28.00 15.66
N VAL B 53 -30.88 27.30 16.26
CA VAL B 53 -30.10 26.33 15.49
C VAL B 53 -31.00 25.24 14.93
N MET B 54 -31.88 24.68 15.76
CA MET B 54 -32.74 23.60 15.29
C MET B 54 -33.71 24.06 14.20
N GLN B 55 -34.19 25.30 14.28
CA GLN B 55 -35.08 25.78 13.23
C GLN B 55 -34.36 25.91 11.90
N ALA B 56 -33.07 26.25 11.91
CA ALA B 56 -32.30 26.31 10.67
C ALA B 56 -32.00 24.92 10.14
N VAL B 57 -31.63 24.00 11.04
CA VAL B 57 -31.35 22.64 10.60
C VAL B 57 -32.62 21.96 10.08
N GLY B 58 -33.79 22.34 10.62
CA GLY B 58 -35.05 21.82 10.13
C GLY B 58 -35.72 22.67 9.07
N SER B 59 -34.93 23.28 8.18
CA SER B 59 -35.45 24.21 7.17
C SER B 59 -35.26 23.64 5.77
N VAL B 60 -35.80 24.35 4.77
CA VAL B 60 -35.74 23.91 3.38
C VAL B 60 -34.33 24.05 2.79
N MET B 61 -33.37 24.54 3.58
CA MET B 61 -31.99 24.50 3.10
C MET B 61 -31.55 23.06 2.82
N THR B 62 -32.23 22.07 3.40
CA THR B 62 -31.93 20.67 3.16
C THR B 62 -32.18 20.25 1.72
N ASN B 63 -32.96 21.02 0.94
CA ASN B 63 -33.37 20.56 -0.38
C ASN B 63 -32.33 20.78 -1.49
N LYS B 64 -31.21 21.45 -1.21
CA LYS B 64 -30.35 21.97 -2.27
C LYS B 64 -29.07 21.15 -2.44
N TYR B 65 -28.73 20.85 -3.69
CA TYR B 65 -27.40 20.32 -4.03
C TYR B 65 -26.46 21.46 -4.39
N SER B 66 -25.29 21.50 -3.76
CA SER B 66 -24.39 22.64 -3.94
C SER B 66 -22.92 22.22 -3.90
N GLU B 67 -22.58 21.12 -4.58
CA GLU B 67 -21.20 20.69 -4.61
C GLU B 67 -20.29 21.80 -5.09
N GLY B 68 -19.10 21.86 -4.51
CA GLY B 68 -18.17 22.93 -4.79
C GLY B 68 -18.11 23.89 -3.62
N TYR B 69 -17.77 25.15 -3.90
CA TYR B 69 -17.60 26.17 -2.87
C TYR B 69 -18.28 27.45 -3.33
N PRO B 70 -18.56 28.39 -2.42
CA PRO B 70 -19.34 29.57 -2.80
C PRO B 70 -18.78 30.28 -4.02
N GLY B 71 -19.67 30.60 -4.96
CA GLY B 71 -19.30 31.22 -6.21
C GLY B 71 -18.55 30.33 -7.18
N ALA B 72 -18.38 29.05 -6.86
CA ALA B 72 -17.66 28.09 -7.68
C ALA B 72 -18.35 26.73 -7.52
N ARG B 73 -19.63 26.69 -7.87
CA ARG B 73 -20.48 25.52 -7.72
C ARG B 73 -20.60 24.74 -9.02
N TYR B 74 -20.93 23.47 -8.89
CA TYR B 74 -21.22 22.62 -10.03
C TYR B 74 -22.71 22.58 -10.40
N TYR B 75 -23.56 23.26 -9.64
CA TYR B 75 -24.99 23.31 -9.91
C TYR B 75 -25.45 24.76 -9.91
N GLY B 76 -26.52 25.02 -10.66
CA GLY B 76 -27.20 26.29 -10.56
C GLY B 76 -28.09 26.35 -9.32
N GLY B 77 -28.66 27.53 -9.11
CA GLY B 77 -29.64 27.75 -8.06
C GLY B 77 -29.08 28.06 -6.68
N ASN B 78 -27.79 28.36 -6.57
CA ASN B 78 -27.13 28.39 -5.27
C ASN B 78 -26.88 29.81 -4.74
N GLU B 79 -27.61 30.82 -5.23
CA GLU B 79 -27.38 32.18 -4.77
C GLU B 79 -27.48 32.32 -3.25
N TYR B 80 -28.51 31.71 -2.66
CA TYR B 80 -28.75 31.88 -1.23
C TYR B 80 -28.01 30.85 -0.39
N ILE B 81 -27.80 29.64 -0.92
CA ILE B 81 -26.90 28.70 -0.25
C ILE B 81 -25.50 29.29 -0.16
N ASP B 82 -25.07 30.02 -1.20
CA ASP B 82 -23.77 30.68 -1.16
C ASP B 82 -23.72 31.72 -0.04
N MET B 83 -24.80 32.50 0.12
CA MET B 83 -24.85 33.46 1.22
C MET B 83 -24.67 32.75 2.56
N ALA B 84 -25.32 31.59 2.73
CA ALA B 84 -25.26 30.89 4.00
C ALA B 84 -23.87 30.33 4.26
N GLU B 85 -23.25 29.71 3.25
CA GLU B 85 -21.93 29.12 3.50
C GLU B 85 -20.89 30.20 3.70
N THR B 86 -20.95 31.28 2.91
CA THR B 86 -20.02 32.38 3.09
C THR B 86 -20.19 33.01 4.48
N LEU B 87 -21.43 33.21 4.91
CA LEU B 87 -21.67 33.75 6.25
C LEU B 87 -21.14 32.82 7.32
N CYS B 88 -21.35 31.51 7.14
CA CYS B 88 -20.86 30.54 8.10
C CYS B 88 -19.34 30.59 8.21
N GLN B 89 -18.65 30.65 7.06
CA GLN B 89 -17.19 30.75 7.08
C GLN B 89 -16.74 32.02 7.78
N LYS B 90 -17.38 33.15 7.46
CA LYS B 90 -16.98 34.40 8.08
C LYS B 90 -17.17 34.35 9.59
N ARG B 91 -18.30 33.82 10.04
CA ARG B 91 -18.57 33.73 11.48
C ARG B 91 -17.67 32.70 12.16
N ALA B 92 -17.26 31.66 11.43
CA ALA B 92 -16.35 30.69 12.03
C ALA B 92 -15.01 31.33 12.36
N LEU B 93 -14.45 32.10 11.42
CA LEU B 93 -13.19 32.79 11.69
C LEU B 93 -13.36 33.82 12.80
N GLU B 94 -14.48 34.55 12.80
CA GLU B 94 -14.71 35.55 13.85
C GLU B 94 -14.87 34.90 15.22
N ALA B 95 -15.48 33.71 15.28
CA ALA B 95 -15.71 33.06 16.56
C ALA B 95 -14.42 32.74 17.27
N PHE B 96 -13.34 32.53 16.52
CA PHE B 96 -12.05 32.19 17.10
C PHE B 96 -11.03 33.30 16.91
N GLN B 97 -11.51 34.49 16.56
CA GLN B 97 -10.69 35.71 16.45
C GLN B 97 -9.51 35.50 15.50
N LEU B 98 -9.80 34.90 14.35
CA LEU B 98 -8.78 34.55 13.38
C LEU B 98 -8.71 35.60 12.28
N ASP B 99 -7.50 36.00 11.94
CA ASP B 99 -7.24 36.85 10.79
C ASP B 99 -7.54 36.09 9.51
N PRO B 100 -8.51 36.52 8.70
CA PRO B 100 -8.85 35.76 7.48
C PRO B 100 -7.75 35.72 6.43
N SER B 101 -6.73 36.57 6.55
CA SER B 101 -5.59 36.49 5.65
C SER B 101 -4.61 35.41 6.07
N LYS B 102 -4.74 34.91 7.30
CA LYS B 102 -3.85 33.90 7.86
C LYS B 102 -4.51 32.56 8.10
N TRP B 103 -5.85 32.52 8.17
CA TRP B 103 -6.62 31.32 8.44
C TRP B 103 -7.77 31.19 7.45
N GLY B 104 -7.99 29.97 6.95
CA GLY B 104 -9.18 29.63 6.20
C GLY B 104 -9.95 28.55 6.93
N VAL B 105 -11.15 28.25 6.43
CA VAL B 105 -12.01 27.27 7.09
C VAL B 105 -12.84 26.55 6.04
N ASN B 106 -13.07 25.27 6.29
CA ASN B 106 -14.02 24.46 5.54
C ASN B 106 -15.15 24.08 6.50
N VAL B 107 -16.38 24.41 6.14
CA VAL B 107 -17.52 24.17 7.01
C VAL B 107 -18.41 23.04 6.51
N GLN B 108 -17.94 22.25 5.54
CA GLN B 108 -18.76 21.20 4.92
C GLN B 108 -18.57 19.82 5.52
N SER B 109 -17.54 19.59 6.31
N SER B 109 -17.53 19.60 6.32
CA SER B 109 -17.31 18.24 6.81
CA SER B 109 -17.31 18.27 6.90
C SER B 109 -18.46 17.80 7.71
C SER B 109 -18.53 17.82 7.69
N LEU B 110 -18.94 16.57 7.49
CA LEU B 110 -20.22 16.14 8.05
C LEU B 110 -20.15 15.88 9.54
N SER B 111 -19.00 15.52 10.09
CA SER B 111 -18.89 15.27 11.53
C SER B 111 -17.41 15.19 11.88
N GLY B 112 -17.12 15.02 13.18
CA GLY B 112 -15.74 15.10 13.63
C GLY B 112 -14.86 13.99 13.08
N SER B 113 -15.37 12.75 13.09
CA SER B 113 -14.56 11.63 12.61
C SER B 113 -14.18 11.77 11.14
N PRO B 114 -15.11 12.01 10.21
CA PRO B 114 -14.67 12.21 8.82
C PRO B 114 -13.85 13.48 8.62
N ALA B 115 -14.03 14.52 9.45
CA ALA B 115 -13.21 15.71 9.32
C ALA B 115 -11.73 15.37 9.52
N ASN B 116 -11.41 14.59 10.54
CA ASN B 116 -10.03 14.22 10.72
C ASN B 116 -9.52 13.36 9.56
N PHE B 117 -10.32 12.39 9.12
CA PHE B 117 -9.91 11.55 8.00
C PHE B 117 -9.65 12.39 6.74
N GLN B 118 -10.45 13.43 6.53
CA GLN B 118 -10.25 14.32 5.41
C GLN B 118 -8.93 15.08 5.52
N VAL B 119 -8.56 15.50 6.74
CA VAL B 119 -7.26 16.14 6.93
C VAL B 119 -6.13 15.16 6.58
N TYR B 120 -6.22 13.92 7.08
CA TYR B 120 -5.17 12.95 6.77
C TYR B 120 -5.09 12.72 5.26
N THR B 121 -6.25 12.59 4.61
CA THR B 121 -6.26 12.33 3.17
C THR B 121 -5.67 13.51 2.40
N ALA B 122 -5.90 14.73 2.89
CA ALA B 122 -5.38 15.92 2.22
C ALA B 122 -3.86 16.00 2.32
N LEU B 123 -3.30 15.68 3.49
CA LEU B 123 -1.93 16.02 3.78
C LEU B 123 -0.98 14.84 3.79
N LEU B 124 -1.49 13.61 3.88
CA LEU B 124 -0.65 12.42 3.97
C LEU B 124 -0.97 11.46 2.84
N LYS B 125 0.06 10.78 2.34
CA LYS B 125 -0.19 9.67 1.43
C LYS B 125 -0.64 8.46 2.23
N PRO B 126 -1.33 7.51 1.60
CA PRO B 126 -1.67 6.26 2.30
C PRO B 126 -0.43 5.66 2.96
N HIS B 127 -0.62 5.15 4.18
CA HIS B 127 0.39 4.46 4.96
C HIS B 127 1.43 5.40 5.55
N GLU B 128 1.27 6.73 5.39
CA GLU B 128 2.17 7.64 6.10
C GLU B 128 1.76 7.74 7.58
N ARG B 129 2.64 8.32 8.38
CA ARG B 129 2.64 8.06 9.82
C ARG B 129 2.01 9.18 10.64
N ILE B 130 1.18 8.78 11.61
CA ILE B 130 0.42 9.68 12.49
C ILE B 130 0.68 9.27 13.93
N MET B 131 0.92 10.26 14.80
CA MET B 131 0.92 10.01 16.25
C MET B 131 -0.21 10.78 16.91
N ALA B 132 -0.78 10.19 17.95
CA ALA B 132 -1.89 10.78 18.67
C ALA B 132 -2.01 10.12 20.03
N LEU B 133 -2.80 10.75 20.91
CA LEU B 133 -2.98 10.22 22.26
C LEU B 133 -3.67 8.87 22.21
N ASP B 134 -3.12 7.90 22.95
CA ASP B 134 -3.66 6.54 22.97
C ASP B 134 -5.12 6.57 23.42
N LEU B 135 -5.96 5.79 22.74
CA LEU B 135 -7.38 5.75 23.08
C LEU B 135 -7.63 5.47 24.57
N PRO B 136 -7.04 4.43 25.17
CA PRO B 136 -7.29 4.19 26.61
C PRO B 136 -6.71 5.26 27.51
N HIS B 137 -5.88 6.15 27.00
CA HIS B 137 -5.36 7.26 27.79
C HIS B 137 -6.08 8.56 27.53
N GLY B 138 -7.23 8.52 26.85
CA GLY B 138 -8.06 9.70 26.65
C GLY B 138 -8.15 10.17 25.23
N GLY B 139 -7.61 9.44 24.26
CA GLY B 139 -7.67 9.84 22.87
C GLY B 139 -9.01 9.51 22.22
N HIS B 140 -9.01 9.53 20.89
CA HIS B 140 -10.24 9.33 20.13
C HIS B 140 -9.97 8.40 18.95
N LEU B 141 -10.98 7.58 18.62
CA LEU B 141 -10.84 6.62 17.54
C LEU B 141 -10.42 7.27 16.22
N SER B 142 -10.89 8.49 15.96
CA SER B 142 -10.58 9.10 14.67
C SER B 142 -9.14 9.57 14.57
N HIS B 143 -8.32 9.33 15.58
CA HIS B 143 -6.88 9.55 15.51
C HIS B 143 -6.11 8.26 15.31
N GLY B 144 -6.79 7.14 15.16
CA GLY B 144 -6.19 5.84 15.03
C GLY B 144 -6.39 5.02 16.30
N TYR B 145 -6.51 3.70 16.11
CA TYR B 145 -6.52 2.78 17.24
C TYR B 145 -6.46 1.33 16.74
N GLN B 146 -5.56 0.56 17.32
CA GLN B 146 -5.58 -0.88 17.09
C GLN B 146 -5.25 -1.58 18.40
N THR B 147 -5.80 -2.79 18.54
CA THR B 147 -5.49 -3.66 19.66
C THR B 147 -4.38 -4.62 19.25
N ASP B 148 -4.05 -5.54 20.16
CA ASP B 148 -3.06 -6.56 19.84
C ASP B 148 -3.45 -7.36 18.60
N THR B 149 -4.74 -7.45 18.29
CA THR B 149 -5.21 -8.38 17.29
C THR B 149 -6.00 -7.74 16.15
N LYS B 150 -6.37 -6.47 16.25
CA LYS B 150 -7.31 -5.93 15.28
C LYS B 150 -7.13 -4.42 15.15
N LYS B 151 -7.13 -3.94 13.91
CA LYS B 151 -7.22 -2.50 13.66
C LYS B 151 -8.67 -2.07 13.82
N ILE B 152 -8.93 -1.20 14.78
CA ILE B 152 -10.29 -0.82 15.16
C ILE B 152 -10.76 0.39 14.38
N SER B 153 -9.98 1.47 14.41
CA SER B 153 -10.26 2.62 13.56
C SER B 153 -9.71 2.38 12.17
N ALA B 154 -10.50 2.76 11.15
CA ALA B 154 -10.00 2.69 9.79
C ALA B 154 -8.85 3.67 9.53
N VAL B 155 -8.66 4.67 10.40
CA VAL B 155 -7.46 5.51 10.30
C VAL B 155 -6.20 4.65 10.38
N SER B 156 -6.22 3.62 11.23
CA SER B 156 -5.08 2.71 11.36
C SER B 156 -4.99 1.69 10.23
N ILE B 157 -6.03 1.58 9.40
CA ILE B 157 -5.96 0.75 8.20
C ILE B 157 -5.28 1.51 7.07
N PHE B 158 -5.72 2.75 6.82
CA PHE B 158 -5.22 3.49 5.68
C PHE B 158 -3.96 4.29 5.97
N PHE B 159 -3.65 4.52 7.25
CA PHE B 159 -2.45 5.22 7.66
C PHE B 159 -1.75 4.41 8.74
N GLU B 160 -0.50 4.77 9.03
CA GLU B 160 0.30 4.06 10.01
C GLU B 160 0.35 4.86 11.30
N THR B 161 -0.32 4.35 12.34
CA THR B 161 -0.50 5.12 13.57
C THR B 161 0.37 4.56 14.70
N MET B 162 0.73 5.45 15.64
CA MET B 162 1.43 5.05 16.85
C MET B 162 0.96 5.97 17.95
N PRO B 163 0.62 5.45 19.13
CA PRO B 163 0.14 6.32 20.22
C PRO B 163 1.26 6.98 21.00
N TYR B 164 0.91 8.11 21.62
CA TYR B 164 1.65 8.58 22.78
C TYR B 164 0.75 8.49 24.01
N ARG B 165 1.36 8.56 25.19
CA ARG B 165 0.71 8.12 26.41
C ARG B 165 0.79 9.20 27.49
N LEU B 166 -0.04 9.00 28.51
CA LEU B 166 0.08 9.75 29.75
C LEU B 166 1.23 9.23 30.59
N ASP B 167 1.76 10.10 31.43
CA ASP B 167 2.54 9.67 32.58
C ASP B 167 1.56 9.09 33.58
N GLU B 168 1.59 7.77 33.79
CA GLU B 168 0.58 7.17 34.64
C GLU B 168 0.69 7.65 36.09
N ASN B 169 1.84 8.18 36.49
CA ASN B 169 2.00 8.69 37.85
C ASN B 169 1.29 10.04 38.04
N THR B 170 1.30 10.89 37.02
CA THR B 170 0.75 12.24 37.16
C THR B 170 -0.60 12.43 36.49
N GLY B 171 -0.95 11.61 35.52
CA GLY B 171 -2.15 11.82 34.75
C GLY B 171 -2.05 12.87 33.67
N TYR B 172 -0.88 13.47 33.49
CA TYR B 172 -0.64 14.41 32.40
C TYR B 172 0.07 13.69 31.26
N ILE B 173 -0.09 14.23 30.05
CA ILE B 173 0.61 13.70 28.89
C ILE B 173 2.11 13.67 29.15
N ASP B 174 2.74 12.56 28.78
CA ASP B 174 4.19 12.43 28.92
C ASP B 174 4.83 13.01 27.65
N TYR B 175 5.06 14.32 27.67
CA TYR B 175 5.61 14.98 26.48
C TYR B 175 7.05 14.54 26.20
N ASP B 176 7.83 14.25 27.24
CA ASP B 176 9.18 13.76 27.02
C ASP B 176 9.17 12.46 26.22
N GLN B 177 8.28 11.54 26.58
CA GLN B 177 8.22 10.26 25.86
C GLN B 177 7.69 10.46 24.45
N LEU B 178 6.70 11.36 24.29
CA LEU B 178 6.21 11.71 22.96
C LEU B 178 7.36 12.16 22.07
N GLU B 179 8.19 13.07 22.58
CA GLU B 179 9.29 13.61 21.78
C GLU B 179 10.28 12.51 21.40
N LYS B 180 10.67 11.66 22.36
CA LYS B 180 11.63 10.61 22.07
C LYS B 180 11.05 9.60 21.09
N SER B 181 9.78 9.22 21.27
N SER B 181 9.77 9.26 21.25
CA SER B 181 9.13 8.30 20.34
CA SER B 181 9.13 8.30 20.36
C SER B 181 9.14 8.87 18.94
C SER B 181 9.03 8.85 18.93
N ALA B 182 8.82 10.16 18.80
CA ALA B 182 8.70 10.76 17.48
C ALA B 182 10.04 10.76 16.73
N VAL B 183 11.17 10.81 17.45
CA VAL B 183 12.46 10.73 16.78
C VAL B 183 12.58 9.42 16.02
N LEU B 184 12.15 8.32 16.63
CA LEU B 184 12.27 7.00 16.01
C LEU B 184 11.18 6.76 14.97
N PHE B 185 9.95 7.18 15.26
CA PHE B 185 8.82 6.84 14.41
C PHE B 185 8.68 7.77 13.21
N ARG B 186 9.19 9.01 13.32
CA ARG B 186 9.13 9.98 12.23
C ARG B 186 7.70 10.22 11.76
N PRO B 187 6.80 10.68 12.62
CA PRO B 187 5.45 11.01 12.16
C PRO B 187 5.46 12.14 11.14
N LYS B 188 4.51 12.05 10.19
CA LYS B 188 4.23 13.17 9.30
C LYS B 188 3.19 14.12 9.86
N LEU B 189 2.46 13.70 10.88
CA LEU B 189 1.40 14.48 11.48
C LEU B 189 1.24 14.02 12.92
N ILE B 190 1.09 14.99 13.83
CA ILE B 190 0.88 14.71 15.25
C ILE B 190 -0.42 15.39 15.66
N VAL B 191 -1.30 14.65 16.31
CA VAL B 191 -2.59 15.18 16.75
C VAL B 191 -2.46 15.64 18.18
N ALA B 192 -2.90 16.86 18.46
CA ALA B 192 -3.04 17.39 19.81
C ALA B 192 -4.52 17.56 20.09
N GLY B 193 -5.12 16.57 20.75
CA GLY B 193 -6.53 16.64 21.07
C GLY B 193 -7.01 15.39 21.76
N ALA B 194 -8.04 15.50 22.58
CA ALA B 194 -8.44 14.38 23.42
C ALA B 194 -9.94 14.38 23.66
N SER B 195 -10.45 13.22 24.06
CA SER B 195 -11.83 13.08 24.48
C SER B 195 -12.00 12.95 25.99
N ALA B 196 -10.98 12.50 26.72
CA ALA B 196 -11.14 12.28 28.15
C ALA B 196 -9.91 12.74 28.91
N TYR B 197 -9.31 13.83 28.46
CA TYR B 197 -8.19 14.47 29.16
C TYR B 197 -8.72 15.67 29.92
N ALA B 198 -8.43 15.74 31.22
CA ALA B 198 -8.97 16.79 32.08
C ALA B 198 -8.06 17.99 32.22
N ARG B 199 -6.95 18.04 31.48
CA ARG B 199 -5.99 19.13 31.61
C ARG B 199 -5.80 19.84 30.27
N LEU B 200 -5.19 21.01 30.34
CA LEU B 200 -4.90 21.78 29.13
C LEU B 200 -3.71 21.20 28.41
N TYR B 201 -3.79 21.18 27.08
CA TYR B 201 -2.67 20.73 26.27
C TYR B 201 -1.51 21.71 26.32
N ASP B 202 -0.29 21.16 26.30
CA ASP B 202 0.91 21.98 26.10
C ASP B 202 1.12 22.11 24.60
N TYR B 203 0.34 23.01 23.98
CA TYR B 203 0.44 23.18 22.53
C TYR B 203 1.82 23.66 22.11
N ALA B 204 2.47 24.46 22.94
CA ALA B 204 3.82 24.92 22.62
C ALA B 204 4.78 23.75 22.49
N ARG B 205 4.66 22.76 23.37
CA ARG B 205 5.55 21.60 23.31
C ARG B 205 5.26 20.75 22.08
N ILE B 206 3.97 20.54 21.77
CA ILE B 206 3.63 19.81 20.55
C ILE B 206 4.21 20.53 19.34
N ARG B 207 4.14 21.87 19.33
CA ARG B 207 4.69 22.64 18.22
C ARG B 207 6.20 22.41 18.09
N LYS B 208 6.90 22.38 19.22
CA LYS B 208 8.34 22.14 19.19
C LYS B 208 8.65 20.78 18.57
N VAL B 209 7.92 19.74 18.97
CA VAL B 209 8.15 18.41 18.43
C VAL B 209 7.80 18.38 16.94
N CYS B 210 6.69 19.00 16.55
CA CYS B 210 6.32 19.03 15.14
C CYS B 210 7.35 19.76 14.30
N ASN B 211 7.90 20.87 14.82
CA ASN B 211 8.93 21.58 14.08
C ASN B 211 10.16 20.70 13.87
N LYS B 212 10.60 20.01 14.92
CA LYS B 212 11.78 19.16 14.80
C LYS B 212 11.55 18.02 13.84
N GLN B 213 10.33 17.48 13.78
CA GLN B 213 10.03 16.35 12.93
C GLN B 213 9.53 16.75 11.54
N LYS B 214 9.38 18.05 11.28
CA LYS B 214 8.73 18.55 10.06
C LYS B 214 7.37 17.87 9.87
N ALA B 215 6.63 17.76 10.96
CA ALA B 215 5.31 17.15 10.98
C ALA B 215 4.23 18.24 11.03
N VAL B 216 3.09 17.97 10.41
CA VAL B 216 1.91 18.81 10.56
C VAL B 216 1.42 18.71 11.99
N MET B 217 1.13 19.86 12.61
CA MET B 217 0.48 19.91 13.92
C MET B 217 -1.03 20.07 13.72
N LEU B 218 -1.78 19.01 13.99
CA LEU B 218 -3.23 19.04 13.97
C LEU B 218 -3.75 19.11 15.40
N ALA B 219 -4.48 20.18 15.72
CA ALA B 219 -5.19 20.27 16.99
C ALA B 219 -6.62 19.85 16.75
N ASP B 220 -7.08 18.83 17.47
CA ASP B 220 -8.48 18.42 17.41
C ASP B 220 -9.13 18.92 18.68
N MET B 221 -9.81 20.07 18.58
CA MET B 221 -10.34 20.75 19.76
C MET B 221 -11.82 20.48 19.98
N ALA B 222 -12.35 19.38 19.42
CA ALA B 222 -13.78 19.08 19.51
C ALA B 222 -14.36 19.32 20.90
N HIS B 223 -13.70 18.80 21.93
CA HIS B 223 -14.28 18.88 23.26
C HIS B 223 -14.25 20.28 23.84
N ILE B 224 -13.28 21.09 23.44
CA ILE B 224 -13.01 22.37 24.11
C ILE B 224 -13.33 23.55 23.23
N SER B 225 -13.90 23.33 22.04
CA SER B 225 -14.02 24.41 21.05
C SER B 225 -14.82 25.60 21.60
N GLY B 226 -15.88 25.34 22.36
CA GLY B 226 -16.65 26.45 22.91
C GLY B 226 -15.88 27.23 23.96
N LEU B 227 -15.09 26.53 24.77
CA LEU B 227 -14.20 27.19 25.72
C LEU B 227 -13.19 28.07 25.00
N VAL B 228 -12.64 27.55 23.89
CA VAL B 228 -11.67 28.31 23.10
C VAL B 228 -12.33 29.54 22.50
N ALA B 229 -13.53 29.36 21.93
CA ALA B 229 -14.22 30.47 21.28
C ALA B 229 -14.50 31.59 22.28
N ALA B 230 -14.87 31.24 23.51
CA ALA B 230 -15.15 32.26 24.51
C ALA B 230 -13.89 32.88 25.12
N GLY B 231 -12.71 32.35 24.79
CA GLY B 231 -11.47 32.87 25.32
C GLY B 231 -11.17 32.51 26.76
N VAL B 232 -11.81 31.48 27.30
CA VAL B 232 -11.63 31.14 28.71
C VAL B 232 -10.55 30.11 28.96
N ILE B 233 -10.01 29.49 27.90
CA ILE B 233 -8.79 28.69 27.99
C ILE B 233 -7.89 29.09 26.83
N PRO B 234 -6.60 28.75 26.88
CA PRO B 234 -5.71 29.11 25.77
C PRO B 234 -6.09 28.43 24.46
N SER B 235 -5.80 29.12 23.36
CA SER B 235 -6.29 28.71 22.05
C SER B 235 -5.27 27.86 21.31
N PRO B 236 -5.66 26.71 20.76
CA PRO B 236 -4.72 25.94 19.92
C PRO B 236 -4.30 26.67 18.65
N PHE B 237 -5.06 27.67 18.22
CA PHE B 237 -4.71 28.42 17.02
C PHE B 237 -3.42 29.22 17.19
N GLU B 238 -2.97 29.41 18.43
CA GLU B 238 -1.67 30.05 18.64
C GLU B 238 -0.53 29.23 18.06
N TYR B 239 -0.71 27.92 17.88
CA TYR B 239 0.41 27.05 17.52
C TYR B 239 0.14 26.13 16.33
N ALA B 240 -1.11 25.68 16.17
CA ALA B 240 -1.38 24.58 15.26
C ALA B 240 -1.32 25.02 13.79
N ASP B 241 -1.07 24.04 12.92
CA ASP B 241 -1.16 24.24 11.47
C ASP B 241 -2.60 24.09 10.99
N VAL B 242 -3.29 23.09 11.53
CA VAL B 242 -4.65 22.73 11.17
C VAL B 242 -5.40 22.49 12.47
N VAL B 243 -6.66 22.88 12.53
CA VAL B 243 -7.49 22.68 13.71
C VAL B 243 -8.81 22.09 13.25
N THR B 244 -9.14 20.90 13.76
CA THR B 244 -10.47 20.35 13.51
C THR B 244 -11.33 20.48 14.76
N THR B 245 -12.64 20.46 14.53
CA THR B 245 -13.57 20.47 15.66
C THR B 245 -14.92 19.95 15.19
N THR B 246 -15.61 19.31 16.12
CA THR B 246 -17.05 19.14 15.97
C THR B 246 -17.75 20.43 16.36
N THR B 247 -19.01 20.53 15.96
CA THR B 247 -19.77 21.73 16.25
C THR B 247 -20.85 21.52 17.30
N HIS B 248 -21.01 20.28 17.80
CA HIS B 248 -22.13 19.91 18.68
C HIS B 248 -21.76 19.70 20.15
N LYS B 249 -20.49 19.81 20.53
CA LYS B 249 -20.13 19.63 21.93
C LYS B 249 -20.14 20.96 22.66
N SER B 250 -19.03 21.38 23.27
CA SER B 250 -19.06 22.64 24.02
C SER B 250 -19.36 23.84 23.13
N LEU B 251 -19.17 23.72 21.81
CA LEU B 251 -19.56 24.82 20.93
C LEU B 251 -21.06 25.08 20.96
N ARG B 252 -21.85 24.03 21.23
CA ARG B 252 -23.30 24.10 21.43
C ARG B 252 -24.05 24.36 20.11
N GLY B 253 -23.51 23.84 19.01
CA GLY B 253 -24.13 23.99 17.72
C GLY B 253 -24.77 22.72 17.21
N PRO B 254 -25.04 22.66 15.90
CA PRO B 254 -25.63 21.45 15.31
C PRO B 254 -24.57 20.37 15.21
N ARG B 255 -25.01 19.17 14.85
CA ARG B 255 -24.05 18.09 14.62
C ARG B 255 -23.34 18.32 13.29
N GLY B 256 -22.02 18.47 13.37
CA GLY B 256 -21.24 18.81 12.20
C GLY B 256 -19.81 19.05 12.59
N ALA B 257 -19.04 19.68 11.71
CA ALA B 257 -17.61 19.84 11.95
C ALA B 257 -17.08 21.01 11.13
N MET B 258 -15.90 21.49 11.54
CA MET B 258 -15.16 22.49 10.80
C MET B 258 -13.69 22.10 10.75
N ILE B 259 -13.03 22.47 9.66
CA ILE B 259 -11.59 22.31 9.52
C ILE B 259 -10.99 23.68 9.24
N PHE B 260 -10.14 24.16 10.16
CA PHE B 260 -9.41 25.40 10.01
C PHE B 260 -7.99 25.09 9.58
N PHE B 261 -7.38 26.00 8.81
CA PHE B 261 -6.02 25.78 8.32
C PHE B 261 -5.34 27.11 8.08
N ARG B 262 -4.02 27.12 8.33
CA ARG B 262 -3.22 28.27 7.95
C ARG B 262 -3.23 28.47 6.44
N LYS B 263 -3.18 29.73 6.03
CA LYS B 263 -3.11 30.09 4.62
C LYS B 263 -2.25 31.34 4.49
N GLY B 264 -1.87 31.65 3.26
CA GLY B 264 -1.03 32.80 3.02
C GLY B 264 0.44 32.49 3.29
N LEU B 265 1.19 33.56 3.52
CA LEU B 265 2.64 33.45 3.66
C LEU B 265 3.01 32.65 4.91
N LYS B 266 3.99 31.75 4.75
CA LYS B 266 4.52 31.05 5.89
C LYS B 266 5.40 31.98 6.72
N GLU B 267 5.74 31.55 7.93
CA GLU B 267 6.71 32.27 8.73
C GLU B 267 8.02 32.42 7.95
N ILE B 268 8.74 33.50 8.27
CA ILE B 268 9.96 33.86 7.54
C ILE B 268 10.92 32.68 7.45
N ASN B 269 11.10 31.96 8.55
CA ASN B 269 12.09 30.90 8.58
C ASN B 269 11.58 29.59 7.99
N LYS B 270 10.35 29.55 7.48
CA LYS B 270 9.81 28.35 6.88
C LYS B 270 9.47 28.51 5.41
N GLN B 271 9.75 29.67 4.81
CA GLN B 271 9.53 29.85 3.37
C GLN B 271 10.66 29.21 2.59
N GLY B 272 10.30 28.53 1.50
CA GLY B 272 11.31 27.87 0.69
C GLY B 272 10.96 27.88 -0.78
N LYS B 273 10.93 26.69 -1.40
CA LYS B 273 10.47 26.59 -2.78
C LYS B 273 9.06 27.16 -2.92
N GLU B 274 8.23 26.98 -1.90
CA GLU B 274 6.97 27.68 -1.79
C GLU B 274 7.03 28.62 -0.59
N VAL B 275 6.57 29.85 -0.78
CA VAL B 275 6.49 30.79 0.32
C VAL B 275 5.14 30.73 1.03
N MET B 276 4.13 30.14 0.39
CA MET B 276 2.77 30.09 0.91
C MET B 276 2.49 28.73 1.55
N TYR B 277 1.61 28.76 2.56
CA TYR B 277 1.09 27.51 3.11
C TYR B 277 0.42 26.69 2.02
N ASP B 278 0.46 25.37 2.20
CA ASP B 278 -0.07 24.41 1.24
C ASP B 278 -1.07 23.50 1.96
N TYR B 279 -2.04 24.10 2.64
CA TYR B 279 -3.11 23.36 3.31
C TYR B 279 -4.48 23.59 2.69
N GLU B 280 -4.76 24.83 2.28
CA GLU B 280 -6.12 25.20 1.90
C GLU B 280 -6.65 24.37 0.73
N ASP B 281 -5.95 24.39 -0.39
CA ASP B 281 -6.44 23.66 -1.56
C ASP B 281 -6.50 22.17 -1.30
N ARG B 282 -5.48 21.63 -0.62
CA ARG B 282 -5.47 20.19 -0.38
C ARG B 282 -6.62 19.78 0.53
N ILE B 283 -6.88 20.54 1.59
CA ILE B 283 -7.96 20.19 2.49
C ILE B 283 -9.31 20.37 1.80
N ASN B 284 -9.52 21.52 1.14
CA ASN B 284 -10.80 21.73 0.47
C ASN B 284 -11.06 20.66 -0.58
N GLN B 285 -10.01 20.22 -1.29
CA GLN B 285 -10.20 19.20 -2.32
C GLN B 285 -10.40 17.81 -1.73
N ALA B 286 -9.81 17.53 -0.56
CA ALA B 286 -10.08 16.25 0.08
C ALA B 286 -11.53 16.16 0.54
N VAL B 287 -12.08 17.28 1.02
CA VAL B 287 -13.49 17.29 1.39
C VAL B 287 -14.37 17.11 0.16
N PHE B 288 -14.14 17.93 -0.86
CA PHE B 288 -14.84 17.77 -2.12
C PHE B 288 -13.89 18.20 -3.22
N PRO B 289 -13.65 17.36 -4.26
CA PRO B 289 -14.36 16.12 -4.61
C PRO B 289 -13.83 14.83 -3.98
N GLY B 290 -12.89 14.93 -3.05
CA GLY B 290 -12.23 13.72 -2.57
C GLY B 290 -13.12 12.72 -1.85
N LEU B 291 -13.83 13.16 -0.81
CA LEU B 291 -14.49 12.24 0.11
C LEU B 291 -15.96 12.53 0.36
N GLN B 292 -16.45 13.73 0.07
CA GLN B 292 -17.86 14.05 0.26
C GLN B 292 -18.46 14.50 -1.07
N GLY B 293 -19.79 14.54 -1.09
CA GLY B 293 -20.56 15.05 -2.21
C GLY B 293 -21.24 16.35 -1.83
N GLY B 294 -22.56 16.38 -1.88
CA GLY B 294 -23.29 17.59 -1.61
C GLY B 294 -23.20 18.04 -0.17
N PRO B 295 -22.83 19.30 0.05
CA PRO B 295 -22.88 19.87 1.42
C PRO B 295 -24.28 19.75 2.01
N HIS B 296 -24.33 19.63 3.34
CA HIS B 296 -25.61 19.61 4.05
C HIS B 296 -25.91 21.04 4.47
N ASN B 297 -26.65 21.76 3.62
CA ASN B 297 -26.78 23.19 3.84
C ASN B 297 -27.69 23.54 4.99
N HIS B 298 -28.58 22.62 5.39
CA HIS B 298 -29.36 22.87 6.60
C HIS B 298 -28.45 22.89 7.82
N THR B 299 -27.51 21.95 7.90
CA THR B 299 -26.54 21.94 8.99
C THR B 299 -25.62 23.16 8.93
N ILE B 300 -25.12 23.51 7.74
CA ILE B 300 -24.25 24.67 7.60
C ILE B 300 -24.95 25.93 8.05
N THR B 301 -26.24 26.07 7.70
CA THR B 301 -27.00 27.25 8.12
C THR B 301 -27.20 27.27 9.63
N GLY B 302 -27.53 26.13 10.23
CA GLY B 302 -27.61 26.06 11.68
C GLY B 302 -26.27 26.36 12.34
N LEU B 303 -25.18 25.95 11.70
CA LEU B 303 -23.85 26.23 12.24
C LEU B 303 -23.57 27.73 12.23
N ALA B 304 -23.97 28.43 11.16
CA ALA B 304 -23.81 29.88 11.13
C ALA B 304 -24.53 30.52 12.33
N VAL B 305 -25.73 30.03 12.66
CA VAL B 305 -26.46 30.54 13.81
C VAL B 305 -25.69 30.30 15.10
N ALA B 306 -25.19 29.08 15.28
CA ALA B 306 -24.45 28.75 16.50
C ALA B 306 -23.19 29.60 16.63
N LEU B 307 -22.53 29.91 15.51
CA LEU B 307 -21.29 30.68 15.57
C LEU B 307 -21.56 32.14 15.92
N LYS B 308 -22.71 32.70 15.50
CA LYS B 308 -23.07 34.03 15.96
C LYS B 308 -23.34 34.04 17.46
N GLN B 309 -24.01 33.00 17.97
CA GLN B 309 -24.26 32.91 19.40
C GLN B 309 -22.96 32.82 20.19
N ALA B 310 -21.92 32.23 19.60
CA ALA B 310 -20.65 32.05 20.29
C ALA B 310 -19.92 33.37 20.55
N ARG B 311 -20.34 34.47 19.93
CA ARG B 311 -19.71 35.77 20.10
C ARG B 311 -20.23 36.57 21.30
N THR B 312 -21.33 36.14 21.91
CA THR B 312 -22.03 37.04 22.82
C THR B 312 -21.43 37.02 24.22
N PRO B 313 -21.67 38.07 25.01
CA PRO B 313 -21.25 38.03 26.41
C PRO B 313 -21.95 36.93 27.19
N GLU B 314 -23.21 36.64 26.85
CA GLU B 314 -23.93 35.55 27.51
C GLU B 314 -23.22 34.22 27.29
N TYR B 315 -22.70 34.00 26.08
CA TYR B 315 -22.00 32.77 25.77
C TYR B 315 -20.69 32.68 26.54
N LYS B 316 -19.96 33.80 26.65
CA LYS B 316 -18.74 33.79 27.44
C LYS B 316 -19.03 33.50 28.90
N ALA B 317 -20.08 34.12 29.45
CA ALA B 317 -20.49 33.83 30.82
C ALA B 317 -20.82 32.35 30.98
N TYR B 318 -21.49 31.77 29.96
CA TYR B 318 -21.81 30.35 30.00
C TYR B 318 -20.54 29.49 30.09
N GLN B 319 -19.55 29.76 29.24
CA GLN B 319 -18.34 28.94 29.26
C GLN B 319 -17.53 29.16 30.53
N ASP B 320 -17.52 30.39 31.05
N ASP B 320 -17.55 30.39 31.07
CA ASP B 320 -16.93 30.62 32.37
CA ASP B 320 -16.92 30.61 32.37
C ASP B 320 -17.61 29.75 33.42
C ASP B 320 -17.61 29.79 33.45
N GLN B 321 -18.94 29.68 33.39
CA GLN B 321 -19.67 28.86 34.36
C GLN B 321 -19.37 27.37 34.16
N VAL B 322 -19.18 26.94 32.91
CA VAL B 322 -18.81 25.56 32.65
C VAL B 322 -17.54 25.20 33.42
N LEU B 323 -16.53 26.08 33.36
CA LEU B 323 -15.26 25.82 34.03
C LEU B 323 -15.42 25.86 35.55
N ARG B 324 -16.10 26.89 36.08
CA ARG B 324 -16.27 26.98 37.53
C ARG B 324 -17.11 25.83 38.07
N ASN B 325 -18.11 25.40 37.30
CA ASN B 325 -18.90 24.24 37.73
C ASN B 325 -18.04 22.99 37.80
N CYS B 326 -17.18 22.79 36.81
CA CYS B 326 -16.37 21.58 36.81
C CYS B 326 -15.35 21.60 37.93
N SER B 327 -14.76 22.77 38.20
CA SER B 327 -13.84 22.89 39.33
C SER B 327 -14.53 22.56 40.65
N LYS B 328 -15.74 23.08 40.85
CA LYS B 328 -16.48 22.77 42.07
C LYS B 328 -16.83 21.28 42.12
N PHE B 329 -17.27 20.74 40.98
CA PHE B 329 -17.60 19.32 40.88
C PHE B 329 -16.41 18.45 41.30
N ALA B 330 -15.22 18.76 40.77
CA ALA B 330 -14.04 17.99 41.11
C ALA B 330 -13.72 18.07 42.61
N GLU B 331 -13.77 19.28 43.16
CA GLU B 331 -13.50 19.47 44.59
C GLU B 331 -14.45 18.65 45.46
N THR B 332 -15.73 18.63 45.09
CA THR B 332 -16.72 17.89 45.87
C THR B 332 -16.47 16.39 45.76
N LEU B 333 -16.13 15.92 44.56
CA LEU B 333 -15.83 14.50 44.38
C LEU B 333 -14.60 14.09 45.18
N LEU B 334 -13.55 14.90 45.16
CA LEU B 334 -12.35 14.60 45.95
C LEU B 334 -12.67 14.54 47.43
N ALA B 335 -13.48 15.48 47.92
CA ALA B 335 -13.82 15.50 49.33
C ALA B 335 -14.71 14.33 49.73
N LYS B 336 -15.42 13.74 48.78
CA LYS B 336 -16.19 12.52 49.03
C LYS B 336 -15.36 11.26 48.81
N GLY B 337 -14.06 11.41 48.56
CA GLY B 337 -13.14 10.29 48.51
C GLY B 337 -12.82 9.76 47.13
N TYR B 338 -13.38 10.35 46.07
CA TYR B 338 -13.13 9.82 44.75
C TYR B 338 -11.75 10.23 44.24
N ASP B 339 -11.11 9.29 43.52
CA ASP B 339 -9.84 9.54 42.86
C ASP B 339 -10.11 10.08 41.47
N LEU B 340 -9.46 11.19 41.12
CA LEU B 340 -9.59 11.79 39.80
C LEU B 340 -8.29 11.62 39.02
N VAL B 341 -8.39 11.24 37.74
CA VAL B 341 -7.19 11.13 36.92
C VAL B 341 -6.59 12.52 36.77
N SER B 342 -5.30 12.64 37.10
CA SER B 342 -4.53 13.88 37.21
C SER B 342 -4.88 14.66 38.46
N GLY B 343 -5.79 14.16 39.31
CA GLY B 343 -6.08 14.79 40.59
C GLY B 343 -7.00 15.99 40.53
N GLY B 344 -7.56 16.30 39.37
CA GLY B 344 -8.40 17.49 39.25
C GLY B 344 -8.73 17.77 37.80
N THR B 345 -9.00 19.03 37.51
CA THR B 345 -9.41 19.41 36.16
C THR B 345 -9.00 20.85 35.86
N ASP B 346 -8.70 21.10 34.59
CA ASP B 346 -8.57 22.45 34.04
C ASP B 346 -9.65 22.77 33.04
N ASN B 347 -10.60 21.86 32.79
CA ASN B 347 -11.54 22.11 31.70
C ASN B 347 -12.96 21.73 32.10
N HIS B 348 -13.71 21.17 31.17
CA HIS B 348 -15.14 20.92 31.31
C HIS B 348 -15.46 19.52 31.81
N LEU B 349 -14.45 18.66 32.06
CA LEU B 349 -14.75 17.28 32.44
C LEU B 349 -13.87 16.82 33.60
N VAL B 350 -14.28 15.70 34.21
CA VAL B 350 -13.47 14.97 35.17
C VAL B 350 -13.49 13.50 34.77
N LEU B 351 -12.47 12.77 35.21
CA LEU B 351 -12.39 11.33 34.98
C LEU B 351 -12.17 10.67 36.35
N VAL B 352 -13.22 10.05 36.87
CA VAL B 352 -13.14 9.37 38.16
C VAL B 352 -12.56 7.99 37.95
N ASN B 353 -11.50 7.66 38.70
CA ASN B 353 -10.92 6.34 38.71
C ASN B 353 -11.47 5.61 39.93
N LEU B 354 -12.30 4.59 39.69
CA LEU B 354 -12.98 3.89 40.77
C LEU B 354 -12.13 2.81 41.43
N LYS B 355 -10.83 2.73 41.12
CA LYS B 355 -9.99 1.66 41.67
C LYS B 355 -9.98 1.67 43.19
N ASN B 356 -9.87 2.85 43.81
CA ASN B 356 -9.82 2.92 45.27
C ASN B 356 -11.15 2.54 45.92
N LYS B 357 -12.20 2.28 45.14
CA LYS B 357 -13.50 1.92 45.67
C LYS B 357 -13.86 0.45 45.50
N GLY B 358 -13.08 -0.32 44.75
CA GLY B 358 -13.36 -1.73 44.61
C GLY B 358 -14.51 -2.07 43.69
N ILE B 359 -14.78 -1.24 42.68
CA ILE B 359 -15.84 -1.51 41.72
C ILE B 359 -15.43 -0.87 40.40
N ASP B 360 -15.93 -1.44 39.29
CA ASP B 360 -15.52 -0.94 37.98
C ASP B 360 -16.59 -0.04 37.38
N GLY B 361 -16.26 0.54 36.23
CA GLY B 361 -17.14 1.51 35.62
C GLY B 361 -18.40 0.91 35.05
N SER B 362 -18.32 -0.33 34.57
CA SER B 362 -19.51 -1.00 34.01
C SER B 362 -20.60 -1.12 35.06
N ARG B 363 -20.24 -1.56 36.27
CA ARG B 363 -21.23 -1.72 37.33
C ARG B 363 -21.83 -0.38 37.76
N VAL B 364 -20.99 0.63 37.95
CA VAL B 364 -21.49 1.93 38.40
C VAL B 364 -22.37 2.57 37.34
N GLU B 365 -21.97 2.50 36.06
CA GLU B 365 -22.77 3.13 35.02
C GLU B 365 -24.16 2.49 34.89
N LYS B 366 -24.27 1.18 35.15
CA LYS B 366 -25.58 0.53 35.10
C LYS B 366 -26.52 1.12 36.13
N VAL B 367 -26.01 1.42 37.33
CA VAL B 367 -26.85 2.07 38.34
C VAL B 367 -27.15 3.51 37.95
N LEU B 368 -26.14 4.25 37.48
CA LEU B 368 -26.36 5.62 37.03
C LEU B 368 -27.50 5.68 36.02
N GLU B 369 -27.48 4.77 35.03
CA GLU B 369 -28.53 4.76 34.02
C GLU B 369 -29.91 4.57 34.64
N LEU B 370 -30.01 3.68 35.63
CA LEU B 370 -31.30 3.40 36.26
C LEU B 370 -31.79 4.55 37.14
N VAL B 371 -30.90 5.43 37.61
CA VAL B 371 -31.32 6.59 38.38
C VAL B 371 -31.31 7.86 37.53
N HIS B 372 -31.28 7.70 36.20
N HIS B 372 -31.30 7.72 36.20
CA HIS B 372 -31.39 8.78 35.23
CA HIS B 372 -31.44 8.84 35.25
C HIS B 372 -30.25 9.77 35.37
C HIS B 372 -30.23 9.77 35.27
N ILE B 373 -29.04 9.24 35.55
CA ILE B 373 -27.80 9.99 35.43
C ILE B 373 -27.06 9.43 34.22
N ALA B 374 -26.86 10.27 33.20
CA ALA B 374 -26.24 9.85 31.96
C ALA B 374 -24.76 10.20 32.03
N ALA B 375 -23.92 9.16 32.06
CA ALA B 375 -22.47 9.31 32.04
C ALA B 375 -21.93 8.20 31.16
N ASN B 376 -20.61 8.02 31.14
CA ASN B 376 -20.08 6.87 30.42
C ASN B 376 -18.97 6.21 31.23
N LYS B 377 -18.99 4.89 31.27
CA LYS B 377 -17.82 4.16 31.72
C LYS B 377 -16.65 4.49 30.81
N ASN B 378 -15.45 4.52 31.38
CA ASN B 378 -14.31 5.07 30.68
C ASN B 378 -13.05 4.41 31.19
N THR B 379 -12.18 4.01 30.27
CA THR B 379 -10.88 3.48 30.66
C THR B 379 -10.10 4.52 31.47
N VAL B 380 -9.33 4.03 32.43
CA VAL B 380 -8.41 4.87 33.20
C VAL B 380 -7.03 4.28 33.06
N PRO B 381 -5.98 5.09 33.24
CA PRO B 381 -4.62 4.54 33.28
C PRO B 381 -4.52 3.48 34.37
N GLY B 382 -3.86 2.37 34.04
CA GLY B 382 -3.70 1.26 34.95
C GLY B 382 -4.68 0.12 34.71
N ASP B 383 -5.76 0.36 33.98
CA ASP B 383 -6.67 -0.72 33.61
C ASP B 383 -5.92 -1.81 32.86
N VAL B 384 -6.08 -3.06 33.34
CA VAL B 384 -5.40 -4.17 32.68
C VAL B 384 -6.02 -4.47 31.32
N SER B 385 -7.34 -4.25 31.19
CA SER B 385 -8.07 -4.55 29.97
C SER B 385 -8.91 -3.36 29.56
N ALA B 386 -9.01 -3.12 28.25
CA ALA B 386 -9.82 -2.03 27.72
C ALA B 386 -11.28 -2.40 27.55
N MET B 387 -11.66 -3.66 27.78
CA MET B 387 -13.05 -4.05 27.81
C MET B 387 -13.67 -3.92 29.19
N VAL B 388 -12.83 -3.77 30.22
CA VAL B 388 -13.28 -3.63 31.60
C VAL B 388 -12.85 -2.25 32.09
N PRO B 389 -13.55 -1.18 31.71
CA PRO B 389 -13.11 0.16 32.12
C PRO B 389 -13.28 0.37 33.61
N GLY B 390 -12.26 0.99 34.21
CA GLY B 390 -12.26 1.23 35.64
C GLY B 390 -12.73 2.60 36.09
N GLY B 391 -13.27 3.42 35.19
CA GLY B 391 -13.58 4.79 35.54
C GLY B 391 -14.94 5.23 35.03
N ILE B 392 -15.30 6.45 35.42
CA ILE B 392 -16.50 7.13 34.95
C ILE B 392 -16.11 8.54 34.51
N ARG B 393 -16.53 8.93 33.31
CA ARG B 393 -16.26 10.26 32.79
C ARG B 393 -17.53 11.11 32.92
N MET B 394 -17.39 12.34 33.42
CA MET B 394 -18.50 13.24 33.63
C MET B 394 -18.05 14.66 33.34
N GLY B 395 -18.98 15.50 32.89
CA GLY B 395 -18.65 16.89 32.62
C GLY B 395 -19.83 17.82 32.77
N THR B 396 -19.54 19.12 32.64
CA THR B 396 -20.52 20.15 32.97
C THR B 396 -21.23 20.87 31.81
N PRO B 397 -20.83 20.76 30.53
CA PRO B 397 -21.49 21.59 29.50
C PRO B 397 -23.02 21.52 29.47
N ALA B 398 -23.59 20.31 29.49
CA ALA B 398 -25.03 20.20 29.22
C ALA B 398 -25.87 20.77 30.36
N LEU B 399 -25.57 20.38 31.60
CA LEU B 399 -26.38 20.91 32.69
C LEU B 399 -26.10 22.38 32.95
N THR B 400 -24.88 22.85 32.66
CA THR B 400 -24.63 24.29 32.77
C THR B 400 -25.51 25.06 31.79
N SER B 401 -25.75 24.50 30.60
CA SER B 401 -26.65 25.14 29.65
C SER B 401 -28.06 25.31 30.22
N ARG B 402 -28.49 24.40 31.09
CA ARG B 402 -29.81 24.51 31.72
C ARG B 402 -29.80 25.41 32.96
N GLY B 403 -28.65 25.96 33.33
CA GLY B 403 -28.58 26.86 34.46
C GLY B 403 -28.06 26.27 35.76
N PHE B 404 -27.51 25.06 35.73
CA PHE B 404 -26.84 24.54 36.92
C PHE B 404 -25.65 25.43 37.27
N ILE B 405 -25.52 25.79 38.54
CA ILE B 405 -24.34 26.52 38.99
C ILE B 405 -23.60 25.66 40.02
N GLU B 406 -22.65 26.28 40.75
CA GLU B 406 -21.68 25.49 41.51
C GLU B 406 -22.36 24.61 42.55
N GLU B 407 -23.31 25.17 43.31
CA GLU B 407 -23.99 24.37 44.33
C GLU B 407 -24.82 23.26 43.70
N ASP B 408 -25.28 23.46 42.46
CA ASP B 408 -26.04 22.40 41.81
C ASP B 408 -25.14 21.23 41.45
N PHE B 409 -23.89 21.51 41.03
CA PHE B 409 -23.00 20.40 40.74
C PHE B 409 -22.45 19.75 42.01
N ALA B 410 -22.44 20.45 43.14
CA ALA B 410 -22.20 19.76 44.40
C ALA B 410 -23.29 18.73 44.66
N LYS B 411 -24.54 19.06 44.33
CA LYS B 411 -25.62 18.11 44.45
C LYS B 411 -25.47 16.96 43.47
N VAL B 412 -25.04 17.25 42.23
CA VAL B 412 -24.78 16.19 41.27
C VAL B 412 -23.76 15.20 41.83
N ALA B 413 -22.68 15.71 42.44
CA ALA B 413 -21.66 14.82 43.01
C ALA B 413 -22.23 13.99 44.15
N GLU B 414 -23.10 14.60 44.97
CA GLU B 414 -23.76 13.87 46.04
C GLU B 414 -24.57 12.70 45.49
N TYR B 415 -25.34 12.94 44.43
CA TYR B 415 -26.19 11.88 43.89
C TYR B 415 -25.36 10.83 43.14
N PHE B 416 -24.28 11.24 42.48
CA PHE B 416 -23.33 10.27 41.95
C PHE B 416 -22.80 9.37 43.07
N ASP B 417 -22.41 9.98 44.19
CA ASP B 417 -21.89 9.21 45.32
C ASP B 417 -22.92 8.21 45.83
N LEU B 418 -24.19 8.61 45.96
CA LEU B 418 -25.23 7.69 46.39
C LEU B 418 -25.41 6.54 45.40
N ALA B 419 -25.23 6.80 44.11
CA ALA B 419 -25.35 5.74 43.11
C ALA B 419 -24.21 4.75 43.23
N VAL B 420 -22.98 5.24 43.45
CA VAL B 420 -21.86 4.31 43.67
C VAL B 420 -22.11 3.44 44.89
N LYS B 421 -22.65 4.03 45.96
CA LYS B 421 -22.93 3.24 47.16
C LYS B 421 -23.94 2.14 46.87
N ILE B 422 -24.94 2.42 46.03
CA ILE B 422 -25.89 1.39 45.64
C ILE B 422 -25.21 0.32 44.81
N ALA B 423 -24.35 0.73 43.89
CA ALA B 423 -23.61 -0.24 43.07
C ALA B 423 -22.77 -1.16 43.96
N LEU B 424 -22.17 -0.60 45.01
CA LEU B 424 -21.38 -1.42 45.93
C LEU B 424 -22.26 -2.41 46.68
N LYS B 425 -23.47 -2.00 47.05
CA LYS B 425 -24.40 -2.93 47.69
C LYS B 425 -24.81 -4.05 46.75
N ILE B 426 -25.11 -3.71 45.48
CA ILE B 426 -25.45 -4.75 44.52
C ILE B 426 -24.29 -5.73 44.35
N LYS B 427 -23.07 -5.21 44.33
CA LYS B 427 -21.90 -6.08 44.26
C LYS B 427 -21.80 -6.97 45.49
N ALA B 428 -22.04 -6.39 46.68
CA ALA B 428 -21.92 -7.16 47.92
C ALA B 428 -22.99 -8.24 48.01
N GLU B 429 -24.20 -7.97 47.52
CA GLU B 429 -25.25 -8.97 47.48
C GLU B 429 -25.12 -9.92 46.30
N SER B 430 -24.20 -9.65 45.38
CA SER B 430 -24.07 -10.48 44.19
C SER B 430 -23.44 -11.82 44.55
N GLN B 431 -24.04 -12.91 44.06
CA GLN B 431 -23.52 -14.24 44.36
C GLN B 431 -22.19 -14.48 43.66
N GLY B 432 -22.19 -14.47 42.34
CA GLY B 432 -20.98 -14.66 41.58
C GLY B 432 -20.16 -13.39 41.44
N THR B 433 -19.04 -13.53 40.73
CA THR B 433 -18.12 -12.42 40.52
C THR B 433 -18.31 -11.72 39.19
N LYS B 434 -19.16 -12.25 38.31
CA LYS B 434 -19.25 -11.74 36.95
C LYS B 434 -20.37 -10.71 36.82
N LEU B 435 -20.31 -9.96 35.71
CA LEU B 435 -21.25 -8.86 35.50
C LEU B 435 -22.67 -9.36 35.32
N LYS B 436 -22.85 -10.58 34.80
CA LYS B 436 -24.19 -11.15 34.68
C LYS B 436 -24.81 -11.36 36.05
N ASP B 437 -23.99 -11.71 37.06
CA ASP B 437 -24.52 -11.88 38.40
C ASP B 437 -24.87 -10.53 39.04
N PHE B 438 -24.05 -9.50 38.76
CA PHE B 438 -24.37 -8.15 39.21
C PHE B 438 -25.71 -7.69 38.65
N VAL B 439 -25.89 -7.84 37.33
CA VAL B 439 -27.15 -7.45 36.69
C VAL B 439 -28.31 -8.26 37.24
N ALA B 440 -28.09 -9.55 37.50
CA ALA B 440 -29.13 -10.40 38.07
C ALA B 440 -29.57 -9.88 39.44
N THR B 441 -28.60 -9.57 40.30
CA THR B 441 -28.92 -8.94 41.59
C THR B 441 -29.63 -7.62 41.38
N MET B 442 -29.16 -6.83 40.42
CA MET B 442 -29.68 -5.48 40.19
C MET B 442 -31.14 -5.49 39.77
N GLN B 443 -31.61 -6.59 39.18
CA GLN B 443 -32.96 -6.65 38.64
C GLN B 443 -33.90 -7.53 39.46
N SER B 444 -33.39 -8.24 40.48
CA SER B 444 -34.21 -9.12 41.29
C SER B 444 -34.27 -8.73 42.76
N ASN B 445 -33.33 -7.93 43.26
CA ASN B 445 -33.32 -7.54 44.67
C ASN B 445 -34.30 -6.39 44.87
N GLU B 446 -35.35 -6.62 45.66
CA GLU B 446 -36.39 -5.61 45.80
C GLU B 446 -35.92 -4.43 46.64
N LYS B 447 -35.13 -4.69 47.68
CA LYS B 447 -34.64 -3.61 48.53
C LYS B 447 -33.78 -2.63 47.73
N LEU B 448 -32.85 -3.15 46.94
CA LEU B 448 -31.98 -2.28 46.16
C LEU B 448 -32.72 -1.65 44.98
N GLN B 449 -33.72 -2.35 44.43
CA GLN B 449 -34.58 -1.73 43.43
C GLN B 449 -35.32 -0.53 44.03
N SER B 450 -35.70 -0.62 45.30
CA SER B 450 -36.35 0.51 45.95
C SER B 450 -35.39 1.66 46.17
N GLU B 451 -34.13 1.37 46.52
CA GLU B 451 -33.15 2.44 46.72
C GLU B 451 -32.85 3.14 45.41
N MET B 452 -32.75 2.39 44.31
CA MET B 452 -32.56 3.02 43.01
C MET B 452 -33.78 3.84 42.62
N SER B 453 -34.99 3.37 42.95
CA SER B 453 -36.20 4.14 42.65
C SER B 453 -36.19 5.46 43.40
N LYS B 454 -35.82 5.45 44.69
CA LYS B 454 -35.78 6.68 45.46
C LYS B 454 -34.75 7.64 44.92
N LEU B 455 -33.55 7.13 44.58
CA LEU B 455 -32.52 8.00 44.03
C LEU B 455 -32.93 8.57 42.68
N ARG B 456 -33.60 7.76 41.85
CA ARG B 456 -34.10 8.25 40.57
C ARG B 456 -35.07 9.41 40.77
N GLU B 457 -35.96 9.29 41.76
CA GLU B 457 -36.90 10.37 42.06
C GLU B 457 -36.18 11.62 42.51
N MET B 458 -35.11 11.46 43.30
CA MET B 458 -34.34 12.61 43.76
C MET B 458 -33.66 13.32 42.59
N VAL B 459 -33.02 12.55 41.70
CA VAL B 459 -32.42 13.12 40.50
C VAL B 459 -33.46 13.88 39.70
N GLU B 460 -34.60 13.23 39.41
CA GLU B 460 -35.59 13.84 38.54
C GLU B 460 -36.20 15.09 39.16
N GLU B 461 -36.50 15.06 40.47
CA GLU B 461 -37.07 16.23 41.11
C GLU B 461 -36.11 17.42 41.03
N TYR B 462 -34.81 17.16 41.18
CA TYR B 462 -33.84 18.24 41.12
C TYR B 462 -33.73 18.79 39.69
N ALA B 463 -33.63 17.89 38.71
CA ALA B 463 -33.41 18.32 37.33
C ALA B 463 -34.64 19.03 36.77
N LYS B 464 -35.86 18.60 37.15
CA LYS B 464 -37.08 19.18 36.61
C LYS B 464 -37.22 20.66 36.93
N GLN B 465 -36.58 21.16 37.99
CA GLN B 465 -36.75 22.55 38.38
C GLN B 465 -36.13 23.51 37.38
N PHE B 466 -35.20 23.03 36.55
CA PHE B 466 -34.42 23.89 35.66
C PHE B 466 -35.12 24.04 34.31
N PRO B 467 -34.87 25.14 33.63
CA PRO B 467 -35.49 25.37 32.32
C PRO B 467 -35.16 24.25 31.35
N THR B 468 -36.11 23.97 30.46
CA THR B 468 -35.83 23.15 29.30
C THR B 468 -35.21 24.00 28.21
N ILE B 469 -34.31 23.40 27.43
CA ILE B 469 -33.56 24.10 26.40
C ILE B 469 -34.03 23.61 25.03
N GLY B 470 -34.53 24.54 24.22
CA GLY B 470 -34.91 24.23 22.85
C GLY B 470 -36.38 23.94 22.65
N PHE B 471 -37.16 23.87 23.74
CA PHE B 471 -38.59 23.62 23.69
C PHE B 471 -39.18 24.11 25.00
N GLU B 472 -40.50 24.27 25.01
CA GLU B 472 -41.18 24.80 26.19
C GLU B 472 -41.81 23.67 27.00
N LYS B 473 -41.71 23.78 28.33
CA LYS B 473 -42.33 22.80 29.23
C LYS B 473 -43.84 22.75 29.04
N GLU B 474 -44.45 23.88 28.74
CA GLU B 474 -45.91 24.00 28.78
C GLU B 474 -46.57 23.17 27.69
N THR B 475 -45.88 22.91 26.58
CA THR B 475 -46.46 22.13 25.50
C THR B 475 -45.92 20.71 25.44
N MET B 476 -45.14 20.28 26.43
CA MET B 476 -44.67 18.90 26.47
C MET B 476 -45.84 17.95 26.66
N ARG B 477 -45.77 16.81 25.96
CA ARG B 477 -46.77 15.77 26.15
C ARG B 477 -46.63 15.10 27.51
N TYR B 478 -45.40 14.89 27.96
CA TYR B 478 -45.13 14.13 29.19
C TYR B 478 -44.65 15.09 30.27
N LYS B 479 -45.60 15.57 31.09
CA LYS B 479 -45.35 16.55 32.13
C LYS B 479 -45.17 15.95 33.51
N GLU B 480 -45.35 14.64 33.66
CA GLU B 480 -45.22 14.02 34.97
C GLU B 480 -43.84 13.37 35.12
N SER C 6 32.40 -22.03 -40.60
CA SER C 6 31.80 -21.24 -39.54
C SER C 6 31.52 -22.08 -38.31
N ARG C 7 30.93 -23.27 -38.53
CA ARG C 7 30.60 -24.17 -37.43
C ARG C 7 31.83 -24.45 -36.58
N SER C 8 32.89 -24.96 -37.21
CA SER C 8 34.14 -25.19 -36.49
C SER C 8 34.66 -23.91 -35.85
N SER C 9 34.32 -22.75 -36.43
CA SER C 9 34.82 -21.48 -35.92
C SER C 9 34.24 -21.16 -34.56
N TRP C 10 32.92 -21.28 -34.38
CA TRP C 10 32.39 -20.94 -33.06
C TRP C 10 32.61 -22.06 -32.04
N ILE C 11 32.79 -23.31 -32.48
CA ILE C 11 33.16 -24.37 -31.54
C ILE C 11 34.51 -24.08 -30.90
N LYS C 12 35.49 -23.70 -31.72
CA LYS C 12 36.82 -23.36 -31.20
C LYS C 12 36.73 -22.22 -30.20
N GLN C 13 35.94 -21.20 -30.50
CA GLN C 13 35.77 -20.07 -29.60
C GLN C 13 35.19 -20.50 -28.26
N LEU C 14 34.24 -21.43 -28.27
CA LEU C 14 33.58 -21.86 -27.05
C LEU C 14 34.49 -22.71 -26.16
N ASN C 15 35.48 -23.39 -26.74
CA ASN C 15 36.32 -24.29 -25.96
C ASN C 15 37.69 -23.73 -25.67
N ALA C 16 37.99 -22.51 -26.14
CA ALA C 16 39.29 -21.92 -25.92
C ALA C 16 39.42 -21.37 -24.49
N SER C 17 40.66 -21.33 -24.01
CA SER C 17 40.93 -20.83 -22.67
C SER C 17 40.71 -19.32 -22.59
N LEU C 18 40.58 -18.84 -21.36
CA LEU C 18 40.46 -17.40 -21.12
C LEU C 18 41.70 -16.66 -21.62
N ASP C 19 42.88 -17.23 -21.40
CA ASP C 19 44.11 -16.62 -21.90
C ASP C 19 44.05 -16.38 -23.41
N GLU C 20 43.46 -17.33 -24.15
CA GLU C 20 43.39 -17.20 -25.60
C GLU C 20 42.29 -16.23 -26.03
N ILE C 21 41.13 -16.31 -25.39
CA ILE C 21 39.96 -15.58 -25.86
C ILE C 21 40.01 -14.11 -25.43
N ASP C 22 40.47 -13.84 -24.21
CA ASP C 22 40.30 -12.51 -23.61
C ASP C 22 41.51 -12.17 -22.77
N PRO C 23 42.64 -11.82 -23.42
CA PRO C 23 43.85 -11.47 -22.66
C PRO C 23 43.65 -10.30 -21.72
N GLU C 24 42.79 -9.35 -22.06
CA GLU C 24 42.59 -8.22 -21.15
C GLU C 24 41.96 -8.67 -19.84
N VAL C 25 40.92 -9.50 -19.91
CA VAL C 25 40.32 -10.01 -18.68
C VAL C 25 41.29 -10.92 -17.94
N ALA C 26 42.03 -11.77 -18.66
CA ALA C 26 43.01 -12.61 -18.00
C ALA C 26 44.02 -11.78 -17.20
N ASP C 27 44.47 -10.67 -17.79
CA ASP C 27 45.42 -9.80 -17.10
C ASP C 27 44.80 -9.14 -15.88
N ILE C 28 43.52 -8.74 -15.97
CA ILE C 28 42.86 -8.15 -14.80
C ILE C 28 42.84 -9.15 -13.66
N ILE C 29 42.53 -10.42 -13.97
CA ILE C 29 42.50 -11.44 -12.91
C ILE C 29 43.89 -11.64 -12.33
N GLU C 30 44.94 -11.61 -13.17
CA GLU C 30 46.30 -11.73 -12.65
C GLU C 30 46.67 -10.56 -11.74
N LEU C 31 46.22 -9.35 -12.09
CA LEU C 31 46.47 -8.21 -11.23
C LEU C 31 45.76 -8.36 -9.89
N GLU C 32 44.52 -8.87 -9.92
CA GLU C 32 43.77 -9.08 -8.69
C GLU C 32 44.39 -10.19 -7.83
N LYS C 33 44.91 -11.25 -8.47
CA LYS C 33 45.64 -12.26 -7.71
C LYS C 33 46.81 -11.63 -6.97
N ALA C 34 47.59 -10.80 -7.66
CA ALA C 34 48.72 -10.15 -7.01
C ALA C 34 48.26 -9.23 -5.90
N ARG C 35 47.12 -8.55 -6.08
CA ARG C 35 46.60 -7.68 -5.02
C ARG C 35 46.23 -8.48 -3.78
N GLN C 36 45.61 -9.64 -3.96
CA GLN C 36 45.23 -10.48 -2.83
C GLN C 36 46.44 -11.10 -2.15
N TRP C 37 47.53 -11.29 -2.90
CA TRP C 37 48.76 -11.86 -2.34
C TRP C 37 49.52 -10.83 -1.51
N LYS C 38 49.62 -9.59 -1.99
CA LYS C 38 50.56 -8.61 -1.42
C LYS C 38 49.94 -7.67 -0.39
N GLY C 39 48.65 -7.78 -0.06
CA GLY C 39 48.01 -6.81 0.80
C GLY C 39 47.50 -7.38 2.12
N PHE C 40 47.17 -6.45 3.02
CA PHE C 40 46.43 -6.77 4.25
C PHE C 40 44.95 -6.59 3.93
N GLU C 41 44.25 -7.69 3.70
CA GLU C 41 42.81 -7.65 3.40
C GLU C 41 42.04 -7.71 4.71
N LEU C 42 41.62 -6.54 5.21
CA LEU C 42 41.02 -6.42 6.53
C LEU C 42 39.52 -6.15 6.51
N ILE C 43 38.91 -6.07 5.34
CA ILE C 43 37.46 -5.87 5.29
C ILE C 43 36.82 -7.12 5.91
N PRO C 44 36.06 -6.99 7.00
CA PRO C 44 35.65 -8.19 7.76
C PRO C 44 34.60 -9.03 7.09
N SER C 45 33.98 -8.53 6.02
CA SER C 45 33.03 -9.28 5.20
C SER C 45 33.71 -10.02 4.06
N GLU C 46 35.01 -9.90 3.92
CA GLU C 46 35.73 -10.58 2.86
C GLU C 46 36.45 -11.80 3.40
N ASN C 47 36.65 -12.77 2.52
CA ASN C 47 37.40 -13.97 2.82
C ASN C 47 38.05 -14.42 1.52
N PHE C 48 38.83 -15.50 1.59
CA PHE C 48 39.41 -16.13 0.41
C PHE C 48 38.79 -17.52 0.30
N THR C 49 37.98 -17.76 -0.72
CA THR C 49 37.33 -19.06 -0.79
C THR C 49 38.26 -20.08 -1.44
N SER C 50 37.89 -21.35 -1.28
CA SER C 50 38.76 -22.45 -1.66
C SER C 50 38.77 -22.66 -3.17
N LEU C 51 39.85 -23.29 -3.63
CA LEU C 51 39.92 -23.72 -5.03
C LEU C 51 38.75 -24.63 -5.39
N SER C 52 38.41 -25.57 -4.50
CA SER C 52 37.35 -26.52 -4.83
C SER C 52 36.00 -25.84 -5.01
N VAL C 53 35.69 -24.84 -4.17
CA VAL C 53 34.47 -24.06 -4.37
C VAL C 53 34.50 -23.39 -5.75
N MET C 54 35.62 -22.73 -6.07
CA MET C 54 35.71 -22.01 -7.35
C MET C 54 35.60 -22.95 -8.54
N GLN C 55 36.14 -24.17 -8.41
CA GLN C 55 36.01 -25.12 -9.52
C GLN C 55 34.56 -25.53 -9.73
N ALA C 56 33.79 -25.66 -8.64
CA ALA C 56 32.37 -25.96 -8.78
C ALA C 56 31.60 -24.78 -9.34
N VAL C 57 31.89 -23.57 -8.86
CA VAL C 57 31.20 -22.39 -9.35
C VAL C 57 31.52 -22.16 -10.83
N GLY C 58 32.74 -22.50 -11.26
CA GLY C 58 33.09 -22.38 -12.67
C GLY C 58 32.87 -23.65 -13.48
N SER C 59 31.82 -24.40 -13.19
CA SER C 59 31.55 -25.67 -13.86
C SER C 59 30.29 -25.58 -14.75
N VAL C 60 30.04 -26.65 -15.51
CA VAL C 60 28.91 -26.68 -16.42
C VAL C 60 27.57 -26.83 -15.70
N MET C 61 27.59 -26.86 -14.36
CA MET C 61 26.32 -26.81 -13.63
C MET C 61 25.56 -25.53 -13.96
N THR C 62 26.24 -24.51 -14.44
CA THR C 62 25.61 -23.24 -14.80
C THR C 62 24.64 -23.37 -15.98
N ASN C 63 24.72 -24.46 -16.77
CA ASN C 63 23.96 -24.50 -18.02
C ASN C 63 22.49 -24.87 -17.85
N LYS C 64 22.13 -25.54 -16.77
CA LYS C 64 20.79 -26.12 -16.64
C LYS C 64 19.77 -25.13 -16.06
N TYR C 65 18.56 -25.14 -16.63
CA TYR C 65 17.43 -24.42 -16.05
C TYR C 65 16.67 -25.37 -15.15
N SER C 66 16.51 -25.00 -13.88
N SER C 66 16.46 -24.95 -13.90
CA SER C 66 15.92 -25.91 -12.90
CA SER C 66 15.97 -25.87 -12.88
C SER C 66 14.97 -25.17 -11.97
C SER C 66 14.96 -25.19 -11.97
N GLU C 67 14.10 -24.35 -12.55
CA GLU C 67 13.05 -23.71 -11.77
C GLU C 67 12.26 -24.74 -10.98
N GLY C 68 11.96 -24.41 -9.73
CA GLY C 68 11.29 -25.32 -8.82
C GLY C 68 12.25 -25.84 -7.78
N TYR C 69 12.00 -27.04 -7.26
CA TYR C 69 12.76 -27.61 -6.17
C TYR C 69 13.03 -29.08 -6.50
N PRO C 70 14.01 -29.70 -5.83
CA PRO C 70 14.35 -31.09 -6.19
C PRO C 70 13.14 -31.99 -6.18
N GLY C 71 13.01 -32.79 -7.24
CA GLY C 71 11.86 -33.67 -7.41
C GLY C 71 10.57 -32.97 -7.74
N ALA C 72 10.57 -31.64 -7.83
CA ALA C 72 9.40 -30.84 -8.18
C ALA C 72 9.84 -29.72 -9.11
N ARG C 73 10.51 -30.08 -10.20
CA ARG C 73 11.00 -29.14 -11.19
C ARG C 73 9.98 -28.95 -12.30
N TYR C 74 10.03 -27.79 -12.94
CA TYR C 74 9.18 -27.58 -14.10
C TYR C 74 9.72 -28.26 -15.35
N TYR C 75 11.04 -28.42 -15.46
CA TYR C 75 11.67 -29.02 -16.62
C TYR C 75 12.31 -30.36 -16.26
N GLY C 76 12.47 -31.19 -17.29
CA GLY C 76 13.20 -32.43 -17.14
C GLY C 76 14.69 -32.22 -17.21
N GLY C 77 15.42 -33.33 -17.17
CA GLY C 77 16.87 -33.29 -17.25
C GLY C 77 17.58 -32.85 -16.00
N ASN C 78 16.88 -32.80 -14.86
CA ASN C 78 17.44 -32.23 -13.65
C ASN C 78 17.88 -33.28 -12.64
N GLU C 79 18.11 -34.53 -13.08
N GLU C 79 18.13 -34.52 -13.09
CA GLU C 79 18.48 -35.59 -12.13
CA GLU C 79 18.47 -35.59 -12.16
C GLU C 79 19.72 -35.20 -11.33
C GLU C 79 19.74 -35.29 -11.36
N TYR C 80 20.75 -34.70 -12.01
CA TYR C 80 22.01 -34.43 -11.33
C TYR C 80 22.01 -33.08 -10.63
N ILE C 81 21.32 -32.09 -11.20
CA ILE C 81 21.08 -30.85 -10.48
C ILE C 81 20.36 -31.15 -9.15
N ASP C 82 19.39 -32.09 -9.17
CA ASP C 82 18.70 -32.45 -7.94
C ASP C 82 19.64 -33.09 -6.92
N MET C 83 20.56 -33.95 -7.38
CA MET C 83 21.55 -34.51 -6.46
C MET C 83 22.32 -33.41 -5.76
N ALA C 84 22.71 -32.37 -6.51
CA ALA C 84 23.53 -31.31 -5.94
C ALA C 84 22.72 -30.44 -4.97
N GLU C 85 21.51 -30.03 -5.36
CA GLU C 85 20.73 -29.16 -4.48
C GLU C 85 20.31 -29.89 -3.21
N THR C 86 19.86 -31.14 -3.32
CA THR C 86 19.49 -31.91 -2.13
C THR C 86 20.69 -32.11 -1.21
N LEU C 87 21.84 -32.48 -1.79
CA LEU C 87 23.06 -32.59 -1.01
C LEU C 87 23.39 -31.26 -0.31
N CYS C 88 23.24 -30.15 -1.04
CA CYS C 88 23.51 -28.85 -0.46
C CYS C 88 22.60 -28.58 0.74
N GLN C 89 21.30 -28.85 0.58
CA GLN C 89 20.35 -28.63 1.67
C GLN C 89 20.71 -29.46 2.89
N LYS C 90 21.00 -30.75 2.69
CA LYS C 90 21.26 -31.59 3.85
C LYS C 90 22.58 -31.22 4.51
N ARG C 91 23.59 -30.85 3.71
CA ARG C 91 24.84 -30.37 4.29
C ARG C 91 24.66 -29.04 5.00
N ALA C 92 23.73 -28.20 4.53
CA ALA C 92 23.48 -26.93 5.21
C ALA C 92 22.95 -27.16 6.61
N LEU C 93 21.97 -28.04 6.76
CA LEU C 93 21.45 -28.33 8.09
C LEU C 93 22.53 -28.95 8.98
N GLU C 94 23.36 -29.86 8.42
CA GLU C 94 24.42 -30.45 9.21
C GLU C 94 25.47 -29.43 9.64
N ALA C 95 25.74 -28.43 8.80
CA ALA C 95 26.76 -27.45 9.13
C ALA C 95 26.41 -26.68 10.38
N PHE C 96 25.12 -26.56 10.70
CA PHE C 96 24.68 -25.84 11.88
C PHE C 96 24.06 -26.78 12.91
N GLN C 97 24.28 -28.09 12.75
CA GLN C 97 23.83 -29.13 13.69
C GLN C 97 22.33 -29.03 13.95
N LEU C 98 21.56 -28.84 12.88
CA LEU C 98 20.12 -28.65 12.99
C LEU C 98 19.37 -29.96 12.80
N ASP C 99 18.33 -30.15 13.61
CA ASP C 99 17.42 -31.28 13.46
C ASP C 99 16.53 -31.04 12.25
N PRO C 100 16.63 -31.85 11.18
CA PRO C 100 15.81 -31.58 9.98
C PRO C 100 14.31 -31.72 10.18
N SER C 101 13.86 -32.33 11.29
CA SER C 101 12.44 -32.29 11.59
C SER C 101 12.00 -30.97 12.22
N LYS C 102 12.94 -30.14 12.67
CA LYS C 102 12.65 -28.84 13.27
C LYS C 102 13.06 -27.67 12.40
N TRP C 103 13.96 -27.89 11.44
CA TRP C 103 14.51 -26.84 10.59
C TRP C 103 14.51 -27.29 9.13
N GLY C 104 14.15 -26.36 8.23
CA GLY C 104 14.33 -26.55 6.82
C GLY C 104 15.20 -25.43 6.27
N VAL C 105 15.60 -25.55 5.01
CA VAL C 105 16.50 -24.57 4.41
C VAL C 105 16.18 -24.40 2.93
N ASN C 106 16.34 -23.17 2.47
CA ASN C 106 16.31 -22.83 1.05
C ASN C 106 17.70 -22.35 0.67
N VAL C 107 18.29 -22.97 -0.36
CA VAL C 107 19.66 -22.64 -0.76
C VAL C 107 19.71 -21.88 -2.09
N GLN C 108 18.56 -21.40 -2.60
CA GLN C 108 18.54 -20.78 -3.92
C GLN C 108 18.67 -19.26 -3.91
N SER C 109 18.54 -18.61 -2.76
N SER C 109 18.53 -18.60 -2.75
CA SER C 109 18.57 -17.15 -2.75
CA SER C 109 18.61 -17.15 -2.72
C SER C 109 19.92 -16.64 -3.24
C SER C 109 19.93 -16.66 -3.28
N LEU C 110 19.89 -15.65 -4.13
CA LEU C 110 21.09 -15.29 -4.88
C LEU C 110 22.13 -14.56 -4.03
N SER C 111 21.73 -13.86 -2.97
CA SER C 111 22.69 -13.14 -2.13
C SER C 111 21.97 -12.71 -0.85
N GLY C 112 22.71 -12.10 0.05
CA GLY C 112 22.16 -11.79 1.37
C GLY C 112 21.05 -10.77 1.32
N SER C 113 21.19 -9.72 0.49
CA SER C 113 20.17 -8.68 0.45
C SER C 113 18.84 -9.20 -0.08
N PRO C 114 18.77 -9.91 -1.21
CA PRO C 114 17.48 -10.47 -1.62
C PRO C 114 16.97 -11.58 -0.70
N ALA C 115 17.85 -12.31 -0.01
CA ALA C 115 17.35 -13.33 0.91
C ALA C 115 16.49 -12.70 2.00
N ASN C 116 16.93 -11.58 2.57
CA ASN C 116 16.11 -10.91 3.57
C ASN C 116 14.80 -10.40 2.96
N PHE C 117 14.87 -9.81 1.75
CA PHE C 117 13.66 -9.33 1.11
C PHE C 117 12.68 -10.47 0.83
N GLN C 118 13.20 -11.65 0.52
CA GLN C 118 12.35 -12.80 0.29
C GLN C 118 11.66 -13.25 1.58
N VAL C 119 12.36 -13.20 2.72
CA VAL C 119 11.71 -13.49 3.99
C VAL C 119 10.58 -12.50 4.26
N TYR C 120 10.84 -11.19 4.06
CA TYR C 120 9.78 -10.23 4.33
C TYR C 120 8.59 -10.49 3.43
N THR C 121 8.85 -10.79 2.15
CA THR C 121 7.78 -11.03 1.20
C THR C 121 6.98 -12.27 1.58
N ALA C 122 7.67 -13.29 2.11
CA ALA C 122 7.01 -14.53 2.53
C ALA C 122 6.08 -14.30 3.70
N LEU C 123 6.50 -13.50 4.68
CA LEU C 123 5.86 -13.51 5.98
C LEU C 123 5.09 -12.24 6.31
N LEU C 124 5.32 -11.15 5.58
CA LEU C 124 4.70 -9.86 5.85
C LEU C 124 3.95 -9.37 4.62
N LYS C 125 2.79 -8.76 4.84
CA LYS C 125 2.12 -8.05 3.77
C LYS C 125 2.84 -6.74 3.51
N PRO C 126 2.71 -6.17 2.32
CA PRO C 126 3.30 -4.84 2.08
C PRO C 126 2.86 -3.87 3.17
N HIS C 127 3.80 -3.02 3.59
CA HIS C 127 3.64 -1.96 4.59
C HIS C 127 3.51 -2.49 6.02
N GLU C 128 3.72 -3.79 6.25
CA GLU C 128 3.79 -4.24 7.63
C GLU C 128 5.17 -3.93 8.23
N ARG C 129 5.27 -4.04 9.55
CA ARG C 129 6.30 -3.34 10.32
C ARG C 129 7.48 -4.23 10.68
N ILE C 130 8.68 -3.67 10.50
CA ILE C 130 9.95 -4.33 10.77
C ILE C 130 10.79 -3.43 11.67
N MET C 131 11.40 -4.01 12.70
CA MET C 131 12.45 -3.34 13.46
C MET C 131 13.78 -4.04 13.26
N ALA C 132 14.85 -3.25 13.25
CA ALA C 132 16.20 -3.76 13.02
C ALA C 132 17.19 -2.73 13.53
N LEU C 133 18.46 -3.16 13.67
CA LEU C 133 19.50 -2.26 14.14
C LEU C 133 19.71 -1.12 13.14
N ASP C 134 19.78 0.11 13.65
CA ASP C 134 19.97 1.29 12.81
C ASP C 134 21.26 1.16 11.99
N LEU C 135 21.19 1.51 10.71
CA LEU C 135 22.37 1.41 9.85
C LEU C 135 23.59 2.13 10.41
N PRO C 136 23.51 3.40 10.85
CA PRO C 136 24.71 4.04 11.40
C PRO C 136 25.16 3.46 12.72
N HIS C 137 24.38 2.56 13.33
CA HIS C 137 24.77 1.89 14.56
C HIS C 137 25.21 0.46 14.33
N GLY C 138 25.47 0.10 13.07
CA GLY C 138 26.00 -1.20 12.73
C GLY C 138 25.05 -2.14 12.02
N GLY C 139 23.87 -1.67 11.63
CA GLY C 139 22.92 -2.49 10.90
C GLY C 139 23.28 -2.64 9.43
N HIS C 140 22.29 -3.07 8.65
CA HIS C 140 22.49 -3.36 7.24
C HIS C 140 21.32 -2.84 6.42
N LEU C 141 21.62 -2.36 5.20
CA LEU C 141 20.60 -1.80 4.33
C LEU C 141 19.43 -2.76 4.10
N SER C 142 19.69 -4.06 4.04
CA SER C 142 18.62 -5.01 3.73
C SER C 142 17.67 -5.22 4.89
N HIS C 143 17.86 -4.53 6.02
CA HIS C 143 16.91 -4.50 7.11
C HIS C 143 16.07 -3.24 7.12
N GLY C 144 16.27 -2.35 6.16
CA GLY C 144 15.59 -1.07 6.15
C GLY C 144 16.56 0.06 6.45
N TYR C 145 16.31 1.21 5.84
CA TYR C 145 17.01 2.45 6.16
C TYR C 145 16.39 3.62 5.43
N GLN C 146 16.10 4.69 6.15
CA GLN C 146 15.70 5.94 5.53
C GLN C 146 16.39 7.09 6.26
N THR C 147 16.69 8.14 5.49
CA THR C 147 17.18 9.39 6.07
C THR C 147 15.99 10.29 6.36
N ASP C 148 16.28 11.50 6.83
CA ASP C 148 15.23 12.49 7.05
C ASP C 148 14.43 12.81 5.79
N THR C 149 15.02 12.58 4.61
CA THR C 149 14.42 13.02 3.36
C THR C 149 14.21 11.93 2.32
N LYS C 150 14.74 10.72 2.52
CA LYS C 150 14.72 9.74 1.45
C LYS C 150 14.74 8.34 2.02
N LYS C 151 13.90 7.47 1.46
CA LYS C 151 13.99 6.04 1.73
C LYS C 151 15.14 5.47 0.90
N ILE C 152 16.17 4.98 1.58
CA ILE C 152 17.38 4.53 0.90
C ILE C 152 17.31 3.06 0.53
N SER C 153 16.95 2.22 1.48
CA SER C 153 16.71 0.83 1.19
C SER C 153 15.29 0.64 0.69
N ALA C 154 15.13 -0.21 -0.33
CA ALA C 154 13.78 -0.49 -0.80
C ALA C 154 12.97 -1.29 0.21
N VAL C 155 13.62 -1.91 1.19
CA VAL C 155 12.88 -2.52 2.30
C VAL C 155 11.99 -1.47 2.97
N SER C 156 12.49 -0.24 3.09
CA SER C 156 11.72 0.84 3.70
C SER C 156 10.69 1.45 2.77
N ILE C 157 10.74 1.12 1.48
CA ILE C 157 9.66 1.49 0.57
C ILE C 157 8.50 0.52 0.70
N PHE C 158 8.79 -0.78 0.63
CA PHE C 158 7.72 -1.76 0.57
C PHE C 158 7.23 -2.18 1.95
N PHE C 159 8.00 -1.93 3.00
CA PHE C 159 7.62 -2.25 4.37
C PHE C 159 7.84 -1.03 5.24
N GLU C 160 7.25 -1.05 6.43
CA GLU C 160 7.36 0.07 7.36
C GLU C 160 8.42 -0.25 8.40
N THR C 161 9.54 0.47 8.36
CA THR C 161 10.69 0.13 9.18
C THR C 161 10.90 1.16 10.29
N MET C 162 11.51 0.70 11.39
CA MET C 162 11.89 1.60 12.48
C MET C 162 13.11 1.00 13.14
N PRO C 163 14.15 1.78 13.41
CA PRO C 163 15.38 1.22 13.97
C PRO C 163 15.33 1.07 15.48
N TYR C 164 16.17 0.17 15.96
CA TYR C 164 16.62 0.22 17.35
C TYR C 164 18.10 0.55 17.36
N ARG C 165 18.57 1.05 18.51
CA ARG C 165 19.84 1.76 18.57
C ARG C 165 20.75 1.18 19.65
N LEU C 166 22.03 1.56 19.55
CA LEU C 166 22.97 1.28 20.61
C LEU C 166 22.74 2.21 21.79
N ASP C 167 23.15 1.74 22.96
CA ASP C 167 23.48 2.63 24.07
C ASP C 167 24.79 3.32 23.72
N GLU C 168 24.74 4.60 23.36
CA GLU C 168 25.98 5.22 22.90
C GLU C 168 27.02 5.35 24.00
N ASN C 169 26.63 5.20 25.26
CA ASN C 169 27.62 5.19 26.35
C ASN C 169 28.44 3.91 26.37
N THR C 170 27.84 2.77 26.05
CA THR C 170 28.54 1.49 26.13
C THR C 170 28.89 0.88 24.78
N GLY C 171 28.21 1.30 23.71
CA GLY C 171 28.41 0.66 22.42
C GLY C 171 27.72 -0.67 22.24
N TYR C 172 26.95 -1.12 23.22
CA TYR C 172 26.13 -2.32 23.08
C TYR C 172 24.71 -1.92 22.72
N ILE C 173 23.99 -2.85 22.08
CA ILE C 173 22.58 -2.61 21.78
C ILE C 173 21.82 -2.30 23.05
N ASP C 174 20.96 -1.28 22.99
CA ASP C 174 20.11 -0.91 24.10
C ASP C 174 18.84 -1.76 24.04
N TYR C 175 18.89 -2.93 24.67
CA TYR C 175 17.75 -3.85 24.61
C TYR C 175 16.55 -3.31 25.37
N ASP C 176 16.78 -2.53 26.43
CA ASP C 176 15.65 -1.94 27.15
C ASP C 176 14.85 -1.02 26.24
N GLN C 177 15.52 -0.16 25.47
CA GLN C 177 14.81 0.73 24.58
C GLN C 177 14.20 -0.02 23.40
N LEU C 178 14.87 -1.07 22.92
CA LEU C 178 14.28 -1.92 21.90
C LEU C 178 12.93 -2.45 22.37
N GLU C 179 12.89 -3.01 23.58
CA GLU C 179 11.65 -3.58 24.09
C GLU C 179 10.56 -2.51 24.22
N LYS C 180 10.92 -1.34 24.76
CA LYS C 180 9.93 -0.29 24.94
C LYS C 180 9.40 0.22 23.61
N SER C 181 10.30 0.45 22.65
N SER C 181 10.28 0.41 22.62
CA SER C 181 9.90 0.85 21.30
CA SER C 181 9.82 0.90 21.33
C SER C 181 8.94 -0.15 20.70
C SER C 181 9.04 -0.16 20.55
N ALA C 182 9.26 -1.44 20.84
CA ALA C 182 8.45 -2.48 20.21
C ALA C 182 7.02 -2.49 20.75
N VAL C 183 6.82 -2.13 22.02
CA VAL C 183 5.47 -2.04 22.56
C VAL C 183 4.66 -1.01 21.78
N LEU C 184 5.26 0.12 21.46
CA LEU C 184 4.56 1.19 20.75
C LEU C 184 4.45 0.92 19.26
N PHE C 185 5.49 0.38 18.65
CA PHE C 185 5.55 0.23 17.20
C PHE C 185 4.89 -1.05 16.71
N ARG C 186 4.76 -2.07 17.56
CA ARG C 186 4.13 -3.32 17.19
C ARG C 186 4.75 -3.94 15.93
N PRO C 187 6.05 -4.21 15.93
CA PRO C 187 6.64 -4.87 14.75
C PRO C 187 6.03 -6.24 14.54
N LYS C 188 5.90 -6.63 13.26
CA LYS C 188 5.55 -8.00 12.91
C LYS C 188 6.79 -8.87 12.77
N LEU C 189 7.96 -8.27 12.67
CA LEU C 189 9.22 -8.98 12.51
C LEU C 189 10.33 -8.12 13.10
N ILE C 190 11.22 -8.75 13.85
CA ILE C 190 12.39 -8.07 14.41
C ILE C 190 13.63 -8.78 13.92
N VAL C 191 14.57 -8.02 13.36
CA VAL C 191 15.83 -8.57 12.86
C VAL C 191 16.89 -8.48 13.95
N ALA C 192 17.58 -9.59 14.19
CA ALA C 192 18.74 -9.69 15.08
C ALA C 192 19.95 -10.00 14.19
N GLY C 193 20.66 -8.96 13.78
CA GLY C 193 21.84 -9.18 12.96
C GLY C 193 22.47 -7.87 12.56
N ALA C 194 23.78 -7.89 12.30
CA ALA C 194 24.51 -6.64 12.15
C ALA C 194 25.70 -6.84 11.23
N SER C 195 26.17 -5.72 10.68
N SER C 195 26.19 -5.71 10.70
CA SER C 195 27.36 -5.71 9.84
CA SER C 195 27.36 -5.71 9.83
C SER C 195 28.58 -5.14 10.53
C SER C 195 28.58 -5.01 10.42
N ALA C 196 28.40 -4.22 11.48
CA ALA C 196 29.52 -3.54 12.12
C ALA C 196 29.33 -3.50 13.63
N TYR C 197 28.87 -4.62 14.19
CA TYR C 197 28.71 -4.77 15.63
C TYR C 197 29.78 -5.75 16.11
N ALA C 198 30.58 -5.33 17.08
CA ALA C 198 31.71 -6.12 17.55
C ALA C 198 31.35 -7.06 18.70
N ARG C 199 30.08 -7.13 19.11
CA ARG C 199 29.71 -7.95 20.26
C ARG C 199 28.69 -9.01 19.85
N LEU C 200 28.50 -9.98 20.74
CA LEU C 200 27.52 -11.03 20.53
C LEU C 200 26.12 -10.51 20.81
N TYR C 201 25.15 -10.96 20.01
CA TYR C 201 23.76 -10.59 20.22
C TYR C 201 23.17 -11.29 21.44
N ASP C 202 22.31 -10.57 22.16
CA ASP C 202 21.49 -11.18 23.21
C ASP C 202 20.24 -11.74 22.54
N TYR C 203 20.41 -12.92 21.91
CA TYR C 203 19.29 -13.53 21.18
C TYR C 203 18.16 -13.90 22.13
N ALA C 204 18.48 -14.30 23.36
CA ALA C 204 17.43 -14.61 24.32
C ALA C 204 16.55 -13.40 24.60
N ARG C 205 17.14 -12.21 24.69
CA ARG C 205 16.36 -11.02 24.94
C ARG C 205 15.49 -10.67 23.74
N ILE C 206 16.03 -10.81 22.52
CA ILE C 206 15.22 -10.59 21.32
C ILE C 206 14.06 -11.56 21.28
N ARG C 207 14.32 -12.82 21.63
CA ARG C 207 13.26 -13.83 21.67
C ARG C 207 12.15 -13.42 22.64
N LYS C 208 12.52 -12.90 23.81
CA LYS C 208 11.53 -12.45 24.77
C LYS C 208 10.66 -11.34 24.20
N VAL C 209 11.29 -10.37 23.53
CA VAL C 209 10.52 -9.28 22.93
C VAL C 209 9.62 -9.80 21.80
N CYS C 210 10.15 -10.69 20.96
CA CYS C 210 9.34 -11.24 19.87
C CYS C 210 8.17 -12.05 20.40
N ASN C 211 8.37 -12.79 21.48
CA ASN C 211 7.25 -13.53 22.07
C ASN C 211 6.16 -12.57 22.55
N LYS C 212 6.56 -11.49 23.24
CA LYS C 212 5.59 -10.53 23.76
C LYS C 212 4.83 -9.84 22.64
N GLN C 213 5.50 -9.56 21.52
CA GLN C 213 4.91 -8.85 20.41
C GLN C 213 4.31 -9.77 19.35
N LYS C 214 4.44 -11.09 19.53
CA LYS C 214 4.03 -12.05 18.50
C LYS C 214 4.66 -11.69 17.16
N ALA C 215 5.93 -11.33 17.20
CA ALA C 215 6.71 -10.99 16.01
C ALA C 215 7.59 -12.16 15.61
N VAL C 216 7.85 -12.26 14.31
CA VAL C 216 8.84 -13.20 13.80
C VAL C 216 10.22 -12.73 14.22
N MET C 217 11.02 -13.64 14.75
CA MET C 217 12.41 -13.36 15.06
C MET C 217 13.27 -13.84 13.90
N LEU C 218 13.85 -12.89 13.16
CA LEU C 218 14.78 -13.18 12.08
C LEU C 218 16.19 -12.88 12.55
N ALA C 219 17.05 -13.89 12.59
CA ALA C 219 18.47 -13.68 12.84
C ALA C 219 19.16 -13.63 11.49
N ASP C 220 19.85 -12.53 11.23
CA ASP C 220 20.66 -12.38 10.01
C ASP C 220 22.11 -12.55 10.44
N MET C 221 22.63 -13.76 10.30
CA MET C 221 23.95 -14.09 10.82
C MET C 221 25.04 -13.99 9.76
N ALA C 222 24.82 -13.23 8.68
CA ALA C 222 25.76 -13.20 7.56
C ALA C 222 27.23 -13.07 8.01
N HIS C 223 27.52 -12.14 8.90
CA HIS C 223 28.92 -11.89 9.27
C HIS C 223 29.51 -13.00 10.11
N ILE C 224 28.70 -13.69 10.90
CA ILE C 224 29.19 -14.61 11.92
C ILE C 224 28.89 -16.06 11.58
N SER C 225 28.38 -16.34 10.38
N SER C 225 28.38 -16.32 10.38
CA SER C 225 27.85 -17.67 10.10
CA SER C 225 27.88 -17.62 9.97
C SER C 225 28.93 -18.76 10.23
C SER C 225 28.92 -18.72 10.20
N GLY C 226 30.17 -18.47 9.80
CA GLY C 226 31.21 -19.47 9.92
C GLY C 226 31.60 -19.73 11.37
N LEU C 227 31.57 -18.68 12.19
CA LEU C 227 31.79 -18.85 13.63
C LEU C 227 30.70 -19.71 14.25
N VAL C 228 29.46 -19.48 13.83
CA VAL C 228 28.34 -20.29 14.32
C VAL C 228 28.50 -21.74 13.87
N ALA C 229 28.82 -21.95 12.58
CA ALA C 229 28.94 -23.31 12.07
C ALA C 229 30.02 -24.09 12.81
N ALA C 230 31.14 -23.44 13.13
CA ALA C 230 32.22 -24.08 13.85
C ALA C 230 31.90 -24.29 15.33
N GLY C 231 30.84 -23.67 15.84
CA GLY C 231 30.50 -23.83 17.24
C GLY C 231 31.38 -23.06 18.18
N VAL C 232 31.97 -21.94 17.73
CA VAL C 232 32.87 -21.17 18.57
C VAL C 232 32.24 -19.89 19.12
N ILE C 233 31.03 -19.55 18.69
CA ILE C 233 30.21 -18.54 19.36
C ILE C 233 28.80 -19.10 19.50
N PRO C 234 27.98 -18.54 20.40
CA PRO C 234 26.62 -19.06 20.57
C PRO C 234 25.80 -18.93 19.30
N SER C 235 24.91 -19.92 19.09
CA SER C 235 24.14 -20.05 17.84
C SER C 235 22.81 -19.32 17.93
N PRO C 236 22.43 -18.54 16.93
CA PRO C 236 21.08 -17.93 16.94
C PRO C 236 19.97 -18.94 16.72
N PHE C 237 20.30 -20.15 16.24
CA PHE C 237 19.26 -21.12 15.94
C PHE C 237 18.53 -21.60 17.20
N GLU C 238 19.14 -21.45 18.37
CA GLU C 238 18.42 -21.80 19.59
C GLU C 238 17.13 -20.99 19.73
N TYR C 239 17.13 -19.75 19.22
CA TYR C 239 16.07 -18.80 19.50
C TYR C 239 15.26 -18.38 18.29
N ALA C 240 15.89 -18.29 17.12
CA ALA C 240 15.28 -17.60 16.00
C ALA C 240 14.17 -18.45 15.36
N ASP C 241 13.23 -17.76 14.72
CA ASP C 241 12.23 -18.40 13.87
C ASP C 241 12.80 -18.68 12.48
N VAL C 242 13.56 -17.72 11.97
CA VAL C 242 14.13 -17.74 10.63
C VAL C 242 15.55 -17.23 10.77
N VAL C 243 16.49 -17.82 10.03
CA VAL C 243 17.88 -17.38 10.02
C VAL C 243 18.30 -17.18 8.57
N THR C 244 18.73 -15.97 8.22
CA THR C 244 19.35 -15.74 6.93
C THR C 244 20.85 -15.62 7.07
N THR C 245 21.54 -15.89 5.97
CA THR C 245 22.99 -15.73 5.96
C THR C 245 23.46 -15.64 4.52
N THR C 246 24.52 -14.86 4.31
CA THR C 246 25.30 -15.02 3.11
C THR C 246 26.19 -16.24 3.24
N THR C 247 26.75 -16.66 2.12
CA THR C 247 27.63 -17.82 2.13
C THR C 247 29.09 -17.46 1.90
N HIS C 248 29.41 -16.17 1.67
CA HIS C 248 30.74 -15.76 1.23
C HIS C 248 31.56 -15.01 2.28
N LYS C 249 31.02 -14.75 3.46
CA LYS C 249 31.79 -14.04 4.47
C LYS C 249 32.56 -15.03 5.33
N SER C 250 32.33 -15.02 6.65
CA SER C 250 33.07 -15.96 7.51
C SER C 250 32.77 -17.41 7.17
N LEU C 251 31.63 -17.71 6.52
CA LEU C 251 31.38 -19.09 6.14
C LEU C 251 32.41 -19.57 5.12
N ARG C 252 32.96 -18.65 4.32
CA ARG C 252 34.07 -18.88 3.39
C ARG C 252 33.64 -19.69 2.17
N GLY C 253 32.39 -19.53 1.75
CA GLY C 253 31.90 -20.18 0.56
C GLY C 253 31.76 -19.25 -0.63
N PRO C 254 30.96 -19.68 -1.61
CA PRO C 254 30.73 -18.83 -2.80
C PRO C 254 29.81 -17.67 -2.44
N ARG C 255 29.70 -16.72 -3.38
CA ARG C 255 28.75 -15.64 -3.19
C ARG C 255 27.32 -16.16 -3.39
N GLY C 256 26.54 -16.09 -2.32
CA GLY C 256 25.21 -16.67 -2.33
C GLY C 256 24.59 -16.48 -0.96
N ALA C 257 23.54 -17.24 -0.68
CA ALA C 257 22.80 -17.06 0.57
C ALA C 257 21.99 -18.30 0.88
N MET C 258 21.60 -18.42 2.16
CA MET C 258 20.71 -19.48 2.61
C MET C 258 19.64 -18.87 3.52
N ILE C 259 18.45 -19.46 3.50
CA ILE C 259 17.36 -19.10 4.41
C ILE C 259 16.96 -20.36 5.16
N PHE C 260 17.14 -20.35 6.48
CA PHE C 260 16.70 -21.41 7.37
C PHE C 260 15.41 -21.01 8.06
N PHE C 261 14.55 -21.99 8.32
CA PHE C 261 13.28 -21.68 8.95
C PHE C 261 12.81 -22.84 9.81
N ARG C 262 12.12 -22.50 10.90
CA ARG C 262 11.50 -23.54 11.71
C ARG C 262 10.38 -24.23 10.94
N LYS C 263 10.19 -25.51 11.23
CA LYS C 263 9.13 -26.31 10.64
C LYS C 263 8.68 -27.32 11.68
N GLY C 264 7.54 -27.96 11.41
CA GLY C 264 7.02 -28.94 12.35
C GLY C 264 6.27 -28.30 13.50
N LEU C 265 6.18 -29.07 14.59
CA LEU C 265 5.38 -28.66 15.74
C LEU C 265 5.99 -27.44 16.43
N LYS C 266 5.18 -26.42 16.66
CA LYS C 266 5.61 -25.25 17.41
C LYS C 266 5.25 -25.33 18.89
N GLU C 267 3.99 -25.55 19.21
CA GLU C 267 3.55 -25.63 20.60
C GLU C 267 2.16 -26.26 20.62
N ILE C 268 1.63 -26.46 21.83
CA ILE C 268 0.27 -26.92 22.05
C ILE C 268 -0.52 -25.75 22.60
N ASN C 269 -1.62 -25.41 21.92
CA ASN C 269 -2.40 -24.25 22.34
C ASN C 269 -3.17 -24.57 23.62
N LYS C 270 -3.97 -23.60 24.07
CA LYS C 270 -4.76 -23.74 25.29
C LYS C 270 -5.83 -24.82 25.20
N GLN C 271 -6.02 -25.44 24.04
CA GLN C 271 -7.09 -26.40 23.82
C GLN C 271 -6.56 -27.81 23.55
N GLY C 272 -5.26 -28.03 23.67
CA GLY C 272 -4.69 -29.33 23.39
C GLY C 272 -4.38 -29.59 21.93
N LYS C 273 -4.53 -28.59 21.06
CA LYS C 273 -4.28 -28.77 19.65
C LYS C 273 -2.82 -28.45 19.33
N GLU C 274 -2.23 -29.23 18.44
CA GLU C 274 -0.92 -28.91 17.91
C GLU C 274 -1.03 -27.73 16.95
N VAL C 275 -0.17 -26.74 17.13
CA VAL C 275 -0.01 -25.66 16.16
C VAL C 275 1.34 -25.84 15.50
N MET C 276 1.35 -25.87 14.18
CA MET C 276 2.54 -26.09 13.40
C MET C 276 3.12 -24.75 12.96
N TYR C 277 4.44 -24.73 12.78
CA TYR C 277 5.07 -23.59 12.15
C TYR C 277 4.55 -23.43 10.74
N ASP C 278 4.48 -22.17 10.30
CA ASP C 278 3.94 -21.83 8.99
C ASP C 278 4.93 -20.88 8.28
N TYR C 279 6.16 -21.35 8.13
CA TYR C 279 7.22 -20.60 7.43
C TYR C 279 7.68 -21.25 6.14
N GLU C 280 7.76 -22.58 6.11
CA GLU C 280 8.46 -23.30 5.05
C GLU C 280 7.84 -23.03 3.67
N ASP C 281 6.55 -23.32 3.51
CA ASP C 281 5.92 -23.12 2.21
C ASP C 281 5.96 -21.66 1.79
N ARG C 282 5.72 -20.75 2.73
N ARG C 282 5.72 -20.75 2.73
CA ARG C 282 5.70 -19.32 2.39
CA ARG C 282 5.70 -19.33 2.37
C ARG C 282 7.07 -18.84 1.93
C ARG C 282 7.08 -18.85 1.91
N ILE C 283 8.13 -19.26 2.60
CA ILE C 283 9.47 -18.82 2.21
C ILE C 283 9.88 -19.47 0.90
N ASN C 284 9.67 -20.78 0.76
CA ASN C 284 10.05 -21.42 -0.50
C ASN C 284 9.31 -20.81 -1.68
N GLN C 285 8.03 -20.48 -1.50
CA GLN C 285 7.26 -19.89 -2.59
C GLN C 285 7.65 -18.44 -2.86
N ALA C 286 8.08 -17.71 -1.82
CA ALA C 286 8.58 -16.35 -2.05
C ALA C 286 9.85 -16.37 -2.90
N VAL C 287 10.73 -17.33 -2.64
CA VAL C 287 11.95 -17.43 -3.46
C VAL C 287 11.59 -17.79 -4.89
N PHE C 288 10.78 -18.84 -5.07
CA PHE C 288 10.31 -19.22 -6.39
C PHE C 288 8.94 -19.86 -6.21
N PRO C 289 7.91 -19.42 -6.95
CA PRO C 289 7.92 -18.49 -8.08
C PRO C 289 7.82 -17.00 -7.74
N GLY C 290 7.93 -16.62 -6.46
CA GLY C 290 7.62 -15.25 -6.08
C GLY C 290 8.59 -14.21 -6.66
N LEU C 291 9.90 -14.40 -6.43
CA LEU C 291 10.87 -13.34 -6.71
C LEU C 291 12.04 -13.74 -7.59
N GLN C 292 12.39 -15.02 -7.67
CA GLN C 292 13.51 -15.46 -8.50
C GLN C 292 13.01 -16.37 -9.59
N GLY C 293 13.89 -16.67 -10.53
CA GLY C 293 13.63 -17.62 -11.60
C GLY C 293 14.49 -18.85 -11.43
N GLY C 294 15.30 -19.16 -12.43
CA GLY C 294 16.12 -20.35 -12.39
C GLY C 294 17.21 -20.24 -11.33
N PRO C 295 17.38 -21.29 -10.53
CA PRO C 295 18.47 -21.31 -9.55
C PRO C 295 19.83 -21.27 -10.23
N HIS C 296 20.82 -20.76 -9.50
CA HIS C 296 22.20 -20.73 -10.01
C HIS C 296 22.88 -21.99 -9.52
N ASN C 297 22.77 -23.06 -10.33
CA ASN C 297 23.19 -24.38 -9.89
C ASN C 297 24.69 -24.46 -9.68
N HIS C 298 25.47 -23.67 -10.40
CA HIS C 298 26.91 -23.65 -10.16
C HIS C 298 27.21 -23.11 -8.77
N THR C 299 26.53 -22.04 -8.35
CA THR C 299 26.74 -21.51 -7.00
C THR C 299 26.27 -22.49 -5.94
N ILE C 300 25.10 -23.11 -6.15
CA ILE C 300 24.57 -24.09 -5.19
C ILE C 300 25.54 -25.27 -5.06
N THR C 301 26.14 -25.68 -6.18
CA THR C 301 27.09 -26.79 -6.11
C THR C 301 28.35 -26.37 -5.34
N GLY C 302 28.86 -25.16 -5.60
CA GLY C 302 29.99 -24.67 -4.82
C GLY C 302 29.64 -24.49 -3.36
N LEU C 303 28.39 -24.11 -3.08
CA LEU C 303 27.95 -24.00 -1.69
C LEU C 303 28.00 -25.35 -0.99
N ALA C 304 27.56 -26.41 -1.68
CA ALA C 304 27.65 -27.75 -1.09
C ALA C 304 29.09 -28.06 -0.69
N VAL C 305 30.05 -27.72 -1.56
CA VAL C 305 31.46 -27.94 -1.25
C VAL C 305 31.85 -27.16 0.01
N ALA C 306 31.47 -25.88 0.07
CA ALA C 306 31.84 -25.04 1.21
C ALA C 306 31.24 -25.57 2.51
N LEU C 307 30.03 -26.14 2.44
CA LEU C 307 29.36 -26.65 3.64
C LEU C 307 30.03 -27.92 4.16
N LYS C 308 30.55 -28.75 3.26
CA LYS C 308 31.33 -29.90 3.71
C LYS C 308 32.59 -29.44 4.44
N GLN C 309 33.26 -28.43 3.90
CA GLN C 309 34.46 -27.92 4.57
C GLN C 309 34.13 -27.37 5.95
N ALA C 310 32.94 -26.78 6.10
CA ALA C 310 32.58 -26.16 7.38
C ALA C 310 32.39 -27.17 8.51
N ARG C 311 32.33 -28.46 8.20
CA ARG C 311 32.18 -29.52 9.21
C ARG C 311 33.50 -30.01 9.77
N THR C 312 34.63 -29.63 9.18
CA THR C 312 35.88 -30.30 9.50
C THR C 312 36.51 -29.74 10.77
N PRO C 313 37.34 -30.54 11.44
CA PRO C 313 38.07 -30.02 12.61
C PRO C 313 38.97 -28.84 12.26
N GLU C 314 39.60 -28.87 11.09
CA GLU C 314 40.50 -27.76 10.76
C GLU C 314 39.72 -26.47 10.51
N TYR C 315 38.48 -26.58 10.02
CA TYR C 315 37.64 -25.39 9.88
C TYR C 315 37.29 -24.81 11.23
N LYS C 316 36.97 -25.65 12.21
CA LYS C 316 36.74 -25.13 13.56
C LYS C 316 37.99 -24.48 14.13
N ALA C 317 39.15 -25.10 13.92
CA ALA C 317 40.40 -24.49 14.36
C ALA C 317 40.60 -23.13 13.71
N TYR C 318 40.28 -23.03 12.41
CA TYR C 318 40.34 -21.76 11.71
C TYR C 318 39.46 -20.70 12.39
N GLN C 319 38.21 -21.04 12.68
CA GLN C 319 37.30 -20.04 13.26
C GLN C 319 37.72 -19.68 14.69
N ASP C 320 38.22 -20.65 15.46
CA ASP C 320 38.78 -20.30 16.77
C ASP C 320 39.95 -19.34 16.63
N GLN C 321 40.76 -19.51 15.59
CA GLN C 321 41.88 -18.59 15.36
C GLN C 321 41.40 -17.21 14.94
N VAL C 322 40.33 -17.15 14.14
CA VAL C 322 39.73 -15.86 13.78
C VAL C 322 39.41 -15.08 15.05
N LEU C 323 38.81 -15.75 16.04
CA LEU C 323 38.44 -15.06 17.29
C LEU C 323 39.66 -14.60 18.07
N ARG C 324 40.65 -15.50 18.23
CA ARG C 324 41.84 -15.14 19.00
C ARG C 324 42.64 -14.05 18.31
N ASN C 325 42.70 -14.08 16.97
CA ASN C 325 43.39 -13.03 16.24
C ASN C 325 42.73 -11.68 16.47
N CYS C 326 41.40 -11.64 16.46
CA CYS C 326 40.72 -10.37 16.62
C CYS C 326 40.89 -9.84 18.04
N SER C 327 40.85 -10.74 19.03
CA SER C 327 41.12 -10.33 20.40
C SER C 327 42.49 -9.70 20.52
N LYS C 328 43.51 -10.35 19.94
CA LYS C 328 44.86 -9.81 19.98
C LYS C 328 44.94 -8.49 19.24
N PHE C 329 44.30 -8.43 18.07
CA PHE C 329 44.24 -7.19 17.28
C PHE C 329 43.65 -6.06 18.11
N ALA C 330 42.49 -6.31 18.74
CA ALA C 330 41.85 -5.31 19.58
C ALA C 330 42.76 -4.88 20.72
N GLU C 331 43.37 -5.86 21.41
CA GLU C 331 44.24 -5.56 22.53
C GLU C 331 45.40 -4.66 22.11
N THR C 332 45.99 -4.94 20.96
CA THR C 332 47.11 -4.15 20.47
C THR C 332 46.67 -2.73 20.11
N LEU C 333 45.53 -2.60 19.44
CA LEU C 333 45.01 -1.28 19.12
C LEU C 333 44.74 -0.46 20.38
N LEU C 334 44.14 -1.08 21.40
CA LEU C 334 43.86 -0.37 22.64
C LEU C 334 45.15 0.09 23.31
N ALA C 335 46.17 -0.78 23.31
CA ALA C 335 47.45 -0.43 23.89
C ALA C 335 48.13 0.72 23.16
N LYS C 336 47.80 0.92 21.88
CA LYS C 336 48.35 2.03 21.12
C LYS C 336 47.47 3.28 21.18
N GLY C 337 46.47 3.30 22.07
CA GLY C 337 45.70 4.49 22.33
C GLY C 337 44.44 4.64 21.52
N TYR C 338 44.07 3.64 20.73
CA TYR C 338 42.85 3.74 19.92
C TYR C 338 41.62 3.43 20.75
N ASP C 339 40.53 4.12 20.41
CA ASP C 339 39.22 3.85 20.98
C ASP C 339 38.49 2.87 20.07
N LEU C 340 37.95 1.81 20.67
CA LEU C 340 37.14 0.84 19.95
C LEU C 340 35.68 1.00 20.37
N VAL C 341 34.77 0.95 19.38
CA VAL C 341 33.35 1.02 19.73
C VAL C 341 33.00 -0.23 20.52
N SER C 342 32.35 -0.02 21.67
CA SER C 342 32.04 -1.01 22.71
C SER C 342 33.29 -1.43 23.50
N GLY C 343 34.46 -0.86 23.22
CA GLY C 343 35.64 -1.11 24.03
C GLY C 343 36.41 -2.36 23.69
N GLY C 344 36.02 -3.09 22.65
CA GLY C 344 36.69 -4.34 22.35
C GLY C 344 35.87 -5.15 21.37
N THR C 345 36.04 -6.47 21.44
CA THR C 345 35.37 -7.33 20.49
C THR C 345 35.10 -8.68 21.11
N ASP C 346 34.05 -9.33 20.63
CA ASP C 346 33.83 -10.73 20.92
C ASP C 346 33.66 -11.54 19.66
N ASN C 347 33.96 -10.97 18.50
CA ASN C 347 33.80 -11.73 17.27
C ASN C 347 35.00 -11.49 16.35
N HIS C 348 34.74 -11.38 15.05
CA HIS C 348 35.75 -11.33 14.03
C HIS C 348 36.14 -9.92 13.60
N LEU C 349 35.53 -8.88 14.18
CA LEU C 349 35.81 -7.53 13.70
C LEU C 349 36.00 -6.57 14.88
N VAL C 350 36.61 -5.42 14.57
CA VAL C 350 36.67 -4.27 15.46
C VAL C 350 36.20 -3.04 14.71
N LEU C 351 35.71 -2.05 15.46
CA LEU C 351 35.35 -0.75 14.90
C LEU C 351 36.13 0.30 15.65
N VAL C 352 37.13 0.89 14.98
CA VAL C 352 37.99 1.91 15.58
C VAL C 352 37.31 3.26 15.42
N ASN C 353 37.14 3.98 16.53
CA ASN C 353 36.60 5.33 16.51
C ASN C 353 37.78 6.29 16.58
N LEU C 354 38.06 6.98 15.47
CA LEU C 354 39.29 7.77 15.34
C LEU C 354 39.18 9.16 15.92
N LYS C 355 38.04 9.54 16.49
CA LYS C 355 37.83 10.94 16.85
C LYS C 355 38.86 11.44 17.87
N ASN C 356 39.25 10.58 18.82
CA ASN C 356 40.23 11.01 19.81
C ASN C 356 41.62 11.20 19.24
N LYS C 357 41.88 10.70 18.03
CA LYS C 357 43.15 10.94 17.37
C LYS C 357 43.14 12.20 16.51
N GLY C 358 41.98 12.86 16.37
CA GLY C 358 41.92 14.09 15.62
C GLY C 358 41.94 13.92 14.12
N ILE C 359 41.38 12.82 13.61
CA ILE C 359 41.31 12.60 12.17
C ILE C 359 40.13 11.66 11.91
N ASP C 360 39.64 11.66 10.68
CA ASP C 360 38.44 10.94 10.30
C ASP C 360 38.77 9.69 9.50
N GLY C 361 37.74 8.88 9.29
CA GLY C 361 37.90 7.63 8.57
C GLY C 361 38.20 7.78 7.09
N SER C 362 37.66 8.83 6.45
CA SER C 362 37.94 9.02 5.03
C SER C 362 39.42 9.27 4.81
N ARG C 363 40.02 10.15 5.62
CA ARG C 363 41.44 10.46 5.46
C ARG C 363 42.31 9.24 5.73
N VAL C 364 42.02 8.51 6.82
CA VAL C 364 42.83 7.35 7.15
C VAL C 364 42.68 6.27 6.08
N GLU C 365 41.46 6.05 5.60
CA GLU C 365 41.26 5.02 4.60
C GLU C 365 42.00 5.32 3.30
N LYS C 366 42.14 6.60 2.95
CA LYS C 366 42.90 6.93 1.74
C LYS C 366 44.36 6.52 1.88
N VAL C 367 44.93 6.72 3.06
CA VAL C 367 46.32 6.30 3.29
C VAL C 367 46.42 4.77 3.29
N LEU C 368 45.48 4.11 3.99
CA LEU C 368 45.49 2.65 4.01
C LEU C 368 45.48 2.08 2.60
N GLU C 369 44.61 2.60 1.74
CA GLU C 369 44.55 2.13 0.36
C GLU C 369 45.91 2.25 -0.33
N LEU C 370 46.60 3.37 -0.12
CA LEU C 370 47.88 3.58 -0.80
C LEU C 370 49.00 2.72 -0.23
N VAL C 371 48.85 2.19 0.97
CA VAL C 371 49.86 1.29 1.53
C VAL C 371 49.39 -0.17 1.47
N HIS C 372 48.35 -0.46 0.68
N HIS C 372 48.34 -0.43 0.68
CA HIS C 372 47.90 -1.83 0.38
CA HIS C 372 47.85 -1.78 0.39
C HIS C 372 47.21 -2.48 1.58
C HIS C 372 47.32 -2.46 1.65
N ILE C 373 46.56 -1.69 2.43
CA ILE C 373 45.73 -2.20 3.51
C ILE C 373 44.29 -1.90 3.11
N ALA C 374 43.50 -2.96 2.89
CA ALA C 374 42.11 -2.82 2.48
C ALA C 374 41.22 -2.86 3.70
N ALA C 375 40.56 -1.74 3.99
CA ALA C 375 39.61 -1.67 5.09
C ALA C 375 38.41 -0.86 4.59
N ASN C 376 37.52 -0.47 5.50
CA ASN C 376 36.51 0.48 5.08
C ASN C 376 36.31 1.56 6.15
N LYS C 377 36.19 2.80 5.69
CA LYS C 377 35.69 3.84 6.57
C LYS C 377 34.27 3.47 6.99
N ASN C 378 33.92 3.84 8.21
CA ASN C 378 32.70 3.34 8.81
C ASN C 378 32.15 4.37 9.77
N THR C 379 30.84 4.56 9.74
N THR C 379 30.84 4.56 9.74
CA THR C 379 30.19 5.43 10.72
CA THR C 379 30.21 5.44 10.72
C THR C 379 30.40 4.88 12.13
C THR C 379 30.42 4.88 12.12
N VAL C 380 30.53 5.79 13.09
CA VAL C 380 30.58 5.40 14.49
C VAL C 380 29.39 6.06 15.17
N PRO C 381 28.86 5.49 16.25
CA PRO C 381 27.80 6.18 16.99
C PRO C 381 28.25 7.58 17.38
N GLY C 382 27.39 8.56 17.12
CA GLY C 382 27.70 9.96 17.34
C GLY C 382 27.99 10.75 16.09
N ASP C 383 28.33 10.08 14.98
CA ASP C 383 28.51 10.78 13.71
C ASP C 383 27.21 11.48 13.31
N VAL C 384 27.33 12.74 12.87
CA VAL C 384 26.14 13.48 12.47
C VAL C 384 25.80 13.31 10.99
N SER C 385 26.77 12.89 10.16
CA SER C 385 26.53 12.66 8.75
C SER C 385 27.11 11.32 8.35
N ALA C 386 26.32 10.52 7.63
CA ALA C 386 26.82 9.25 7.11
C ALA C 386 27.83 9.42 5.99
N MET C 387 28.08 10.66 5.54
CA MET C 387 29.07 10.95 4.52
C MET C 387 30.42 11.38 5.10
N VAL C 388 30.50 11.61 6.41
CA VAL C 388 31.76 11.97 7.05
C VAL C 388 32.06 10.97 8.16
N PRO C 389 32.45 9.74 7.82
CA PRO C 389 32.56 8.70 8.85
C PRO C 389 33.76 8.91 9.76
N GLY C 390 33.55 8.67 11.05
CA GLY C 390 34.60 8.87 12.03
C GLY C 390 35.42 7.64 12.35
N GLY C 391 35.15 6.51 11.72
CA GLY C 391 35.76 5.27 12.10
C GLY C 391 36.32 4.46 10.94
N ILE C 392 37.01 3.38 11.31
CA ILE C 392 37.51 2.37 10.37
C ILE C 392 37.10 1.02 10.90
N ARG C 393 36.55 0.17 10.02
CA ARG C 393 36.16 -1.18 10.35
C ARG C 393 37.19 -2.16 9.80
N MET C 394 37.63 -3.09 10.64
CA MET C 394 38.64 -4.08 10.25
C MET C 394 38.31 -5.41 10.91
N GLY C 395 38.77 -6.50 10.29
CA GLY C 395 38.53 -7.80 10.86
C GLY C 395 39.53 -8.83 10.39
N THR C 396 39.40 -10.03 10.95
CA THR C 396 40.40 -11.08 10.79
C THR C 396 40.11 -12.27 9.87
N PRO C 397 38.88 -12.50 9.37
CA PRO C 397 38.66 -13.74 8.58
C PRO C 397 39.62 -13.95 7.41
N ALA C 398 39.86 -12.94 6.59
CA ALA C 398 40.59 -13.18 5.34
C ALA C 398 42.06 -13.49 5.60
N LEU C 399 42.73 -12.66 6.41
CA LEU C 399 44.15 -12.94 6.67
C LEU C 399 44.34 -14.18 7.52
N THR C 400 43.38 -14.50 8.40
CA THR C 400 43.49 -15.76 9.14
C THR C 400 43.43 -16.95 8.18
N SER C 401 42.64 -16.84 7.11
CA SER C 401 42.61 -17.93 6.14
C SER C 401 43.98 -18.16 5.51
N ARG C 402 44.77 -17.09 5.33
CA ARG C 402 46.12 -17.22 4.80
C ARG C 402 47.13 -17.66 5.84
N GLY C 403 46.74 -17.79 7.10
CA GLY C 403 47.62 -18.29 8.13
C GLY C 403 48.16 -17.26 9.11
N PHE C 404 47.66 -16.01 9.06
CA PHE C 404 48.02 -15.04 10.11
C PHE C 404 47.57 -15.57 11.46
N ILE C 405 48.46 -15.47 12.46
CA ILE C 405 48.09 -15.82 13.83
C ILE C 405 48.29 -14.58 14.71
N GLU C 406 48.30 -14.76 16.03
CA GLU C 406 48.14 -13.60 16.92
C GLU C 406 49.27 -12.59 16.74
N GLU C 407 50.52 -13.07 16.69
CA GLU C 407 51.63 -12.14 16.55
C GLU C 407 51.58 -11.41 15.21
N ASP C 408 50.99 -12.05 14.18
CA ASP C 408 50.88 -11.38 12.90
C ASP C 408 49.85 -10.25 12.95
N PHE C 409 48.75 -10.44 13.69
CA PHE C 409 47.81 -9.35 13.79
C PHE C 409 48.27 -8.24 14.72
N ALA C 410 49.17 -8.55 15.66
CA ALA C 410 49.84 -7.46 16.38
C ALA C 410 50.63 -6.59 15.41
N LYS C 411 51.28 -7.22 14.43
CA LYS C 411 51.99 -6.49 13.38
C LYS C 411 51.03 -5.70 12.50
N VAL C 412 49.87 -6.28 12.16
CA VAL C 412 48.88 -5.55 11.39
C VAL C 412 48.45 -4.28 12.13
N ALA C 413 48.24 -4.39 13.45
CA ALA C 413 47.86 -3.21 14.23
C ALA C 413 48.97 -2.18 14.23
N GLU C 414 50.23 -2.62 14.31
CA GLU C 414 51.35 -1.70 14.24
C GLU C 414 51.36 -0.95 12.91
N TYR C 415 51.15 -1.66 11.79
CA TYR C 415 51.20 -1.01 10.50
C TYR C 415 49.98 -0.10 10.28
N PHE C 416 48.81 -0.49 10.80
CA PHE C 416 47.67 0.42 10.82
C PHE C 416 48.02 1.72 11.53
N ASP C 417 48.65 1.61 12.70
CA ASP C 417 49.03 2.79 13.47
C ASP C 417 50.01 3.67 12.70
N LEU C 418 50.98 3.04 12.03
CA LEU C 418 51.91 3.83 11.21
C LEU C 418 51.17 4.57 10.11
N ALA C 419 50.13 3.94 9.53
CA ALA C 419 49.36 4.62 8.49
C ALA C 419 48.58 5.79 9.06
N VAL C 420 48.01 5.62 10.27
CA VAL C 420 47.30 6.73 10.90
C VAL C 420 48.25 7.89 11.15
N LYS C 421 49.49 7.59 11.58
CA LYS C 421 50.45 8.66 11.81
C LYS C 421 50.78 9.40 10.53
N ILE C 422 50.87 8.70 9.41
CA ILE C 422 51.09 9.36 8.13
C ILE C 422 49.90 10.23 7.76
N ALA C 423 48.68 9.70 7.94
CA ALA C 423 47.49 10.50 7.66
C ALA C 423 47.46 11.78 8.49
N LEU C 424 47.86 11.69 9.77
CA LEU C 424 47.92 12.89 10.60
C LEU C 424 48.95 13.89 10.10
N LYS C 425 50.08 13.40 9.57
CA LYS C 425 51.07 14.29 8.97
C LYS C 425 50.52 14.95 7.71
N ILE C 426 49.79 14.21 6.88
CA ILE C 426 49.20 14.78 5.68
C ILE C 426 48.19 15.85 6.06
N LYS C 427 47.37 15.57 7.07
CA LYS C 427 46.40 16.56 7.53
C LYS C 427 47.10 17.81 8.04
N ALA C 428 48.19 17.64 8.80
CA ALA C 428 48.91 18.80 9.31
C ALA C 428 49.52 19.63 8.20
N GLU C 429 49.97 18.98 7.11
CA GLU C 429 50.58 19.71 6.01
C GLU C 429 49.58 20.27 5.02
N SER C 430 48.32 19.80 5.06
CA SER C 430 47.33 20.22 4.06
C SER C 430 47.08 21.73 4.14
N GLN C 431 47.05 22.36 2.97
CA GLN C 431 46.77 23.80 2.84
C GLN C 431 45.26 24.01 2.74
N GLY C 432 44.59 23.65 3.81
CA GLY C 432 43.15 23.75 3.86
C GLY C 432 42.60 22.63 4.72
N THR C 433 41.27 22.65 4.89
CA THR C 433 40.59 21.70 5.75
C THR C 433 39.75 20.69 4.97
N LYS C 434 39.67 20.83 3.65
CA LYS C 434 38.80 19.98 2.84
C LYS C 434 39.49 18.66 2.51
N LEU C 435 38.65 17.63 2.28
CA LEU C 435 39.19 16.35 1.84
C LEU C 435 40.01 16.49 0.57
N LYS C 436 39.58 17.36 -0.35
CA LYS C 436 40.35 17.52 -1.58
C LYS C 436 41.72 18.16 -1.33
N ASP C 437 41.85 18.96 -0.26
CA ASP C 437 43.16 19.48 0.11
C ASP C 437 44.04 18.38 0.69
N PHE C 438 43.45 17.50 1.51
CA PHE C 438 44.17 16.32 1.99
C PHE C 438 44.68 15.49 0.82
N VAL C 439 43.82 15.25 -0.17
CA VAL C 439 44.21 14.43 -1.32
C VAL C 439 45.32 15.11 -2.11
N ALA C 440 45.22 16.43 -2.31
CA ALA C 440 46.26 17.14 -3.04
C ALA C 440 47.60 17.03 -2.35
N THR C 441 47.62 17.18 -1.02
CA THR C 441 48.85 17.02 -0.27
C THR C 441 49.38 15.60 -0.36
N MET C 442 48.49 14.63 -0.16
CA MET C 442 48.84 13.22 -0.23
C MET C 442 49.49 12.87 -1.56
N GLN C 443 49.14 13.59 -2.63
CA GLN C 443 49.63 13.27 -3.96
C GLN C 443 50.84 14.11 -4.39
N SER C 444 51.11 15.21 -3.71
CA SER C 444 52.18 16.10 -4.11
C SER C 444 53.37 16.16 -3.15
N ASN C 445 53.17 15.80 -1.87
CA ASN C 445 54.22 15.95 -0.87
C ASN C 445 55.23 14.81 -1.03
N GLU C 446 56.46 15.14 -1.43
CA GLU C 446 57.46 14.11 -1.72
C GLU C 446 57.86 13.35 -0.47
N LYS C 447 58.01 14.05 0.67
CA LYS C 447 58.38 13.38 1.91
C LYS C 447 57.29 12.39 2.34
N LEU C 448 56.03 12.81 2.27
CA LEU C 448 54.96 11.94 2.72
C LEU C 448 54.69 10.82 1.72
N GLN C 449 54.90 11.07 0.42
CA GLN C 449 54.83 9.99 -0.55
C GLN C 449 55.92 8.95 -0.28
N SER C 450 57.10 9.40 0.14
N SER C 450 57.10 9.41 0.14
CA SER C 450 58.18 8.47 0.47
CA SER C 450 58.17 8.47 0.47
C SER C 450 57.81 7.63 1.69
C SER C 450 57.80 7.62 1.68
N GLU C 451 57.22 8.24 2.71
CA GLU C 451 56.80 7.49 3.88
C GLU C 451 55.74 6.46 3.52
N MET C 452 54.80 6.83 2.64
CA MET C 452 53.77 5.88 2.23
C MET C 452 54.37 4.74 1.41
N SER C 453 55.33 5.04 0.54
N SER C 453 55.33 5.05 0.53
CA SER C 453 55.97 3.98 -0.23
CA SER C 453 55.98 3.99 -0.23
C SER C 453 56.73 3.02 0.68
C SER C 453 56.71 3.02 0.68
N LYS C 454 57.37 3.54 1.72
CA LYS C 454 58.08 2.68 2.67
C LYS C 454 57.13 1.79 3.43
N LEU C 455 56.01 2.34 3.90
CA LEU C 455 55.03 1.53 4.62
C LEU C 455 54.37 0.52 3.67
N ARG C 456 54.06 0.93 2.45
CA ARG C 456 53.55 -0.01 1.46
C ARG C 456 54.51 -1.18 1.27
N GLU C 457 55.80 -0.90 1.19
CA GLU C 457 56.77 -1.98 1.00
C GLU C 457 56.80 -2.90 2.22
N MET C 458 56.65 -2.34 3.43
CA MET C 458 56.61 -3.16 4.64
C MET C 458 55.38 -4.06 4.66
N VAL C 459 54.22 -3.52 4.30
CA VAL C 459 53.00 -4.33 4.26
C VAL C 459 53.14 -5.46 3.25
N GLU C 460 53.61 -5.13 2.04
CA GLU C 460 53.70 -6.14 0.99
C GLU C 460 54.72 -7.22 1.35
N GLU C 461 55.86 -6.82 1.92
CA GLU C 461 56.87 -7.81 2.31
C GLU C 461 56.33 -8.76 3.37
N TYR C 462 55.52 -8.25 4.30
CA TYR C 462 54.93 -9.10 5.34
C TYR C 462 53.88 -10.03 4.74
N ALA C 463 52.99 -9.48 3.91
CA ALA C 463 51.89 -10.27 3.35
C ALA C 463 52.39 -11.33 2.38
N LYS C 464 53.44 -11.01 1.61
CA LYS C 464 53.91 -11.92 0.55
C LYS C 464 54.40 -13.24 1.11
N GLN C 465 54.82 -13.25 2.36
CA GLN C 465 55.39 -14.49 2.90
C GLN C 465 54.34 -15.54 3.23
N PHE C 466 53.07 -15.18 3.22
CA PHE C 466 52.03 -16.12 3.54
C PHE C 466 51.50 -16.80 2.28
N PRO C 467 50.97 -18.02 2.42
CA PRO C 467 50.44 -18.74 1.25
C PRO C 467 49.36 -17.94 0.53
N THR C 468 49.30 -18.13 -0.78
CA THR C 468 48.15 -17.68 -1.55
C THR C 468 47.03 -18.70 -1.45
N ILE C 469 45.79 -18.21 -1.43
CA ILE C 469 44.61 -19.07 -1.25
C ILE C 469 43.84 -19.12 -2.56
N GLY C 470 43.71 -20.33 -3.12
CA GLY C 470 42.91 -20.55 -4.29
C GLY C 470 43.65 -20.47 -5.61
N PHE C 471 44.94 -20.18 -5.59
CA PHE C 471 45.77 -20.17 -6.79
C PHE C 471 47.21 -20.38 -6.38
N GLU C 472 48.03 -20.79 -7.36
CA GLU C 472 49.44 -21.09 -7.14
C GLU C 472 50.27 -19.82 -7.26
N LYS C 473 51.06 -19.53 -6.23
CA LYS C 473 52.00 -18.42 -6.30
C LYS C 473 52.98 -18.62 -7.46
N GLU C 474 53.40 -19.87 -7.69
CA GLU C 474 54.48 -20.11 -8.64
C GLU C 474 54.08 -19.75 -10.07
N THR C 475 52.80 -19.85 -10.42
CA THR C 475 52.36 -19.59 -11.79
C THR C 475 51.76 -18.20 -11.97
N MET C 476 51.80 -17.34 -10.95
CA MET C 476 51.28 -15.98 -11.09
C MET C 476 52.03 -15.21 -12.15
N ARG C 477 51.31 -14.36 -12.88
CA ARG C 477 51.97 -13.48 -13.84
C ARG C 477 52.78 -12.40 -13.13
N TYR C 478 52.27 -11.86 -12.03
CA TYR C 478 52.87 -10.70 -11.38
C TYR C 478 53.49 -11.15 -10.05
N LYS C 479 54.69 -11.70 -10.14
CA LYS C 479 55.43 -12.21 -8.99
C LYS C 479 56.35 -11.17 -8.36
N GLU C 480 56.43 -9.96 -8.93
CA GLU C 480 57.32 -8.94 -8.40
C GLU C 480 56.60 -8.05 -7.39
N SER D 1 52.38 -27.33 18.17
CA SER D 1 52.22 -28.54 17.36
C SER D 1 50.82 -28.62 16.75
N ASN D 2 49.81 -28.78 17.61
CA ASN D 2 48.44 -28.91 17.13
C ASN D 2 47.95 -27.64 16.44
N ALA D 3 48.31 -26.47 17.00
CA ALA D 3 47.91 -25.20 16.39
C ALA D 3 48.48 -25.06 14.98
N GLU D 4 49.76 -25.40 14.80
CA GLU D 4 50.36 -25.29 13.48
C GLU D 4 49.88 -26.39 12.56
N LYS D 5 49.67 -27.60 13.10
CA LYS D 5 49.08 -28.68 12.32
C LYS D 5 47.71 -28.29 11.77
N SER D 6 46.90 -27.63 12.61
CA SER D 6 45.57 -27.19 12.17
C SER D 6 45.68 -26.14 11.08
N ARG D 7 46.57 -25.15 11.26
CA ARG D 7 46.72 -24.09 10.27
C ARG D 7 47.15 -24.66 8.92
N SER D 8 48.14 -25.54 8.92
CA SER D 8 48.54 -26.22 7.69
C SER D 8 47.37 -26.99 7.10
N SER D 9 46.54 -27.59 7.97
CA SER D 9 45.42 -28.37 7.47
C SER D 9 44.37 -27.49 6.81
N TRP D 10 44.03 -26.33 7.38
CA TRP D 10 42.98 -25.56 6.71
C TRP D 10 43.49 -24.87 5.46
N ILE D 11 44.79 -24.56 5.39
CA ILE D 11 45.34 -24.02 4.16
C ILE D 11 45.36 -25.08 3.06
N LYS D 12 45.74 -26.30 3.42
CA LYS D 12 45.67 -27.40 2.44
C LYS D 12 44.23 -27.58 1.95
N GLN D 13 43.27 -27.49 2.87
CA GLN D 13 41.87 -27.63 2.51
C GLN D 13 41.47 -26.58 1.48
N LEU D 14 41.99 -25.36 1.61
CA LEU D 14 41.61 -24.27 0.73
C LEU D 14 42.24 -24.37 -0.64
N ASN D 15 43.38 -25.06 -0.76
CA ASN D 15 44.10 -25.09 -2.02
C ASN D 15 43.98 -26.41 -2.76
N ALA D 16 43.30 -27.40 -2.18
CA ALA D 16 43.16 -28.68 -2.83
C ALA D 16 42.10 -28.62 -3.94
N SER D 17 42.23 -29.53 -4.90
CA SER D 17 41.27 -29.59 -6.00
C SER D 17 39.94 -30.16 -5.54
N LEU D 18 38.90 -29.86 -6.32
CA LEU D 18 37.57 -30.42 -6.07
C LEU D 18 37.59 -31.94 -6.08
N ASP D 19 38.36 -32.53 -6.99
CA ASP D 19 38.45 -34.00 -7.06
C ASP D 19 38.95 -34.59 -5.75
N GLU D 20 39.89 -33.91 -5.08
CA GLU D 20 40.44 -34.38 -3.83
C GLU D 20 39.54 -34.07 -2.65
N ILE D 21 39.00 -32.85 -2.60
CA ILE D 21 38.26 -32.36 -1.44
C ILE D 21 36.87 -32.96 -1.36
N ASP D 22 36.17 -33.07 -2.49
CA ASP D 22 34.75 -33.40 -2.49
C ASP D 22 34.46 -34.31 -3.67
N PRO D 23 34.91 -35.56 -3.62
CA PRO D 23 34.67 -36.47 -4.74
C PRO D 23 33.19 -36.66 -5.03
N GLU D 24 32.32 -36.55 -4.03
CA GLU D 24 30.89 -36.71 -4.29
C GLU D 24 30.38 -35.62 -5.21
N VAL D 25 30.76 -34.37 -4.95
CA VAL D 25 30.36 -33.28 -5.83
C VAL D 25 31.04 -33.40 -7.19
N ALA D 26 32.33 -33.78 -7.20
CA ALA D 26 33.02 -33.96 -8.49
C ALA D 26 32.31 -34.99 -9.35
N ASP D 27 31.80 -36.06 -8.71
CA ASP D 27 31.09 -37.09 -9.46
C ASP D 27 29.78 -36.58 -10.02
N ILE D 28 29.05 -35.78 -9.25
CA ILE D 28 27.82 -35.18 -9.75
C ILE D 28 28.10 -34.36 -10.99
N ILE D 29 29.14 -33.52 -10.93
CA ILE D 29 29.47 -32.69 -12.09
C ILE D 29 29.83 -33.55 -13.29
N GLU D 30 30.57 -34.64 -13.06
CA GLU D 30 30.93 -35.50 -14.18
C GLU D 30 29.69 -36.17 -14.78
N LEU D 31 28.72 -36.52 -13.93
CA LEU D 31 27.47 -37.08 -14.45
C LEU D 31 26.71 -36.05 -15.27
N GLU D 32 26.72 -34.79 -14.82
CA GLU D 32 26.04 -33.75 -15.57
C GLU D 32 26.75 -33.48 -16.90
N LYS D 33 28.09 -33.53 -16.90
CA LYS D 33 28.83 -33.41 -18.17
C LYS D 33 28.39 -34.49 -19.15
N ALA D 34 28.30 -35.73 -18.70
CA ALA D 34 27.86 -36.81 -19.57
C ALA D 34 26.44 -36.59 -20.06
N ARG D 35 25.58 -36.05 -19.18
CA ARG D 35 24.20 -35.77 -19.58
C ARG D 35 24.15 -34.75 -20.71
N GLN D 36 24.95 -33.68 -20.59
CA GLN D 36 24.98 -32.64 -21.63
C GLN D 36 25.60 -33.15 -22.93
N TRP D 37 26.40 -34.20 -22.86
CA TRP D 37 27.01 -34.79 -24.05
C TRP D 37 26.00 -35.62 -24.86
N LYS D 38 25.04 -36.26 -24.18
CA LYS D 38 24.25 -37.32 -24.80
C LYS D 38 22.85 -36.90 -25.22
N GLY D 39 22.40 -35.70 -24.86
CA GLY D 39 21.00 -35.35 -25.02
C GLY D 39 20.71 -34.42 -26.19
N PHE D 40 19.45 -34.48 -26.65
CA PHE D 40 18.90 -33.46 -27.55
C PHE D 40 18.32 -32.37 -26.65
N GLU D 41 19.07 -31.28 -26.48
CA GLU D 41 18.67 -30.22 -25.56
C GLU D 41 17.91 -29.17 -26.37
N LEU D 42 16.58 -29.24 -26.35
CA LEU D 42 15.73 -28.36 -27.15
C LEU D 42 15.01 -27.31 -26.31
N ILE D 43 15.29 -27.23 -25.01
CA ILE D 43 14.66 -26.19 -24.22
C ILE D 43 15.24 -24.85 -24.69
N PRO D 44 14.41 -23.93 -25.20
CA PRO D 44 14.97 -22.78 -25.92
C PRO D 44 15.65 -21.75 -25.03
N SER D 45 15.47 -21.83 -23.72
CA SER D 45 16.17 -20.96 -22.79
C SER D 45 17.52 -21.51 -22.37
N GLU D 46 17.88 -22.73 -22.78
CA GLU D 46 19.13 -23.30 -22.34
C GLU D 46 20.21 -23.14 -23.41
N ASN D 47 21.46 -23.16 -22.96
CA ASN D 47 22.61 -23.02 -23.85
C ASN D 47 23.81 -23.64 -23.13
N PHE D 48 24.95 -23.65 -23.83
CA PHE D 48 26.21 -24.16 -23.29
C PHE D 48 27.22 -23.02 -23.22
N THR D 49 27.66 -22.69 -22.01
CA THR D 49 28.59 -21.59 -21.78
C THR D 49 30.00 -21.96 -22.20
N SER D 50 30.74 -20.96 -22.68
CA SER D 50 32.12 -21.17 -23.10
C SER D 50 33.03 -21.44 -21.89
N LEU D 51 34.15 -22.11 -22.20
CA LEU D 51 35.17 -22.36 -21.18
C LEU D 51 35.71 -21.05 -20.60
N SER D 52 35.94 -20.05 -21.45
CA SER D 52 36.56 -18.82 -20.95
C SER D 52 35.64 -18.08 -19.99
N VAL D 53 34.33 -18.06 -20.26
CA VAL D 53 33.40 -17.48 -19.30
C VAL D 53 33.44 -18.25 -17.98
N MET D 54 33.45 -19.58 -18.05
CA MET D 54 33.45 -20.37 -16.82
C MET D 54 34.73 -20.17 -16.03
N GLN D 55 35.87 -19.96 -16.71
CA GLN D 55 37.11 -19.73 -16.01
C GLN D 55 37.09 -18.40 -15.26
N ALA D 56 36.44 -17.38 -15.85
CA ALA D 56 36.31 -16.11 -15.17
C ALA D 56 35.33 -16.20 -14.00
N VAL D 57 34.20 -16.90 -14.20
CA VAL D 57 33.23 -17.05 -13.13
C VAL D 57 33.82 -17.85 -11.97
N GLY D 58 34.73 -18.79 -12.26
CA GLY D 58 35.39 -19.55 -11.22
C GLY D 58 36.73 -18.99 -10.79
N SER D 59 36.87 -17.66 -10.73
CA SER D 59 38.13 -17.02 -10.40
C SER D 59 38.05 -16.30 -9.05
N VAL D 60 39.20 -15.78 -8.61
CA VAL D 60 39.29 -15.12 -7.31
C VAL D 60 38.60 -13.77 -7.32
N MET D 61 38.01 -13.37 -8.46
CA MET D 61 37.18 -12.16 -8.45
C MET D 61 36.01 -12.30 -7.49
N THR D 62 35.63 -13.54 -7.14
CA THR D 62 34.57 -13.78 -6.18
C THR D 62 34.89 -13.26 -4.79
N ASN D 63 36.16 -13.00 -4.47
CA ASN D 63 36.52 -12.70 -3.09
C ASN D 63 36.24 -11.25 -2.68
N LYS D 64 35.92 -10.36 -3.60
CA LYS D 64 35.94 -8.93 -3.32
C LYS D 64 34.56 -8.35 -3.03
N TYR D 65 34.49 -7.50 -1.99
CA TYR D 65 33.32 -6.64 -1.75
C TYR D 65 33.53 -5.30 -2.44
N SER D 66 32.57 -4.90 -3.27
CA SER D 66 32.74 -3.68 -4.06
C SER D 66 31.43 -2.92 -4.21
N GLU D 67 30.70 -2.75 -3.13
CA GLU D 67 29.45 -1.99 -3.19
C GLU D 67 29.68 -0.59 -3.75
N GLY D 68 28.73 -0.14 -4.55
CA GLY D 68 28.85 1.12 -5.26
C GLY D 68 29.08 0.88 -6.73
N TYR D 69 29.74 1.82 -7.38
CA TYR D 69 29.95 1.79 -8.82
C TYR D 69 31.40 2.16 -9.08
N PRO D 70 31.94 1.83 -10.26
CA PRO D 70 33.37 2.08 -10.51
C PRO D 70 33.77 3.51 -10.20
N GLY D 71 34.89 3.66 -9.49
CA GLY D 71 35.35 4.96 -9.06
C GLY D 71 34.52 5.63 -8.00
N ALA D 72 33.41 5.01 -7.58
CA ALA D 72 32.54 5.54 -6.52
C ALA D 72 32.16 4.40 -5.58
N ARG D 73 33.19 3.74 -5.04
CA ARG D 73 33.01 2.63 -4.14
C ARG D 73 33.01 3.11 -2.70
N TYR D 74 32.52 2.24 -1.82
N TYR D 74 32.46 2.30 -1.81
CA TYR D 74 32.58 2.48 -0.38
CA TYR D 74 32.38 2.72 -0.43
C TYR D 74 33.76 1.78 0.28
C TYR D 74 33.60 2.34 0.40
N TYR D 75 34.30 0.72 -0.31
N TYR D 75 34.50 1.55 -0.16
CA TYR D 75 35.44 -0.01 0.25
CA TYR D 75 35.70 1.13 0.55
C TYR D 75 36.68 0.18 -0.61
C TYR D 75 36.76 0.71 -0.47
N GLY D 76 37.85 0.14 0.03
CA GLY D 76 39.09 0.10 -0.70
C GLY D 76 39.37 -1.24 -1.36
N GLY D 77 40.49 -1.27 -2.09
CA GLY D 77 40.98 -2.46 -2.76
C GLY D 77 40.36 -2.78 -4.11
N ASN D 78 39.62 -1.85 -4.71
CA ASN D 78 38.80 -2.17 -5.87
C ASN D 78 39.39 -1.71 -7.20
N GLU D 79 40.70 -1.45 -7.26
CA GLU D 79 41.31 -0.95 -8.49
C GLU D 79 41.05 -1.90 -9.66
N TYR D 80 41.21 -3.21 -9.44
CA TYR D 80 41.06 -4.17 -10.54
C TYR D 80 39.61 -4.60 -10.74
N ILE D 81 38.84 -4.68 -9.66
CA ILE D 81 37.40 -4.89 -9.81
C ILE D 81 36.79 -3.75 -10.62
N ASP D 82 37.28 -2.52 -10.41
CA ASP D 82 36.79 -1.39 -11.20
C ASP D 82 37.13 -1.57 -12.68
N MET D 83 38.33 -2.05 -12.98
CA MET D 83 38.68 -2.31 -14.37
C MET D 83 37.70 -3.28 -15.01
N ALA D 84 37.36 -4.36 -14.29
CA ALA D 84 36.47 -5.37 -14.84
C ALA D 84 35.06 -4.83 -15.05
N GLU D 85 34.51 -4.12 -14.06
CA GLU D 85 33.14 -3.63 -14.22
C GLU D 85 33.07 -2.56 -15.30
N THR D 86 34.05 -1.65 -15.34
CA THR D 86 34.09 -0.64 -16.39
C THR D 86 34.23 -1.27 -17.76
N LEU D 87 35.08 -2.29 -17.88
CA LEU D 87 35.22 -2.99 -19.16
C LEU D 87 33.92 -3.70 -19.53
N CYS D 88 33.24 -4.28 -18.55
CA CYS D 88 31.98 -4.95 -18.79
C CYS D 88 30.92 -3.98 -19.30
N GLN D 89 30.81 -2.81 -18.67
CA GLN D 89 29.86 -1.81 -19.13
C GLN D 89 30.16 -1.38 -20.56
N LYS D 90 31.45 -1.12 -20.85
CA LYS D 90 31.83 -0.68 -22.18
C LYS D 90 31.47 -1.72 -23.24
N ARG D 91 31.81 -2.98 -22.96
CA ARG D 91 31.49 -4.07 -23.88
C ARG D 91 29.99 -4.31 -23.99
N ALA D 92 29.24 -4.03 -22.93
CA ALA D 92 27.79 -4.21 -23.00
C ALA D 92 27.18 -3.22 -23.98
N LEU D 93 27.59 -1.96 -23.90
CA LEU D 93 27.09 -0.99 -24.87
C LEU D 93 27.55 -1.31 -26.28
N GLU D 94 28.80 -1.77 -26.42
CA GLU D 94 29.31 -2.10 -27.75
C GLU D 94 28.60 -3.30 -28.36
N ALA D 95 28.22 -4.27 -27.53
CA ALA D 95 27.59 -5.48 -28.03
C ALA D 95 26.24 -5.18 -28.69
N PHE D 96 25.59 -4.09 -28.31
CA PHE D 96 24.31 -3.70 -28.89
C PHE D 96 24.41 -2.40 -29.69
N GLN D 97 25.64 -1.98 -29.98
CA GLN D 97 25.92 -0.81 -30.84
C GLN D 97 25.22 0.45 -30.31
N LEU D 98 25.38 0.69 -29.01
CA LEU D 98 24.68 1.77 -28.34
C LEU D 98 25.59 2.96 -28.13
N ASP D 99 25.09 4.15 -28.48
CA ASP D 99 25.79 5.40 -28.19
C ASP D 99 25.81 5.62 -26.68
N PRO D 100 26.99 5.68 -26.04
CA PRO D 100 27.02 5.85 -24.57
C PRO D 100 26.47 7.19 -24.09
N SER D 101 26.34 8.18 -24.96
CA SER D 101 25.66 9.41 -24.57
C SER D 101 24.14 9.25 -24.56
N LYS D 102 23.62 8.19 -25.18
CA LYS D 102 22.19 7.95 -25.24
C LYS D 102 21.75 6.76 -24.41
N TRP D 103 22.67 5.89 -24.01
CA TRP D 103 22.36 4.67 -23.29
C TRP D 103 23.37 4.49 -22.16
N GLY D 104 22.86 4.09 -20.98
CA GLY D 104 23.70 3.59 -19.91
C GLY D 104 23.32 2.15 -19.60
N VAL D 105 24.13 1.52 -18.75
CA VAL D 105 23.92 0.11 -18.43
C VAL D 105 24.33 -0.13 -16.99
N ASN D 106 23.59 -1.03 -16.34
CA ASN D 106 23.92 -1.58 -15.03
C ASN D 106 24.18 -3.07 -15.23
N VAL D 107 25.35 -3.54 -14.82
CA VAL D 107 25.74 -4.93 -15.02
C VAL D 107 25.75 -5.73 -13.72
N GLN D 108 25.18 -5.17 -12.64
CA GLN D 108 25.26 -5.78 -11.32
C GLN D 108 24.05 -6.63 -10.93
N SER D 109 22.93 -6.54 -11.65
N SER D 109 22.93 -6.54 -11.65
CA SER D 109 21.76 -7.27 -11.24
CA SER D 109 21.76 -7.29 -11.29
C SER D 109 21.99 -8.77 -11.34
C SER D 109 22.05 -8.79 -11.32
N LEU D 110 21.57 -9.51 -10.30
CA LEU D 110 22.00 -10.89 -10.13
C LEU D 110 21.36 -11.87 -11.10
N SER D 111 20.19 -11.57 -11.66
CA SER D 111 19.53 -12.49 -12.59
C SER D 111 18.37 -11.75 -13.24
N GLY D 112 17.73 -12.42 -14.20
CA GLY D 112 16.69 -11.76 -14.98
C GLY D 112 15.50 -11.32 -14.13
N SER D 113 15.06 -12.18 -13.19
CA SER D 113 13.86 -11.84 -12.43
C SER D 113 14.08 -10.65 -11.51
N PRO D 114 15.13 -10.60 -10.68
CA PRO D 114 15.33 -9.40 -9.86
C PRO D 114 15.66 -8.17 -10.69
N ALA D 115 16.24 -8.35 -11.89
CA ALA D 115 16.52 -7.19 -12.73
C ALA D 115 15.22 -6.45 -13.06
N ASN D 116 14.17 -7.21 -13.43
CA ASN D 116 12.90 -6.56 -13.71
C ASN D 116 12.32 -5.92 -12.46
N PHE D 117 12.40 -6.61 -11.32
CA PHE D 117 11.87 -6.04 -10.08
C PHE D 117 12.59 -4.74 -9.73
N GLN D 118 13.90 -4.68 -10.01
CA GLN D 118 14.66 -3.47 -9.74
C GLN D 118 14.21 -2.33 -10.64
N VAL D 119 13.89 -2.61 -11.91
CA VAL D 119 13.35 -1.56 -12.77
C VAL D 119 12.03 -1.05 -12.23
N TYR D 120 11.12 -1.96 -11.83
CA TYR D 120 9.84 -1.50 -11.29
C TYR D 120 10.05 -0.67 -10.04
N THR D 121 10.94 -1.10 -9.16
CA THR D 121 11.21 -0.37 -7.93
C THR D 121 11.79 1.01 -8.23
N ALA D 122 12.63 1.10 -9.26
CA ALA D 122 13.24 2.39 -9.63
C ALA D 122 12.20 3.36 -10.17
N LEU D 123 11.26 2.88 -10.98
CA LEU D 123 10.45 3.76 -11.80
C LEU D 123 9.00 3.87 -11.36
N LEU D 124 8.52 2.96 -10.52
CA LEU D 124 7.13 2.90 -10.09
C LEU D 124 7.05 2.95 -8.58
N LYS D 125 6.05 3.67 -8.06
CA LYS D 125 5.72 3.58 -6.65
C LYS D 125 5.01 2.25 -6.38
N PRO D 126 5.05 1.77 -5.14
CA PRO D 126 4.27 0.58 -4.81
C PRO D 126 2.82 0.73 -5.27
N HIS D 127 2.29 -0.36 -5.84
CA HIS D 127 0.92 -0.50 -6.32
C HIS D 127 0.65 0.27 -7.62
N GLU D 128 1.68 0.84 -8.24
CA GLU D 128 1.45 1.41 -9.57
C GLU D 128 1.38 0.28 -10.61
N ARG D 129 0.91 0.62 -11.81
CA ARG D 129 0.34 -0.35 -12.72
C ARG D 129 1.29 -0.79 -13.84
N ILE D 130 1.31 -2.10 -14.09
CA ILE D 130 2.15 -2.74 -15.10
C ILE D 130 1.26 -3.60 -15.99
N MET D 131 1.52 -3.55 -17.31
CA MET D 131 0.93 -4.51 -18.24
C MET D 131 2.04 -5.32 -18.89
N ALA D 132 1.76 -6.60 -19.14
CA ALA D 132 2.74 -7.50 -19.72
C ALA D 132 1.99 -8.67 -20.35
N LEU D 133 2.69 -9.43 -21.19
CA LEU D 133 2.08 -10.58 -21.84
C LEU D 133 1.71 -11.64 -20.81
N ASP D 134 0.48 -12.15 -20.89
CA ASP D 134 0.02 -13.16 -19.93
C ASP D 134 0.96 -14.36 -19.96
N LEU D 135 1.25 -14.89 -18.77
CA LEU D 135 2.19 -16.01 -18.67
C LEU D 135 1.80 -17.18 -19.55
N PRO D 136 0.56 -17.70 -19.53
CA PRO D 136 0.24 -18.82 -20.43
C PRO D 136 0.27 -18.45 -21.90
N HIS D 137 0.30 -17.16 -22.23
CA HIS D 137 0.38 -16.72 -23.61
C HIS D 137 1.80 -16.40 -24.05
N GLY D 138 2.80 -16.74 -23.23
CA GLY D 138 4.19 -16.54 -23.59
C GLY D 138 4.95 -15.55 -22.75
N GLY D 139 4.36 -15.05 -21.67
CA GLY D 139 5.02 -14.08 -20.81
C GLY D 139 5.97 -14.74 -19.83
N HIS D 140 6.28 -14.00 -18.77
CA HIS D 140 7.24 -14.45 -17.76
C HIS D 140 6.77 -14.02 -16.38
N LEU D 141 7.08 -14.86 -15.38
CA LEU D 141 6.62 -14.58 -14.01
C LEU D 141 7.12 -13.24 -13.50
N SER D 142 8.31 -12.81 -13.92
CA SER D 142 8.86 -11.56 -13.41
C SER D 142 8.18 -10.33 -13.99
N HIS D 143 7.17 -10.50 -14.83
CA HIS D 143 6.32 -9.40 -15.26
C HIS D 143 5.03 -9.34 -14.47
N GLY D 144 4.88 -10.19 -13.47
CA GLY D 144 3.62 -10.33 -12.76
C GLY D 144 2.85 -11.55 -13.23
N TYR D 145 2.08 -12.12 -12.31
CA TYR D 145 1.16 -13.21 -12.66
C TYR D 145 0.25 -13.54 -11.48
N GLN D 146 -1.05 -13.61 -11.73
N GLN D 146 -1.05 -13.58 -11.75
CA GLN D 146 -1.98 -14.05 -10.72
CA GLN D 146 -2.03 -14.02 -10.76
C GLN D 146 -3.08 -14.88 -11.36
C GLN D 146 -3.01 -14.97 -11.43
N THR D 147 -3.47 -15.95 -10.68
CA THR D 147 -4.53 -16.84 -11.11
C THR D 147 -5.83 -16.46 -10.41
N ASP D 148 -6.90 -17.19 -10.70
CA ASP D 148 -8.12 -17.03 -9.93
C ASP D 148 -7.88 -17.35 -8.45
N THR D 149 -6.87 -18.18 -8.16
CA THR D 149 -6.60 -18.61 -6.80
C THR D 149 -5.80 -17.57 -6.03
N LYS D 150 -4.65 -17.14 -6.55
CA LYS D 150 -3.76 -16.32 -5.75
C LYS D 150 -2.73 -15.64 -6.65
N LYS D 151 -2.05 -14.66 -6.06
CA LYS D 151 -0.94 -13.99 -6.73
C LYS D 151 0.28 -14.90 -6.69
N ILE D 152 0.84 -15.18 -7.86
CA ILE D 152 1.92 -16.14 -7.97
C ILE D 152 3.27 -15.46 -7.93
N SER D 153 3.45 -14.44 -8.77
CA SER D 153 4.64 -13.62 -8.74
C SER D 153 4.48 -12.51 -7.71
N ALA D 154 5.54 -12.25 -6.95
CA ALA D 154 5.48 -11.13 -6.01
C ALA D 154 5.47 -9.77 -6.71
N VAL D 155 5.75 -9.72 -8.02
CA VAL D 155 5.52 -8.48 -8.75
C VAL D 155 4.07 -8.08 -8.64
N SER D 156 3.15 -9.06 -8.63
CA SER D 156 1.72 -8.78 -8.52
C SER D 156 1.28 -8.46 -7.09
N ILE D 157 2.16 -8.67 -6.11
CA ILE D 157 1.90 -8.25 -4.74
C ILE D 157 2.27 -6.78 -4.54
N PHE D 158 3.47 -6.41 -4.98
CA PHE D 158 3.97 -5.07 -4.73
C PHE D 158 3.53 -4.06 -5.76
N PHE D 159 3.12 -4.52 -6.94
CA PHE D 159 2.63 -3.68 -8.02
C PHE D 159 1.30 -4.23 -8.50
N GLU D 160 0.57 -3.41 -9.27
CA GLU D 160 -0.74 -3.79 -9.77
C GLU D 160 -0.61 -4.19 -11.24
N THR D 161 -0.76 -5.49 -11.52
CA THR D 161 -0.49 -6.00 -12.85
C THR D 161 -1.77 -6.37 -13.59
N MET D 162 -1.70 -6.33 -14.92
CA MET D 162 -2.80 -6.79 -15.77
C MET D 162 -2.19 -7.35 -17.04
N PRO D 163 -2.62 -8.53 -17.49
CA PRO D 163 -2.04 -9.11 -18.70
C PRO D 163 -2.63 -8.54 -19.98
N TYR D 164 -1.84 -8.63 -21.04
CA TYR D 164 -2.40 -8.61 -22.39
C TYR D 164 -2.19 -9.97 -23.03
N ARG D 165 -2.97 -10.27 -24.07
CA ARG D 165 -3.10 -11.64 -24.53
C ARG D 165 -2.89 -11.75 -26.03
N LEU D 166 -2.74 -12.99 -26.48
CA LEU D 166 -2.67 -13.27 -27.91
C LEU D 166 -4.03 -13.13 -28.56
N ASP D 167 -4.01 -12.89 -29.88
CA ASP D 167 -5.14 -13.19 -30.73
C ASP D 167 -5.10 -14.70 -30.95
N GLU D 168 -6.01 -15.44 -30.32
CA GLU D 168 -5.87 -16.89 -30.37
C GLU D 168 -6.20 -17.48 -31.74
N ASN D 169 -6.72 -16.67 -32.66
CA ASN D 169 -6.91 -17.13 -34.03
C ASN D 169 -5.65 -17.03 -34.87
N THR D 170 -4.76 -16.08 -34.57
CA THR D 170 -3.55 -15.91 -35.34
C THR D 170 -2.27 -16.33 -34.61
N GLY D 171 -2.31 -16.44 -33.28
CA GLY D 171 -1.12 -16.74 -32.52
C GLY D 171 -0.20 -15.56 -32.28
N TYR D 172 -0.51 -14.38 -32.81
CA TYR D 172 0.24 -13.17 -32.52
C TYR D 172 -0.38 -12.42 -31.35
N ILE D 173 0.43 -11.57 -30.72
CA ILE D 173 -0.07 -10.65 -29.72
C ILE D 173 -1.19 -9.80 -30.31
N ASP D 174 -2.29 -9.63 -29.57
CA ASP D 174 -3.40 -8.81 -30.01
C ASP D 174 -3.09 -7.37 -29.62
N TYR D 175 -2.40 -6.65 -30.51
CA TYR D 175 -2.00 -5.28 -30.18
C TYR D 175 -3.20 -4.35 -30.08
N ASP D 176 -4.24 -4.57 -30.88
CA ASP D 176 -5.42 -3.73 -30.79
C ASP D 176 -6.05 -3.83 -29.41
N GLN D 177 -6.17 -5.05 -28.88
CA GLN D 177 -6.77 -5.20 -27.55
C GLN D 177 -5.83 -4.70 -26.46
N LEU D 178 -4.52 -4.86 -26.65
CA LEU D 178 -3.56 -4.25 -25.72
C LEU D 178 -3.79 -2.75 -25.62
N GLU D 179 -3.90 -2.09 -26.76
CA GLU D 179 -4.12 -0.64 -26.77
C GLU D 179 -5.43 -0.27 -26.08
N LYS D 180 -6.51 -0.98 -26.40
CA LYS D 180 -7.79 -0.67 -25.79
C LYS D 180 -7.77 -0.93 -24.28
N SER D 181 -7.13 -2.02 -23.86
CA SER D 181 -7.01 -2.29 -22.42
C SER D 181 -6.23 -1.20 -21.70
N ALA D 182 -5.15 -0.72 -22.32
CA ALA D 182 -4.32 0.29 -21.69
C ALA D 182 -5.08 1.59 -21.45
N VAL D 183 -6.00 1.95 -22.35
CA VAL D 183 -6.78 3.16 -22.13
C VAL D 183 -7.52 3.10 -20.81
N LEU D 184 -8.11 1.93 -20.50
CA LEU D 184 -8.90 1.78 -19.28
C LEU D 184 -8.02 1.58 -18.06
N PHE D 185 -6.96 0.78 -18.19
CA PHE D 185 -6.15 0.38 -17.04
C PHE D 185 -5.11 1.43 -16.67
N ARG D 186 -4.66 2.24 -17.63
CA ARG D 186 -3.69 3.30 -17.40
C ARG D 186 -2.38 2.75 -16.83
N PRO D 187 -1.69 1.85 -17.53
CA PRO D 187 -0.41 1.38 -17.02
C PRO D 187 0.61 2.51 -16.94
N LYS D 188 1.48 2.43 -15.95
CA LYS D 188 2.65 3.31 -15.88
C LYS D 188 3.86 2.70 -16.58
N LEU D 189 3.80 1.40 -16.85
CA LEU D 189 4.90 0.70 -17.49
C LEU D 189 4.29 -0.47 -18.25
N ILE D 190 4.74 -0.67 -19.50
CA ILE D 190 4.31 -1.80 -20.33
C ILE D 190 5.54 -2.60 -20.70
N VAL D 191 5.49 -3.91 -20.48
CA VAL D 191 6.60 -4.80 -20.79
C VAL D 191 6.38 -5.39 -22.18
N ALA D 192 7.41 -5.32 -23.01
CA ALA D 192 7.47 -5.98 -24.31
C ALA D 192 8.55 -7.05 -24.19
N GLY D 193 8.14 -8.26 -23.82
CA GLY D 193 9.10 -9.33 -23.64
C GLY D 193 8.41 -10.66 -23.48
N ALA D 194 8.96 -11.69 -24.11
CA ALA D 194 8.31 -12.98 -24.10
C ALA D 194 9.33 -14.09 -23.91
N SER D 195 8.84 -15.20 -23.39
CA SER D 195 9.61 -16.45 -23.34
C SER D 195 9.11 -17.42 -24.39
N ALA D 196 7.85 -17.80 -24.32
CA ALA D 196 7.32 -18.83 -25.22
C ALA D 196 6.45 -18.18 -26.30
N TYR D 197 7.14 -17.45 -27.18
CA TYR D 197 6.53 -16.75 -28.30
C TYR D 197 7.44 -16.95 -29.50
N ALA D 198 6.89 -17.47 -30.60
CA ALA D 198 7.69 -17.76 -31.80
C ALA D 198 7.77 -16.58 -32.75
N ARG D 199 7.28 -15.41 -32.35
CA ARG D 199 7.30 -14.24 -33.21
C ARG D 199 8.09 -13.12 -32.54
N LEU D 200 8.45 -12.12 -33.32
CA LEU D 200 9.14 -10.97 -32.78
C LEU D 200 8.13 -9.88 -32.44
N TYR D 201 8.56 -8.97 -31.57
CA TYR D 201 7.66 -7.92 -31.10
C TYR D 201 7.48 -6.82 -32.14
N ASP D 202 6.26 -6.29 -32.20
CA ASP D 202 6.02 -5.03 -32.90
C ASP D 202 6.38 -3.91 -31.94
N TYR D 203 7.68 -3.64 -31.84
CA TYR D 203 8.14 -2.62 -30.90
C TYR D 203 7.62 -1.24 -31.26
N ALA D 204 7.45 -0.96 -32.56
CA ALA D 204 6.90 0.33 -32.95
C ALA D 204 5.49 0.53 -32.41
N ARG D 205 4.68 -0.53 -32.42
CA ARG D 205 3.31 -0.42 -31.92
C ARG D 205 3.30 -0.26 -30.39
N ILE D 206 4.12 -1.04 -29.68
CA ILE D 206 4.22 -0.86 -28.24
C ILE D 206 4.65 0.57 -27.92
N ARG D 207 5.60 1.11 -28.71
CA ARG D 207 6.06 2.47 -28.48
C ARG D 207 4.92 3.47 -28.62
N LYS D 208 4.07 3.27 -29.62
CA LYS D 208 2.93 4.17 -29.82
C LYS D 208 2.00 4.13 -28.62
N VAL D 209 1.69 2.92 -28.12
CA VAL D 209 0.81 2.81 -26.96
C VAL D 209 1.46 3.44 -25.74
N CYS D 210 2.75 3.18 -25.53
CA CYS D 210 3.44 3.77 -24.38
C CYS D 210 3.46 5.29 -24.46
N ASN D 211 3.66 5.85 -25.66
CA ASN D 211 3.63 7.29 -25.79
C ASN D 211 2.25 7.84 -25.45
N LYS D 212 1.20 7.19 -25.95
CA LYS D 212 -0.16 7.67 -25.70
C LYS D 212 -0.51 7.57 -24.21
N GLN D 213 -0.03 6.54 -23.54
CA GLN D 213 -0.34 6.33 -22.13
C GLN D 213 0.66 7.01 -21.20
N LYS D 214 1.69 7.64 -21.74
CA LYS D 214 2.81 8.17 -20.96
C LYS D 214 3.35 7.11 -20.01
N ALA D 215 3.53 5.91 -20.55
CA ALA D 215 4.05 4.75 -19.83
C ALA D 215 5.49 4.48 -20.23
N VAL D 216 6.26 3.94 -19.29
CA VAL D 216 7.61 3.47 -19.61
C VAL D 216 7.51 2.24 -20.49
N MET D 217 8.30 2.20 -21.57
CA MET D 217 8.40 1.02 -22.42
C MET D 217 9.61 0.20 -21.98
N LEU D 218 9.35 -0.94 -21.35
CA LEU D 218 10.40 -1.86 -20.94
C LEU D 218 10.41 -3.03 -21.91
N ALA D 219 11.53 -3.22 -22.61
CA ALA D 219 11.74 -4.41 -23.41
C ALA D 219 12.53 -5.41 -22.59
N ASP D 220 12.01 -6.63 -22.46
CA ASP D 220 12.70 -7.70 -21.75
C ASP D 220 13.13 -8.71 -22.79
N MET D 221 14.39 -8.63 -23.22
CA MET D 221 14.86 -9.38 -24.37
C MET D 221 15.63 -10.65 -23.98
N ALA D 222 15.38 -11.19 -22.79
CA ALA D 222 16.15 -12.35 -22.29
C ALA D 222 16.26 -13.46 -23.31
N HIS D 223 15.16 -13.80 -23.98
CA HIS D 223 15.21 -14.95 -24.89
C HIS D 223 15.92 -14.65 -26.20
N ILE D 224 16.07 -13.38 -26.57
CA ILE D 224 16.52 -13.02 -27.91
C ILE D 224 17.77 -12.16 -27.93
N SER D 225 18.38 -11.88 -26.77
CA SER D 225 19.43 -10.85 -26.73
C SER D 225 20.62 -11.21 -27.60
N GLY D 226 20.95 -12.50 -27.72
CA GLY D 226 22.05 -12.90 -28.59
C GLY D 226 21.75 -12.67 -30.06
N LEU D 227 20.50 -12.92 -30.48
CA LEU D 227 20.09 -12.58 -31.83
C LEU D 227 20.17 -11.07 -32.07
N VAL D 228 19.79 -10.28 -31.07
CA VAL D 228 19.87 -8.83 -31.18
C VAL D 228 21.33 -8.39 -31.30
N ALA D 229 22.21 -8.94 -30.44
CA ALA D 229 23.61 -8.55 -30.47
C ALA D 229 24.25 -8.84 -31.82
N ALA D 230 23.92 -9.98 -32.41
CA ALA D 230 24.45 -10.35 -33.71
C ALA D 230 23.83 -9.55 -34.85
N GLY D 231 22.76 -8.79 -34.57
CA GLY D 231 22.12 -8.00 -35.61
C GLY D 231 21.27 -8.78 -36.58
N VAL D 232 20.82 -9.97 -36.22
CA VAL D 232 20.07 -10.82 -37.14
C VAL D 232 18.56 -10.71 -36.96
N ILE D 233 18.09 -9.98 -35.94
CA ILE D 233 16.69 -9.59 -35.81
C ILE D 233 16.65 -8.12 -35.44
N PRO D 234 15.50 -7.46 -35.58
CA PRO D 234 15.40 -6.05 -35.19
C PRO D 234 15.63 -5.86 -33.70
N SER D 235 16.18 -4.67 -33.34
CA SER D 235 16.62 -4.40 -31.97
C SER D 235 15.56 -3.68 -31.17
N PRO D 236 15.25 -4.14 -29.95
CA PRO D 236 14.36 -3.36 -29.08
C PRO D 236 14.90 -1.98 -28.75
N PHE D 237 16.22 -1.79 -28.85
CA PHE D 237 16.81 -0.50 -28.52
C PHE D 237 16.38 0.60 -29.47
N GLU D 238 15.82 0.25 -30.62
CA GLU D 238 15.30 1.26 -31.53
C GLU D 238 14.12 2.02 -30.92
N TYR D 239 13.41 1.42 -29.95
CA TYR D 239 12.17 1.99 -29.42
C TYR D 239 12.08 2.07 -27.90
N ALA D 240 12.65 1.10 -27.18
CA ALA D 240 12.35 0.99 -25.75
C ALA D 240 13.02 2.10 -24.95
N ASP D 241 12.43 2.39 -23.77
CA ASP D 241 13.05 3.28 -22.79
C ASP D 241 14.07 2.56 -21.94
N VAL D 242 13.76 1.33 -21.56
CA VAL D 242 14.59 0.49 -20.69
C VAL D 242 14.59 -0.89 -21.32
N VAL D 243 15.74 -1.58 -21.26
CA VAL D 243 15.86 -2.93 -21.78
C VAL D 243 16.52 -3.78 -20.71
N THR D 244 15.85 -4.85 -20.28
CA THR D 244 16.45 -5.83 -19.40
C THR D 244 16.75 -7.10 -20.19
N THR D 245 17.70 -7.87 -19.66
CA THR D 245 17.99 -9.18 -20.24
C THR D 245 18.73 -10.03 -19.21
N THR D 246 18.51 -11.33 -19.31
CA THR D 246 19.46 -12.29 -18.74
C THR D 246 20.75 -12.24 -19.54
N THR D 247 21.84 -12.64 -18.90
CA THR D 247 23.10 -12.76 -19.61
C THR D 247 23.36 -14.19 -20.05
N HIS D 248 22.60 -15.13 -19.50
CA HIS D 248 22.57 -16.50 -19.98
C HIS D 248 21.48 -16.56 -21.06
N LYS D 249 20.97 -17.76 -21.37
CA LYS D 249 20.05 -17.95 -22.52
C LYS D 249 20.75 -17.56 -23.79
N SER D 250 20.07 -16.87 -24.70
CA SER D 250 20.61 -16.76 -26.05
C SER D 250 21.89 -15.91 -26.12
N LEU D 251 22.13 -15.03 -25.14
CA LEU D 251 23.42 -14.32 -25.12
C LEU D 251 24.59 -15.29 -24.92
N ARG D 252 24.33 -16.41 -24.22
CA ARG D 252 25.31 -17.48 -23.99
C ARG D 252 26.41 -17.06 -23.01
N GLY D 253 26.10 -16.16 -22.08
CA GLY D 253 27.04 -15.77 -21.06
C GLY D 253 26.78 -16.47 -19.72
N PRO D 254 27.36 -15.92 -18.66
CA PRO D 254 27.13 -16.47 -17.32
C PRO D 254 25.71 -16.19 -16.85
N ARG D 255 25.32 -16.84 -15.75
CA ARG D 255 24.02 -16.54 -15.15
C ARG D 255 24.09 -15.15 -14.49
N GLY D 256 23.29 -14.23 -15.00
CA GLY D 256 23.31 -12.86 -14.53
C GLY D 256 22.31 -12.05 -15.32
N ALA D 257 22.49 -10.72 -15.34
CA ALA D 257 21.52 -9.85 -16.00
C ALA D 257 22.16 -8.51 -16.30
N MET D 258 21.53 -7.78 -17.25
CA MET D 258 21.89 -6.40 -17.54
C MET D 258 20.62 -5.56 -17.61
N ILE D 259 20.75 -4.30 -17.20
CA ILE D 259 19.69 -3.31 -17.36
C ILE D 259 20.25 -2.15 -18.16
N PHE D 260 19.66 -1.89 -19.32
CA PHE D 260 20.02 -0.75 -20.16
C PHE D 260 18.94 0.32 -20.06
N PHE D 261 19.32 1.58 -20.19
CA PHE D 261 18.34 2.65 -20.04
C PHE D 261 18.75 3.88 -20.84
N ARG D 262 17.73 4.58 -21.35
CA ARG D 262 17.99 5.82 -22.06
C ARG D 262 18.59 6.88 -21.15
N LYS D 263 19.47 7.69 -21.74
CA LYS D 263 20.03 8.89 -21.12
C LYS D 263 19.80 10.06 -22.08
N GLY D 264 19.73 11.25 -21.52
CA GLY D 264 19.66 12.43 -22.37
C GLY D 264 18.27 12.99 -22.56
N LEU D 265 18.06 13.67 -23.68
CA LEU D 265 16.83 14.42 -23.91
C LEU D 265 15.68 13.47 -24.28
N LYS D 266 14.58 13.57 -23.53
CA LYS D 266 13.35 12.88 -23.92
C LYS D 266 12.54 13.71 -24.90
N GLU D 267 12.28 14.97 -24.56
CA GLU D 267 11.50 15.87 -25.39
C GLU D 267 11.69 17.28 -24.88
N ILE D 268 11.40 18.25 -25.73
CA ILE D 268 11.16 19.62 -25.30
C ILE D 268 9.66 19.79 -25.15
N ASN D 269 9.21 20.16 -23.95
CA ASN D 269 7.77 20.18 -23.70
C ASN D 269 7.14 21.43 -24.30
N LYS D 270 5.83 21.57 -24.09
CA LYS D 270 5.09 22.68 -24.68
C LYS D 270 5.51 24.03 -24.13
N GLN D 271 6.12 24.07 -22.95
CA GLN D 271 6.65 25.30 -22.38
C GLN D 271 8.08 25.59 -22.81
N GLY D 272 8.64 24.77 -23.69
CA GLY D 272 9.99 24.98 -24.16
C GLY D 272 11.08 24.49 -23.24
N LYS D 273 10.75 23.70 -22.23
CA LYS D 273 11.74 23.19 -21.30
C LYS D 273 12.18 21.80 -21.74
N GLU D 274 13.49 21.56 -21.68
CA GLU D 274 14.00 20.20 -21.90
C GLU D 274 13.52 19.28 -20.79
N VAL D 275 12.98 18.14 -21.19
CA VAL D 275 12.67 17.05 -20.27
C VAL D 275 13.71 15.98 -20.51
N MET D 276 14.54 15.73 -19.49
N MET D 276 14.53 15.72 -19.49
CA MET D 276 15.59 14.72 -19.59
CA MET D 276 15.59 14.73 -19.61
C MET D 276 15.07 13.38 -19.09
C MET D 276 15.12 13.39 -19.05
N TYR D 277 15.63 12.31 -19.66
CA TYR D 277 15.36 11.00 -19.13
C TYR D 277 15.85 10.91 -17.69
N ASP D 278 15.05 10.24 -16.87
CA ASP D 278 15.27 10.14 -15.43
C ASP D 278 15.34 8.67 -15.06
N TYR D 279 16.14 7.90 -15.80
CA TYR D 279 16.25 6.46 -15.55
C TYR D 279 17.55 6.07 -14.88
N GLU D 280 18.67 6.68 -15.29
CA GLU D 280 19.98 6.20 -14.87
C GLU D 280 20.13 6.20 -13.36
N ASP D 281 19.93 7.36 -12.73
CA ASP D 281 20.12 7.42 -11.28
C ASP D 281 19.10 6.56 -10.55
N ARG D 282 17.84 6.58 -11.01
N ARG D 282 17.84 6.58 -11.01
CA ARG D 282 16.81 5.80 -10.31
CA ARG D 282 16.81 5.80 -10.31
C ARG D 282 17.10 4.30 -10.40
C ARG D 282 17.11 4.30 -10.40
N ILE D 283 17.50 3.81 -11.58
CA ILE D 283 17.77 2.39 -11.73
C ILE D 283 19.05 2.00 -10.99
N ASN D 284 20.12 2.77 -11.16
CA ASN D 284 21.35 2.43 -10.44
C ASN D 284 21.13 2.41 -8.93
N GLN D 285 20.33 3.36 -8.41
CA GLN D 285 20.08 3.39 -6.97
C GLN D 285 19.13 2.29 -6.53
N ALA D 286 18.21 1.85 -7.39
CA ALA D 286 17.37 0.70 -7.04
C ALA D 286 18.19 -0.56 -6.92
N VAL D 287 19.19 -0.75 -7.79
CA VAL D 287 20.05 -1.91 -7.68
C VAL D 287 20.90 -1.82 -6.42
N PHE D 288 21.58 -0.70 -6.23
CA PHE D 288 22.32 -0.46 -5.02
C PHE D 288 22.25 1.03 -4.71
N PRO D 289 21.84 1.44 -3.50
CA PRO D 289 21.64 0.64 -2.28
C PRO D 289 20.24 0.05 -2.09
N GLY D 290 19.37 0.13 -3.10
CA GLY D 290 17.97 -0.20 -2.87
C GLY D 290 17.71 -1.66 -2.56
N LEU D 291 18.21 -2.56 -3.41
CA LEU D 291 17.79 -3.97 -3.35
C LEU D 291 18.94 -4.99 -3.32
N GLN D 292 20.15 -4.63 -3.72
CA GLN D 292 21.28 -5.55 -3.68
C GLN D 292 22.39 -4.97 -2.82
N GLY D 293 23.36 -5.82 -2.51
CA GLY D 293 24.54 -5.44 -1.78
C GLY D 293 25.77 -5.54 -2.66
N GLY D 294 26.72 -6.39 -2.27
CA GLY D 294 27.97 -6.51 -3.01
C GLY D 294 27.77 -7.12 -4.38
N PRO D 295 28.31 -6.47 -5.40
CA PRO D 295 28.28 -7.06 -6.75
C PRO D 295 29.00 -8.40 -6.77
N HIS D 296 28.56 -9.26 -7.68
CA HIS D 296 29.20 -10.57 -7.87
C HIS D 296 30.25 -10.41 -8.96
N ASN D 297 31.47 -10.08 -8.56
CA ASN D 297 32.46 -9.66 -9.55
C ASN D 297 32.98 -10.80 -10.40
N HIS D 298 32.91 -12.04 -9.89
CA HIS D 298 33.23 -13.18 -10.75
C HIS D 298 32.24 -13.28 -11.92
N THR D 299 30.94 -13.08 -11.63
CA THR D 299 29.96 -13.11 -12.72
C THR D 299 30.14 -11.92 -13.66
N ILE D 300 30.40 -10.73 -13.11
CA ILE D 300 30.59 -9.55 -13.96
C ILE D 300 31.78 -9.75 -14.88
N THR D 301 32.86 -10.35 -14.37
CA THR D 301 34.05 -10.60 -15.18
C THR D 301 33.76 -11.63 -16.27
N GLY D 302 33.04 -12.70 -15.93
CA GLY D 302 32.61 -13.65 -16.94
C GLY D 302 31.69 -13.01 -17.97
N LEU D 303 30.85 -12.07 -17.54
CA LEU D 303 29.98 -11.35 -18.47
C LEU D 303 30.81 -10.52 -19.45
N ALA D 304 31.87 -9.86 -18.98
CA ALA D 304 32.74 -9.12 -19.90
C ALA D 304 33.28 -10.03 -20.99
N VAL D 305 33.70 -11.25 -20.61
CA VAL D 305 34.20 -12.22 -21.58
C VAL D 305 33.11 -12.57 -22.59
N ALA D 306 31.90 -12.84 -22.09
CA ALA D 306 30.79 -13.22 -22.97
C ALA D 306 30.45 -12.11 -23.95
N LEU D 307 30.55 -10.85 -23.50
CA LEU D 307 30.19 -9.72 -24.36
C LEU D 307 31.25 -9.48 -25.42
N LYS D 308 32.52 -9.79 -25.11
CA LYS D 308 33.54 -9.76 -26.17
C LYS D 308 33.24 -10.79 -27.23
N GLN D 309 32.90 -12.02 -26.82
CA GLN D 309 32.55 -13.05 -27.79
C GLN D 309 31.36 -12.64 -28.65
N ALA D 310 30.41 -11.91 -28.06
CA ALA D 310 29.17 -11.55 -28.77
C ALA D 310 29.42 -10.63 -29.96
N ARG D 311 30.58 -9.98 -30.02
N ARG D 311 30.57 -9.96 -30.04
CA ARG D 311 30.92 -9.03 -31.07
CA ARG D 311 30.83 -9.03 -31.13
C ARG D 311 31.80 -9.63 -32.15
C ARG D 311 31.53 -9.69 -32.32
N THR D 312 31.94 -10.94 -32.20
CA THR D 312 32.80 -11.58 -33.19
C THR D 312 32.02 -12.08 -34.40
N PRO D 313 32.71 -12.28 -35.53
CA PRO D 313 32.05 -12.91 -36.69
C PRO D 313 31.59 -14.33 -36.41
N GLU D 314 32.34 -15.10 -35.61
CA GLU D 314 31.93 -16.45 -35.25
C GLU D 314 30.59 -16.44 -34.51
N TYR D 315 30.41 -15.47 -33.62
CA TYR D 315 29.15 -15.37 -32.88
C TYR D 315 27.99 -15.01 -33.80
N LYS D 316 28.23 -14.10 -34.74
CA LYS D 316 27.17 -13.76 -35.68
C LYS D 316 26.80 -14.96 -36.54
N ALA D 317 27.80 -15.71 -36.99
CA ALA D 317 27.53 -16.93 -37.75
C ALA D 317 26.73 -17.92 -36.91
N TYR D 318 27.08 -18.03 -35.62
CA TYR D 318 26.32 -18.90 -34.72
C TYR D 318 24.84 -18.49 -34.65
N GLN D 319 24.58 -17.18 -34.47
CA GLN D 319 23.19 -16.76 -34.31
C GLN D 319 22.42 -16.87 -35.63
N ASP D 320 23.10 -16.61 -36.75
CA ASP D 320 22.50 -16.89 -38.05
C ASP D 320 22.10 -18.36 -38.16
N GLN D 321 22.97 -19.25 -37.70
CA GLN D 321 22.67 -20.68 -37.76
C GLN D 321 21.49 -21.04 -36.86
N VAL D 322 21.40 -20.41 -35.68
CA VAL D 322 20.27 -20.64 -34.78
C VAL D 322 18.95 -20.41 -35.52
N LEU D 323 18.86 -19.29 -36.26
CA LEU D 323 17.63 -18.98 -36.97
C LEU D 323 17.40 -19.94 -38.13
N ARG D 324 18.45 -20.24 -38.90
CA ARG D 324 18.28 -21.12 -40.04
C ARG D 324 17.93 -22.53 -39.58
N ASN D 325 18.53 -22.98 -38.48
CA ASN D 325 18.17 -24.28 -37.91
C ASN D 325 16.72 -24.31 -37.48
N CYS D 326 16.23 -23.23 -36.89
CA CYS D 326 14.84 -23.25 -36.44
C CYS D 326 13.89 -23.29 -37.63
N SER D 327 14.20 -22.54 -38.70
CA SER D 327 13.36 -22.60 -39.89
C SER D 327 13.34 -24.00 -40.49
N LYS D 328 14.50 -24.65 -40.57
CA LYS D 328 14.52 -26.01 -41.10
C LYS D 328 13.75 -26.96 -40.20
N PHE D 329 13.93 -26.82 -38.89
CA PHE D 329 13.14 -27.57 -37.92
C PHE D 329 11.64 -27.38 -38.19
N ALA D 330 11.21 -26.12 -38.30
CA ALA D 330 9.80 -25.81 -38.58
C ALA D 330 9.34 -26.42 -39.91
N GLU D 331 10.15 -26.29 -40.97
CA GLU D 331 9.85 -26.91 -42.26
C GLU D 331 9.56 -28.40 -42.09
N THR D 332 10.44 -29.10 -41.38
CA THR D 332 10.33 -30.55 -41.25
C THR D 332 9.10 -30.93 -40.43
N LEU D 333 8.82 -30.20 -39.36
CA LEU D 333 7.62 -30.44 -38.57
C LEU D 333 6.35 -30.24 -39.42
N LEU D 334 6.31 -29.17 -40.22
CA LEU D 334 5.15 -28.96 -41.08
C LEU D 334 5.02 -30.09 -42.10
N ALA D 335 6.15 -30.52 -42.68
CA ALA D 335 6.12 -31.60 -43.65
C ALA D 335 5.61 -32.89 -43.05
N LYS D 336 5.79 -33.07 -41.74
CA LYS D 336 5.36 -34.29 -41.06
C LYS D 336 3.97 -34.14 -40.45
N GLY D 337 3.24 -33.09 -40.80
CA GLY D 337 1.85 -32.95 -40.43
C GLY D 337 1.58 -32.21 -39.15
N TYR D 338 2.58 -31.57 -38.56
CA TYR D 338 2.39 -30.84 -37.31
C TYR D 338 1.91 -29.42 -37.57
N ASP D 339 1.14 -28.91 -36.63
CA ASP D 339 0.70 -27.53 -36.64
C ASP D 339 1.58 -26.69 -35.72
N LEU D 340 1.97 -25.51 -36.20
CA LEU D 340 2.78 -24.57 -35.43
C LEU D 340 1.91 -23.38 -35.02
N VAL D 341 2.00 -22.99 -33.75
CA VAL D 341 1.29 -21.80 -33.29
C VAL D 341 1.82 -20.61 -34.07
N SER D 342 0.88 -19.81 -34.61
CA SER D 342 1.10 -18.68 -35.52
C SER D 342 1.55 -19.11 -36.90
N GLY D 343 1.60 -20.42 -37.17
CA GLY D 343 1.87 -20.92 -38.51
C GLY D 343 3.34 -21.01 -38.90
N GLY D 344 4.25 -20.60 -38.03
CA GLY D 344 5.66 -20.61 -38.37
C GLY D 344 6.47 -20.01 -37.26
N THR D 345 7.68 -19.56 -37.59
CA THR D 345 8.54 -18.94 -36.60
C THR D 345 9.36 -17.84 -37.24
N ASP D 346 9.70 -16.83 -36.43
CA ASP D 346 10.64 -15.79 -36.81
C ASP D 346 11.87 -15.78 -35.92
N ASN D 347 12.04 -16.78 -35.05
CA ASN D 347 13.15 -16.71 -34.10
C ASN D 347 13.74 -18.10 -33.83
N HIS D 348 14.15 -18.32 -32.59
CA HIS D 348 14.91 -19.49 -32.17
C HIS D 348 14.05 -20.64 -31.68
N LEU D 349 12.72 -20.51 -31.66
CA LEU D 349 11.89 -21.59 -31.12
C LEU D 349 10.67 -21.82 -32.01
N VAL D 350 10.03 -22.96 -31.78
CA VAL D 350 8.72 -23.24 -32.35
C VAL D 350 7.79 -23.65 -31.22
N LEU D 351 6.49 -23.43 -31.43
CA LEU D 351 5.45 -23.93 -30.54
C LEU D 351 4.59 -24.90 -31.34
N VAL D 352 4.67 -26.18 -31.01
CA VAL D 352 3.92 -27.20 -31.72
C VAL D 352 2.57 -27.36 -31.02
N ASN D 353 1.49 -27.20 -31.78
CA ASN D 353 0.14 -27.42 -31.26
C ASN D 353 -0.26 -28.85 -31.64
N LEU D 354 -0.31 -29.73 -30.64
CA LEU D 354 -0.48 -31.16 -30.89
C LEU D 354 -1.92 -31.59 -31.08
N LYS D 355 -2.89 -30.67 -31.10
CA LYS D 355 -4.30 -31.07 -31.11
C LYS D 355 -4.63 -31.99 -32.28
N ASN D 356 -4.11 -31.67 -33.47
CA ASN D 356 -4.47 -32.47 -34.65
C ASN D 356 -3.86 -33.87 -34.59
N LYS D 357 -2.89 -34.10 -33.72
CA LYS D 357 -2.33 -35.43 -33.52
C LYS D 357 -3.08 -36.23 -32.46
N GLY D 358 -4.04 -35.61 -31.77
CA GLY D 358 -4.86 -36.33 -30.82
C GLY D 358 -4.16 -36.72 -29.53
N ILE D 359 -3.22 -35.89 -29.06
CA ILE D 359 -2.53 -36.16 -27.80
C ILE D 359 -2.01 -34.82 -27.29
N ASP D 360 -1.81 -34.74 -25.98
CA ASP D 360 -1.45 -33.47 -25.35
C ASP D 360 0.06 -33.39 -25.05
N GLY D 361 0.48 -32.21 -24.62
CA GLY D 361 1.89 -31.97 -24.39
C GLY D 361 2.46 -32.67 -23.17
N SER D 362 1.64 -32.92 -22.16
CA SER D 362 2.15 -33.59 -20.97
C SER D 362 2.54 -35.03 -21.30
N ARG D 363 1.73 -35.73 -22.09
CA ARG D 363 2.07 -37.09 -22.49
C ARG D 363 3.30 -37.11 -23.39
N VAL D 364 3.37 -36.21 -24.37
CA VAL D 364 4.50 -36.21 -25.28
C VAL D 364 5.79 -35.82 -24.54
N GLU D 365 5.71 -34.84 -23.64
CA GLU D 365 6.91 -34.43 -22.90
C GLU D 365 7.49 -35.60 -22.10
N LYS D 366 6.62 -36.45 -21.55
CA LYS D 366 7.11 -37.58 -20.76
C LYS D 366 7.88 -38.57 -21.61
N VAL D 367 7.37 -38.87 -22.82
CA VAL D 367 8.09 -39.79 -23.70
C VAL D 367 9.39 -39.16 -24.17
N LEU D 368 9.35 -37.87 -24.58
CA LEU D 368 10.58 -37.19 -24.98
C LEU D 368 11.64 -37.27 -23.89
N GLU D 369 11.25 -37.04 -22.64
CA GLU D 369 12.20 -37.09 -21.54
C GLU D 369 12.84 -38.47 -21.42
N LEU D 370 12.06 -39.53 -21.60
CA LEU D 370 12.59 -40.89 -21.45
C LEU D 370 13.58 -41.23 -22.57
N VAL D 371 13.44 -40.60 -23.75
CA VAL D 371 14.38 -40.82 -24.84
C VAL D 371 15.43 -39.72 -24.91
N HIS D 372 15.51 -38.88 -23.86
CA HIS D 372 16.56 -37.88 -23.68
C HIS D 372 16.47 -36.76 -24.72
N ILE D 373 15.25 -36.42 -25.09
CA ILE D 373 14.95 -35.20 -25.83
C ILE D 373 14.31 -34.25 -24.83
N ALA D 374 15.01 -33.16 -24.53
CA ALA D 374 14.55 -32.17 -23.57
C ALA D 374 13.69 -31.14 -24.27
N ALA D 375 12.42 -31.07 -23.88
CA ALA D 375 11.50 -30.06 -24.37
C ALA D 375 10.53 -29.78 -23.23
N ASN D 376 9.60 -28.85 -23.43
CA ASN D 376 8.64 -28.67 -22.35
C ASN D 376 7.25 -28.44 -22.89
N LYS D 377 6.27 -29.03 -22.21
CA LYS D 377 4.88 -28.84 -22.54
C LYS D 377 4.52 -27.36 -22.47
N ASN D 378 3.59 -26.94 -23.33
CA ASN D 378 3.33 -25.52 -23.50
C ASN D 378 1.86 -25.31 -23.79
N THR D 379 1.27 -24.32 -23.12
CA THR D 379 -0.10 -23.92 -23.42
C THR D 379 -0.19 -23.44 -24.87
N VAL D 380 -1.25 -23.83 -25.56
CA VAL D 380 -1.48 -23.40 -26.93
C VAL D 380 -2.86 -22.77 -26.99
N PRO D 381 -3.09 -21.87 -27.96
CA PRO D 381 -4.44 -21.34 -28.17
C PRO D 381 -5.47 -22.45 -28.30
N GLY D 382 -6.53 -22.38 -27.49
CA GLY D 382 -7.58 -23.37 -27.50
C GLY D 382 -7.63 -24.27 -26.28
N ASP D 383 -6.59 -24.29 -25.45
CA ASP D 383 -6.59 -25.14 -24.27
C ASP D 383 -7.69 -24.71 -23.30
N VAL D 384 -8.36 -25.70 -22.70
CA VAL D 384 -9.44 -25.39 -21.78
C VAL D 384 -8.89 -24.97 -20.41
N SER D 385 -7.70 -25.44 -20.06
CA SER D 385 -7.06 -25.09 -18.79
C SER D 385 -5.60 -24.75 -19.04
N ALA D 386 -5.10 -23.79 -18.27
CA ALA D 386 -3.67 -23.50 -18.30
C ALA D 386 -2.84 -24.59 -17.64
N MET D 387 -3.48 -25.63 -17.09
CA MET D 387 -2.80 -26.72 -16.43
C MET D 387 -2.80 -28.01 -17.26
N VAL D 388 -3.47 -28.03 -18.41
CA VAL D 388 -3.47 -29.20 -19.29
C VAL D 388 -2.99 -28.76 -20.66
N PRO D 389 -1.68 -28.62 -20.86
CA PRO D 389 -1.18 -27.98 -22.08
C PRO D 389 -1.29 -28.89 -23.31
N GLY D 390 -1.70 -28.29 -24.42
CA GLY D 390 -1.86 -29.01 -25.67
C GLY D 390 -0.68 -28.97 -26.60
N GLY D 391 0.43 -28.35 -26.20
CA GLY D 391 1.56 -28.15 -27.09
C GLY D 391 2.89 -28.48 -26.46
N ILE D 392 3.95 -28.30 -27.27
CA ILE D 392 5.33 -28.55 -26.89
C ILE D 392 6.18 -27.42 -27.45
N ARG D 393 7.07 -26.87 -26.61
CA ARG D 393 7.99 -25.81 -26.99
C ARG D 393 9.38 -26.40 -27.21
N MET D 394 10.01 -26.05 -28.33
CA MET D 394 11.34 -26.55 -28.68
C MET D 394 12.11 -25.45 -29.41
N GLY D 395 13.43 -25.44 -29.20
CA GLY D 395 14.24 -24.41 -29.82
C GLY D 395 15.64 -24.89 -30.13
N THR D 396 16.39 -24.04 -30.82
CA THR D 396 17.67 -24.44 -31.41
C THR D 396 18.96 -23.93 -30.75
N PRO D 397 18.96 -22.96 -29.82
CA PRO D 397 20.27 -22.41 -29.38
C PRO D 397 21.27 -23.42 -28.86
N ALA D 398 20.85 -24.34 -27.98
CA ALA D 398 21.82 -25.21 -27.31
C ALA D 398 22.49 -26.17 -28.29
N LEU D 399 21.71 -26.88 -29.11
CA LEU D 399 22.34 -27.82 -30.03
C LEU D 399 23.10 -27.12 -31.14
N THR D 400 22.65 -25.93 -31.55
CA THR D 400 23.44 -25.16 -32.52
C THR D 400 24.81 -24.83 -31.96
N SER D 401 24.90 -24.57 -30.64
CA SER D 401 26.20 -24.31 -30.03
C SER D 401 27.13 -25.50 -30.17
N ARG D 402 26.61 -26.71 -30.17
CA ARG D 402 27.39 -27.92 -30.36
C ARG D 402 27.66 -28.24 -31.83
N GLY D 403 27.15 -27.43 -32.76
CA GLY D 403 27.44 -27.64 -34.16
C GLY D 403 26.35 -28.31 -34.97
N PHE D 404 25.16 -28.52 -34.40
CA PHE D 404 24.03 -28.97 -35.22
C PHE D 404 23.76 -27.93 -36.30
N ILE D 405 23.60 -28.40 -37.54
CA ILE D 405 23.21 -27.52 -38.64
C ILE D 405 21.87 -28.00 -39.19
N GLU D 406 21.47 -27.50 -40.36
CA GLU D 406 20.09 -27.68 -40.80
C GLU D 406 19.72 -29.15 -40.92
N GLU D 407 20.56 -29.94 -41.59
CA GLU D 407 20.25 -31.36 -41.75
C GLU D 407 20.15 -32.06 -40.41
N ASP D 408 20.88 -31.58 -39.41
CA ASP D 408 20.81 -32.19 -38.09
C ASP D 408 19.48 -31.88 -37.42
N PHE D 409 18.95 -30.68 -37.61
CA PHE D 409 17.64 -30.40 -37.02
C PHE D 409 16.50 -31.03 -37.78
N ALA D 410 16.68 -31.36 -39.07
CA ALA D 410 15.71 -32.22 -39.72
C ALA D 410 15.67 -33.59 -39.05
N LYS D 411 16.84 -34.09 -38.62
CA LYS D 411 16.89 -35.35 -37.89
C LYS D 411 16.26 -35.22 -36.51
N VAL D 412 16.48 -34.08 -35.84
CA VAL D 412 15.84 -33.85 -34.55
C VAL D 412 14.32 -33.91 -34.70
N ALA D 413 13.79 -33.30 -35.77
CA ALA D 413 12.34 -33.36 -35.99
C ALA D 413 11.89 -34.78 -36.27
N GLU D 414 12.71 -35.57 -36.97
CA GLU D 414 12.34 -36.96 -37.21
C GLU D 414 12.25 -37.74 -35.91
N TYR D 415 13.23 -37.55 -35.01
CA TYR D 415 13.22 -38.29 -33.76
C TYR D 415 12.11 -37.79 -32.83
N PHE D 416 11.84 -36.48 -32.85
CA PHE D 416 10.66 -35.97 -32.15
C PHE D 416 9.40 -36.67 -32.65
N ASP D 417 9.27 -36.80 -33.98
CA ASP D 417 8.10 -37.45 -34.54
C ASP D 417 8.00 -38.90 -34.09
N LEU D 418 9.14 -39.60 -34.03
CA LEU D 418 9.13 -40.99 -33.58
C LEU D 418 8.69 -41.09 -32.13
N ALA D 419 9.08 -40.10 -31.31
CA ALA D 419 8.64 -40.09 -29.91
C ALA D 419 7.14 -39.86 -29.82
N VAL D 420 6.60 -38.95 -30.65
CA VAL D 420 5.16 -38.72 -30.65
C VAL D 420 4.41 -40.00 -31.01
N LYS D 421 4.93 -40.75 -32.00
CA LYS D 421 4.29 -42.01 -32.38
C LYS D 421 4.29 -43.00 -31.21
N ILE D 422 5.36 -43.05 -30.44
CA ILE D 422 5.38 -43.91 -29.25
C ILE D 422 4.37 -43.42 -28.23
N ALA D 423 4.30 -42.10 -28.01
CA ALA D 423 3.31 -41.57 -27.07
C ALA D 423 1.90 -41.96 -27.48
N LEU D 424 1.58 -41.90 -28.77
CA LEU D 424 0.25 -42.29 -29.23
C LEU D 424 0.00 -43.78 -29.02
N LYS D 425 1.03 -44.61 -29.17
CA LYS D 425 0.88 -46.04 -28.88
C LYS D 425 0.61 -46.28 -27.40
N ILE D 426 1.31 -45.55 -26.52
CA ILE D 426 1.07 -45.69 -25.09
C ILE D 426 -0.36 -45.30 -24.76
N LYS D 427 -0.84 -44.19 -25.33
CA LYS D 427 -2.21 -43.76 -25.09
C LYS D 427 -3.21 -44.81 -25.60
N ALA D 428 -2.91 -45.43 -26.74
CA ALA D 428 -3.80 -46.44 -27.28
C ALA D 428 -3.86 -47.67 -26.38
N GLU D 429 -2.73 -48.03 -25.78
CA GLU D 429 -2.67 -49.18 -24.87
C GLU D 429 -3.13 -48.84 -23.45
N SER D 430 -3.36 -47.56 -23.16
CA SER D 430 -3.64 -47.14 -21.79
C SER D 430 -5.03 -47.61 -21.36
N GLN D 431 -5.07 -48.34 -20.25
CA GLN D 431 -6.32 -48.81 -19.65
C GLN D 431 -6.94 -47.63 -18.90
N GLY D 432 -7.55 -46.72 -19.66
CA GLY D 432 -8.14 -45.51 -19.13
C GLY D 432 -7.72 -44.31 -19.93
N THR D 433 -8.11 -43.12 -19.44
CA THR D 433 -7.85 -41.89 -20.16
C THR D 433 -7.16 -40.81 -19.33
N LYS D 434 -6.82 -41.08 -18.08
CA LYS D 434 -6.15 -40.07 -17.27
C LYS D 434 -4.63 -40.26 -17.35
N LEU D 435 -3.91 -39.17 -17.03
CA LEU D 435 -2.45 -39.16 -17.15
C LEU D 435 -1.81 -40.26 -16.32
N LYS D 436 -2.43 -40.64 -15.20
CA LYS D 436 -1.87 -41.69 -14.36
C LYS D 436 -1.97 -43.04 -15.05
N ASP D 437 -3.06 -43.29 -15.78
CA ASP D 437 -3.16 -44.50 -16.59
C ASP D 437 -2.11 -44.50 -17.70
N PHE D 438 -1.76 -43.31 -18.21
CA PHE D 438 -0.74 -43.21 -19.25
C PHE D 438 0.64 -43.56 -18.71
N VAL D 439 1.00 -43.02 -17.56
CA VAL D 439 2.32 -43.30 -17.00
C VAL D 439 2.40 -44.74 -16.52
N ALA D 440 1.26 -45.33 -16.13
CA ALA D 440 1.27 -46.74 -15.73
C ALA D 440 1.56 -47.64 -16.92
N THR D 441 0.92 -47.37 -18.06
CA THR D 441 1.24 -48.09 -19.29
C THR D 441 2.67 -47.83 -19.71
N MET D 442 3.11 -46.57 -19.65
CA MET D 442 4.43 -46.17 -20.09
C MET D 442 5.54 -46.86 -19.32
N GLN D 443 5.25 -47.33 -18.09
CA GLN D 443 6.27 -47.93 -17.25
C GLN D 443 6.17 -49.45 -17.16
N SER D 444 5.10 -50.06 -17.65
CA SER D 444 4.93 -51.50 -17.56
C SER D 444 4.92 -52.23 -18.90
N ASN D 445 4.56 -51.56 -19.99
CA ASN D 445 4.50 -52.21 -21.29
C ASN D 445 5.91 -52.45 -21.81
N GLU D 446 6.33 -53.72 -21.85
CA GLU D 446 7.71 -54.04 -22.22
C GLU D 446 7.99 -53.71 -23.68
N LYS D 447 7.02 -53.94 -24.57
CA LYS D 447 7.21 -53.63 -25.97
C LYS D 447 7.47 -52.14 -26.18
N LEU D 448 6.66 -51.29 -25.55
CA LEU D 448 6.83 -49.85 -25.71
C LEU D 448 8.04 -49.34 -24.93
N GLN D 449 8.37 -49.97 -23.81
CA GLN D 449 9.62 -49.69 -23.13
C GLN D 449 10.81 -49.96 -24.04
N SER D 450 10.74 -51.05 -24.82
CA SER D 450 11.82 -51.39 -25.74
C SER D 450 11.92 -50.36 -26.86
N GLU D 451 10.79 -49.87 -27.37
CA GLU D 451 10.83 -48.85 -28.42
C GLU D 451 11.46 -47.57 -27.90
N MET D 452 11.20 -47.22 -26.64
CA MET D 452 11.78 -46.01 -26.06
C MET D 452 13.27 -46.19 -25.81
N SER D 453 13.68 -47.38 -25.37
CA SER D 453 15.12 -47.65 -25.23
C SER D 453 15.82 -47.54 -26.57
N LYS D 454 15.20 -48.07 -27.63
CA LYS D 454 15.78 -47.97 -28.97
C LYS D 454 15.91 -46.51 -29.39
N LEU D 455 14.84 -45.74 -29.24
CA LEU D 455 14.88 -44.33 -29.64
C LEU D 455 15.88 -43.55 -28.78
N ARG D 456 15.94 -43.85 -27.48
CA ARG D 456 16.93 -43.19 -26.63
C ARG D 456 18.34 -43.47 -27.12
N GLU D 457 18.60 -44.72 -27.52
CA GLU D 457 19.91 -45.06 -28.06
C GLU D 457 20.19 -44.29 -29.35
N MET D 458 19.18 -44.14 -30.21
CA MET D 458 19.35 -43.37 -31.43
C MET D 458 19.65 -41.91 -31.12
N VAL D 459 18.93 -41.32 -30.16
CA VAL D 459 19.17 -39.94 -29.76
C VAL D 459 20.61 -39.77 -29.26
N GLU D 460 21.01 -40.63 -28.33
CA GLU D 460 22.33 -40.47 -27.70
C GLU D 460 23.45 -40.70 -28.71
N GLU D 461 23.32 -41.70 -29.58
CA GLU D 461 24.39 -41.92 -30.55
C GLU D 461 24.52 -40.75 -31.51
N TYR D 462 23.41 -40.09 -31.85
CA TYR D 462 23.50 -38.92 -32.72
C TYR D 462 24.16 -37.76 -31.99
N ALA D 463 23.73 -37.49 -30.75
CA ALA D 463 24.25 -36.35 -30.01
C ALA D 463 25.72 -36.51 -29.64
N LYS D 464 26.14 -37.74 -29.30
CA LYS D 464 27.52 -37.94 -28.84
C LYS D 464 28.55 -37.60 -29.90
N GLN D 465 28.17 -37.67 -31.19
CA GLN D 465 29.11 -37.38 -32.27
C GLN D 465 29.58 -35.94 -32.26
N PHE D 466 28.83 -35.03 -31.65
CA PHE D 466 29.16 -33.61 -31.74
C PHE D 466 30.11 -33.20 -30.62
N PRO D 467 30.86 -32.13 -30.81
CA PRO D 467 31.79 -31.69 -29.76
C PRO D 467 31.05 -31.37 -28.48
N THR D 468 31.74 -31.59 -27.36
CA THR D 468 31.27 -31.08 -26.08
C THR D 468 31.72 -29.63 -25.94
N ILE D 469 30.89 -28.84 -25.26
CA ILE D 469 31.15 -27.41 -25.09
C ILE D 469 31.55 -27.15 -23.65
N GLY D 470 32.75 -26.60 -23.46
CA GLY D 470 33.20 -26.18 -22.15
C GLY D 470 34.07 -27.18 -21.44
N PHE D 471 34.24 -28.39 -22.00
CA PHE D 471 35.10 -29.41 -21.42
C PHE D 471 35.50 -30.36 -22.52
N GLU D 472 36.57 -31.11 -22.27
CA GLU D 472 37.10 -32.07 -23.22
C GLU D 472 36.46 -33.44 -23.03
N LYS D 473 36.11 -34.09 -24.14
CA LYS D 473 35.67 -35.48 -24.07
C LYS D 473 36.76 -36.37 -23.46
N GLU D 474 38.03 -36.07 -23.77
CA GLU D 474 39.10 -37.00 -23.44
C GLU D 474 39.30 -37.16 -21.95
N THR D 475 38.91 -36.16 -21.15
CA THR D 475 39.10 -36.21 -19.71
C THR D 475 37.81 -36.47 -18.95
N MET D 476 36.70 -36.74 -19.65
CA MET D 476 35.44 -37.04 -18.97
C MET D 476 35.56 -38.33 -18.17
N ARG D 477 34.94 -38.34 -17.00
CA ARG D 477 34.90 -39.54 -16.17
C ARG D 477 34.03 -40.63 -16.81
N TYR D 478 32.93 -40.22 -17.44
CA TYR D 478 31.92 -41.14 -17.95
C TYR D 478 31.92 -41.06 -19.48
N LYS D 479 32.59 -42.02 -20.11
CA LYS D 479 32.76 -42.03 -21.56
C LYS D 479 31.83 -43.00 -22.28
N GLU D 480 30.93 -43.67 -21.56
CA GLU D 480 29.95 -44.51 -22.21
C GLU D 480 28.62 -43.76 -22.34
#